data_3NDS
# 
_entry.id   3NDS 
# 
_audit_conform.dict_name       mmcif_pdbx.dic 
_audit_conform.dict_version    5.399 
_audit_conform.dict_location   http://mmcif.pdb.org/dictionaries/ascii/mmcif_pdbx.dic 
# 
loop_
_database_2.database_id 
_database_2.database_code 
_database_2.pdbx_database_accession 
_database_2.pdbx_DOI 
PDB   3NDS         pdb_00003nds 10.2210/pdb3nds/pdb 
RCSB  RCSB059702   ?            ?                   
WWPDB D_1000059702 ?            ?                   
# 
loop_
_pdbx_audit_revision_history.ordinal 
_pdbx_audit_revision_history.data_content_type 
_pdbx_audit_revision_history.major_revision 
_pdbx_audit_revision_history.minor_revision 
_pdbx_audit_revision_history.revision_date 
1 'Structure model' 1 0 2010-08-11 
2 'Structure model' 1 1 2011-07-13 
3 'Structure model' 1 2 2023-09-06 
4 'Structure model' 1 3 2024-11-27 
# 
_pdbx_audit_revision_details.ordinal             1 
_pdbx_audit_revision_details.revision_ordinal    1 
_pdbx_audit_revision_details.data_content_type   'Structure model' 
_pdbx_audit_revision_details.provider            repository 
_pdbx_audit_revision_details.type                'Initial release' 
_pdbx_audit_revision_details.description         ? 
_pdbx_audit_revision_details.details             ? 
# 
loop_
_pdbx_audit_revision_group.ordinal 
_pdbx_audit_revision_group.revision_ordinal 
_pdbx_audit_revision_group.data_content_type 
_pdbx_audit_revision_group.group 
1 2 'Structure model' 'Version format compliance' 
2 3 'Structure model' 'Data collection'           
3 3 'Structure model' 'Database references'       
4 3 'Structure model' 'Derived calculations'      
5 3 'Structure model' 'Refinement description'    
6 4 'Structure model' 'Structure summary'         
# 
loop_
_pdbx_audit_revision_category.ordinal 
_pdbx_audit_revision_category.revision_ordinal 
_pdbx_audit_revision_category.data_content_type 
_pdbx_audit_revision_category.category 
1 3 'Structure model' chem_comp_atom                
2 3 'Structure model' chem_comp_bond                
3 3 'Structure model' database_2                    
4 3 'Structure model' pdbx_initial_refinement_model 
5 3 'Structure model' struct_conn                   
6 3 'Structure model' struct_ref_seq_dif            
7 3 'Structure model' struct_site                   
8 4 'Structure model' pdbx_entry_details            
9 4 'Structure model' pdbx_modification_feature     
# 
loop_
_pdbx_audit_revision_item.ordinal 
_pdbx_audit_revision_item.revision_ordinal 
_pdbx_audit_revision_item.data_content_type 
_pdbx_audit_revision_item.item 
1 3 'Structure model' '_database_2.pdbx_DOI'                
2 3 'Structure model' '_database_2.pdbx_database_accession' 
3 3 'Structure model' '_struct_conn.pdbx_dist_value'        
4 3 'Structure model' '_struct_conn.ptnr2_auth_seq_id'      
5 3 'Structure model' '_struct_conn.ptnr2_label_seq_id'     
6 3 'Structure model' '_struct_ref_seq_dif.details'         
7 3 'Structure model' '_struct_site.pdbx_auth_asym_id'      
8 3 'Structure model' '_struct_site.pdbx_auth_comp_id'      
9 3 'Structure model' '_struct_site.pdbx_auth_seq_id'       
# 
_pdbx_database_status.status_code                     REL 
_pdbx_database_status.entry_id                        3NDS 
_pdbx_database_status.recvd_initial_deposition_date   2010-06-08 
_pdbx_database_status.deposit_site                    RCSB 
_pdbx_database_status.process_site                    RCSB 
_pdbx_database_status.status_code_sf                  REL 
_pdbx_database_status.status_code_mr                  ? 
_pdbx_database_status.SG_entry                        ? 
_pdbx_database_status.status_code_cs                  ? 
_pdbx_database_status.pdb_format_compatible           Y 
_pdbx_database_status.status_code_nmr_data            ? 
_pdbx_database_status.methods_development_category    ? 
# 
_pdbx_database_related.db_name        PDB 
_pdbx_database_related.db_id          1IQ9 
_pdbx_database_related.details        'Naja nigrocollis venom alpha neurotoxin' 
_pdbx_database_related.content_type   unspecified 
# 
loop_
_audit_author.name 
_audit_author.pdbx_ordinal 
'Stura, E.A.'  1 
'Drevet, P.'   2 
'Gregory, G.'  3 
'Gallopin, M.' 4 
'Vandame, M.'  5 
# 
_citation.id                        primary 
_citation.title                     
'Conformational exchange is critical for the productivity of an oxidative folding intermediate with buried free cysteines.' 
_citation.journal_abbrev            J.Mol.Biol. 
_citation.journal_volume            403 
_citation.page_first                299 
_citation.page_last                 312 
_citation.year                      2010 
_citation.journal_id_ASTM           JMOBAK 
_citation.country                   UK 
_citation.journal_id_ISSN           0022-2836 
_citation.journal_id_CSD            0070 
_citation.book_publisher            ? 
_citation.pdbx_database_id_PubMed   20804768 
_citation.pdbx_database_id_DOI      10.1016/j.jmb.2010.07.048 
# 
loop_
_citation_author.citation_id 
_citation_author.name 
_citation_author.ordinal 
_citation_author.identifier_ORCID 
primary 'Gross, G.'       1 ? 
primary 'Gallopin, M.'    2 ? 
primary 'Vandame, M.'     3 ? 
primary 'Couprie, J.'     4 ? 
primary 'Stura, E.'       5 ? 
primary 'Zinn-Justin, S.' 6 ? 
primary 'Drevet, P.'      7 ? 
# 
loop_
_entity.id 
_entity.type 
_entity.src_method 
_entity.pdbx_description 
_entity.formula_weight 
_entity.pdbx_number_of_molecules 
_entity.pdbx_ec 
_entity.pdbx_mutation 
_entity.pdbx_fragment 
_entity.details 
1 polymer     syn 'Short neurotoxin 1'            6892.859 1  ? 'inserted Ser 18' 'ENGINEERED TOXIN ALPHA' ? 
2 non-polymer syn '(4S)-2-METHYL-2,4-PENTANEDIOL' 118.174  3  ? ?                 ?                        ? 
3 non-polymer syn 'SULFATE ION'                   96.063   1  ? ?                 ?                        ? 
4 water       nat water                           18.015   96 ? ?                 ?                        ? 
# 
_entity_name_com.entity_id   1 
_entity_name_com.name        'Neurotoxin alpha' 
# 
_entity_poly.entity_id                      1 
_entity_poly.type                           'polypeptide(L)' 
_entity_poly.nstd_linkage                   no 
_entity_poly.nstd_monomer                   no 
_entity_poly.pdbx_seq_one_letter_code       LECHNQQSSQPPTTKTCSPGETNCYKKVWRDHRGTIIERGCGCPTVKPGIKLNCCTTDKCNN 
_entity_poly.pdbx_seq_one_letter_code_can   LECHNQQSSQPPTTKTCSPGETNCYKKVWRDHRGTIIERGCGCPTVKPGIKLNCCTTDKCNN 
_entity_poly.pdbx_strand_id                 A 
_entity_poly.pdbx_target_identifier         ? 
# 
loop_
_pdbx_entity_nonpoly.entity_id 
_pdbx_entity_nonpoly.name 
_pdbx_entity_nonpoly.comp_id 
2 '(4S)-2-METHYL-2,4-PENTANEDIOL' MPD 
3 'SULFATE ION'                   SO4 
4 water                           HOH 
# 
loop_
_entity_poly_seq.entity_id 
_entity_poly_seq.num 
_entity_poly_seq.mon_id 
_entity_poly_seq.hetero 
1 1  LEU n 
1 2  GLU n 
1 3  CYS n 
1 4  HIS n 
1 5  ASN n 
1 6  GLN n 
1 7  GLN n 
1 8  SER n 
1 9  SER n 
1 10 GLN n 
1 11 PRO n 
1 12 PRO n 
1 13 THR n 
1 14 THR n 
1 15 LYS n 
1 16 THR n 
1 17 CYS n 
1 18 SER n 
1 19 PRO n 
1 20 GLY n 
1 21 GLU n 
1 22 THR n 
1 23 ASN n 
1 24 CYS n 
1 25 TYR n 
1 26 LYS n 
1 27 LYS n 
1 28 VAL n 
1 29 TRP n 
1 30 ARG n 
1 31 ASP n 
1 32 HIS n 
1 33 ARG n 
1 34 GLY n 
1 35 THR n 
1 36 ILE n 
1 37 ILE n 
1 38 GLU n 
1 39 ARG n 
1 40 GLY n 
1 41 CYS n 
1 42 GLY n 
1 43 CYS n 
1 44 PRO n 
1 45 THR n 
1 46 VAL n 
1 47 LYS n 
1 48 PRO n 
1 49 GLY n 
1 50 ILE n 
1 51 LYS n 
1 52 LEU n 
1 53 ASN n 
1 54 CYS n 
1 55 CYS n 
1 56 THR n 
1 57 THR n 
1 58 ASP n 
1 59 LYS n 
1 60 CYS n 
1 61 ASN n 
1 62 ASN n 
# 
_pdbx_entity_src_syn.entity_id              1 
_pdbx_entity_src_syn.pdbx_src_id            1 
_pdbx_entity_src_syn.pdbx_alt_source_flag   sample 
_pdbx_entity_src_syn.pdbx_beg_seq_num       ? 
_pdbx_entity_src_syn.pdbx_end_seq_num       ? 
_pdbx_entity_src_syn.organism_scientific    ? 
_pdbx_entity_src_syn.organism_common_name   ? 
_pdbx_entity_src_syn.ncbi_taxonomy_id       ? 
_pdbx_entity_src_syn.details                'This sequence has ser18 inserted in the alpha toxin from Naja nigricollis.' 
# 
loop_
_chem_comp.id 
_chem_comp.type 
_chem_comp.mon_nstd_flag 
_chem_comp.name 
_chem_comp.pdbx_synonyms 
_chem_comp.formula 
_chem_comp.formula_weight 
ARG 'L-peptide linking' y ARGININE                        ? 'C6 H15 N4 O2 1' 175.209 
ASN 'L-peptide linking' y ASPARAGINE                      ? 'C4 H8 N2 O3'    132.118 
ASP 'L-peptide linking' y 'ASPARTIC ACID'                 ? 'C4 H7 N O4'     133.103 
CYS 'L-peptide linking' y CYSTEINE                        ? 'C3 H7 N O2 S'   121.158 
GLN 'L-peptide linking' y GLUTAMINE                       ? 'C5 H10 N2 O3'   146.144 
GLU 'L-peptide linking' y 'GLUTAMIC ACID'                 ? 'C5 H9 N O4'     147.129 
GLY 'peptide linking'   y GLYCINE                         ? 'C2 H5 N O2'     75.067  
HIS 'L-peptide linking' y HISTIDINE                       ? 'C6 H10 N3 O2 1' 156.162 
HOH non-polymer         . WATER                           ? 'H2 O'           18.015  
ILE 'L-peptide linking' y ISOLEUCINE                      ? 'C6 H13 N O2'    131.173 
LEU 'L-peptide linking' y LEUCINE                         ? 'C6 H13 N O2'    131.173 
LYS 'L-peptide linking' y LYSINE                          ? 'C6 H15 N2 O2 1' 147.195 
MPD non-polymer         . '(4S)-2-METHYL-2,4-PENTANEDIOL' ? 'C6 H14 O2'      118.174 
PRO 'L-peptide linking' y PROLINE                         ? 'C5 H9 N O2'     115.130 
SER 'L-peptide linking' y SERINE                          ? 'C3 H7 N O3'     105.093 
SO4 non-polymer         . 'SULFATE ION'                   ? 'O4 S -2'        96.063  
THR 'L-peptide linking' y THREONINE                       ? 'C4 H9 N O3'     119.119 
TRP 'L-peptide linking' y TRYPTOPHAN                      ? 'C11 H12 N2 O2'  204.225 
TYR 'L-peptide linking' y TYROSINE                        ? 'C9 H11 N O3'    181.189 
VAL 'L-peptide linking' y VALINE                          ? 'C5 H11 N O2'    117.146 
# 
loop_
_pdbx_poly_seq_scheme.asym_id 
_pdbx_poly_seq_scheme.entity_id 
_pdbx_poly_seq_scheme.seq_id 
_pdbx_poly_seq_scheme.mon_id 
_pdbx_poly_seq_scheme.ndb_seq_num 
_pdbx_poly_seq_scheme.pdb_seq_num 
_pdbx_poly_seq_scheme.auth_seq_num 
_pdbx_poly_seq_scheme.pdb_mon_id 
_pdbx_poly_seq_scheme.auth_mon_id 
_pdbx_poly_seq_scheme.pdb_strand_id 
_pdbx_poly_seq_scheme.pdb_ins_code 
_pdbx_poly_seq_scheme.hetero 
A 1 1  LEU 1  1  1  LEU LEU A . n 
A 1 2  GLU 2  2  2  GLU GLU A . n 
A 1 3  CYS 3  3  3  CYS CYS A . n 
A 1 4  HIS 4  4  4  HIS HIS A . n 
A 1 5  ASN 5  5  5  ASN ASN A . n 
A 1 6  GLN 6  6  6  GLN GLN A . n 
A 1 7  GLN 7  7  7  GLN GLN A . n 
A 1 8  SER 8  8  8  SER SER A . n 
A 1 9  SER 9  9  9  SER SER A . n 
A 1 10 GLN 10 10 10 GLN GLN A . n 
A 1 11 PRO 11 11 11 PRO PRO A . n 
A 1 12 PRO 12 12 12 PRO PRO A . n 
A 1 13 THR 13 13 13 THR THR A . n 
A 1 14 THR 14 14 14 THR THR A . n 
A 1 15 LYS 15 15 15 LYS LYS A . n 
A 1 16 THR 16 16 16 THR THR A . n 
A 1 17 CYS 17 17 17 CYS CYS A . n 
A 1 18 SER 18 18 18 SER SER A . n 
A 1 19 PRO 19 19 19 PRO PRO A . n 
A 1 20 GLY 20 20 20 GLY GLY A . n 
A 1 21 GLU 21 21 21 GLU GLU A . n 
A 1 22 THR 22 22 22 THR THR A . n 
A 1 23 ASN 23 23 23 ASN ASN A . n 
A 1 24 CYS 24 24 24 CYS CYS A . n 
A 1 25 TYR 25 25 25 TYR TYR A . n 
A 1 26 LYS 26 26 26 LYS LYS A . n 
A 1 27 LYS 27 27 27 LYS LYS A . n 
A 1 28 VAL 28 28 28 VAL VAL A . n 
A 1 29 TRP 29 29 29 TRP TRP A . n 
A 1 30 ARG 30 30 30 ARG ARG A . n 
A 1 31 ASP 31 31 31 ASP ASP A . n 
A 1 32 HIS 32 32 32 HIS HIS A . n 
A 1 33 ARG 33 33 33 ARG ARG A . n 
A 1 34 GLY 34 34 34 GLY GLY A . n 
A 1 35 THR 35 35 35 THR THR A . n 
A 1 36 ILE 36 36 36 ILE ILE A . n 
A 1 37 ILE 37 37 37 ILE ILE A . n 
A 1 38 GLU 38 38 38 GLU GLU A . n 
A 1 39 ARG 39 39 39 ARG ARG A . n 
A 1 40 GLY 40 40 40 GLY GLY A . n 
A 1 41 CYS 41 41 41 CYS CYS A . n 
A 1 42 GLY 42 42 42 GLY GLY A . n 
A 1 43 CYS 43 43 43 CYS CYS A . n 
A 1 44 PRO 44 44 44 PRO PRO A . n 
A 1 45 THR 45 45 45 THR THR A . n 
A 1 46 VAL 46 46 46 VAL VAL A . n 
A 1 47 LYS 47 47 47 LYS LYS A . n 
A 1 48 PRO 48 48 48 PRO PRO A . n 
A 1 49 GLY 49 49 49 GLY GLY A . n 
A 1 50 ILE 50 50 50 ILE ILE A . n 
A 1 51 LYS 51 51 51 LYS LYS A . n 
A 1 52 LEU 52 52 52 LEU LEU A . n 
A 1 53 ASN 53 53 53 ASN ASN A . n 
A 1 54 CYS 54 54 54 CYS CYS A . n 
A 1 55 CYS 55 55 55 CYS CYS A . n 
A 1 56 THR 56 56 56 THR THR A . n 
A 1 57 THR 57 57 57 THR THR A . n 
A 1 58 ASP 58 58 58 ASP ASP A . n 
A 1 59 LYS 59 59 59 LYS LYS A . n 
A 1 60 CYS 60 60 60 CYS CYS A . n 
A 1 61 ASN 61 61 61 ASN ASN A . n 
A 1 62 ASN 62 62 62 ASN ASN A . n 
# 
loop_
_pdbx_nonpoly_scheme.asym_id 
_pdbx_nonpoly_scheme.entity_id 
_pdbx_nonpoly_scheme.mon_id 
_pdbx_nonpoly_scheme.ndb_seq_num 
_pdbx_nonpoly_scheme.pdb_seq_num 
_pdbx_nonpoly_scheme.auth_seq_num 
_pdbx_nonpoly_scheme.pdb_mon_id 
_pdbx_nonpoly_scheme.auth_mon_id 
_pdbx_nonpoly_scheme.pdb_strand_id 
_pdbx_nonpoly_scheme.pdb_ins_code 
B 2 MPD 1  63  1  MPD MPD A . 
C 2 MPD 1  64  2  MPD MPD A . 
D 2 MPD 1  65  3  MPD MPD A . 
E 3 SO4 1  66  4  SO4 SO4 A . 
F 4 HOH 1  67  67 HOH HOH A . 
F 4 HOH 2  68  68 HOH HOH A . 
F 4 HOH 3  69  69 HOH HOH A . 
F 4 HOH 4  70  70 HOH HOH A . 
F 4 HOH 5  71  71 HOH HOH A . 
F 4 HOH 6  72  72 HOH HOH A . 
F 4 HOH 7  73  73 HOH HOH A . 
F 4 HOH 8  74  74 HOH HOH A . 
F 4 HOH 9  75  75 HOH HOH A . 
F 4 HOH 10 76  76 HOH HOH A . 
F 4 HOH 11 77  77 HOH HOH A . 
F 4 HOH 12 78  78 HOH HOH A . 
F 4 HOH 13 79  79 HOH HOH A . 
F 4 HOH 14 80  80 HOH HOH A . 
F 4 HOH 15 81  81 HOH HOH A . 
F 4 HOH 16 82  82 HOH HOH A . 
F 4 HOH 17 83  83 HOH HOH A . 
F 4 HOH 18 84  84 HOH HOH A . 
F 4 HOH 19 85  85 HOH HOH A . 
F 4 HOH 20 86  86 HOH HOH A . 
F 4 HOH 21 87  87 HOH HOH A . 
F 4 HOH 22 88  1  HOH HOH A . 
F 4 HOH 23 89  89 HOH HOH A . 
F 4 HOH 24 90  90 HOH HOH A . 
F 4 HOH 25 91  91 HOH HOH A . 
F 4 HOH 26 92  92 HOH HOH A . 
F 4 HOH 27 93  93 HOH HOH A . 
F 4 HOH 28 94  94 HOH HOH A . 
F 4 HOH 29 95  95 HOH HOH A . 
F 4 HOH 30 96  96 HOH HOH A . 
F 4 HOH 31 97  97 HOH HOH A . 
F 4 HOH 32 98  98 HOH HOH A . 
F 4 HOH 33 99  2  HOH HOH A . 
F 4 HOH 34 100 3  HOH HOH A . 
F 4 HOH 35 101 4  HOH HOH A . 
F 4 HOH 36 102 5  HOH HOH A . 
F 4 HOH 37 103 6  HOH HOH A . 
F 4 HOH 38 104 7  HOH HOH A . 
F 4 HOH 39 105 8  HOH HOH A . 
F 4 HOH 40 106 9  HOH HOH A . 
F 4 HOH 41 107 10 HOH HOH A . 
F 4 HOH 42 108 11 HOH HOH A . 
F 4 HOH 43 109 12 HOH HOH A . 
F 4 HOH 44 110 13 HOH HOH A . 
F 4 HOH 45 111 14 HOH HOH A . 
F 4 HOH 46 112 15 HOH HOH A . 
F 4 HOH 47 113 16 HOH HOH A . 
F 4 HOH 48 114 17 HOH HOH A . 
F 4 HOH 49 115 18 HOH HOH A . 
F 4 HOH 50 116 19 HOH HOH A . 
F 4 HOH 51 117 20 HOH HOH A . 
F 4 HOH 52 118 21 HOH HOH A . 
F 4 HOH 53 119 22 HOH HOH A . 
F 4 HOH 54 120 23 HOH HOH A . 
F 4 HOH 55 121 24 HOH HOH A . 
F 4 HOH 56 122 25 HOH HOH A . 
F 4 HOH 57 123 26 HOH HOH A . 
F 4 HOH 58 124 27 HOH HOH A . 
F 4 HOH 59 125 28 HOH HOH A . 
F 4 HOH 60 126 29 HOH HOH A . 
F 4 HOH 61 127 30 HOH HOH A . 
F 4 HOH 62 128 31 HOH HOH A . 
F 4 HOH 63 129 32 HOH HOH A . 
F 4 HOH 64 130 33 HOH HOH A . 
F 4 HOH 65 131 34 HOH HOH A . 
F 4 HOH 66 132 35 HOH HOH A . 
F 4 HOH 67 133 36 HOH HOH A . 
F 4 HOH 68 134 37 HOH HOH A . 
F 4 HOH 69 135 38 HOH HOH A . 
F 4 HOH 70 136 39 HOH HOH A . 
F 4 HOH 71 137 40 HOH HOH A . 
F 4 HOH 72 138 41 HOH HOH A . 
F 4 HOH 73 139 42 HOH HOH A . 
F 4 HOH 74 140 43 HOH HOH A . 
F 4 HOH 75 141 44 HOH HOH A . 
F 4 HOH 76 142 45 HOH HOH A . 
F 4 HOH 77 143 46 HOH HOH A . 
F 4 HOH 78 144 48 HOH HOH A . 
F 4 HOH 79 145 49 HOH HOH A . 
F 4 HOH 80 146 50 HOH HOH A . 
F 4 HOH 81 147 51 HOH HOH A . 
F 4 HOH 82 148 52 HOH HOH A . 
F 4 HOH 83 149 53 HOH HOH A . 
F 4 HOH 84 150 54 HOH HOH A . 
F 4 HOH 85 151 55 HOH HOH A . 
F 4 HOH 86 152 56 HOH HOH A . 
F 4 HOH 87 153 57 HOH HOH A . 
F 4 HOH 88 154 58 HOH HOH A . 
F 4 HOH 89 155 59 HOH HOH A . 
F 4 HOH 90 156 60 HOH HOH A . 
F 4 HOH 91 157 61 HOH HOH A . 
F 4 HOH 92 158 62 HOH HOH A . 
F 4 HOH 93 159 63 HOH HOH A . 
F 4 HOH 94 160 64 HOH HOH A . 
F 4 HOH 95 161 65 HOH HOH A . 
F 4 HOH 96 162 66 HOH HOH A . 
# 
loop_
_software.name 
_software.classification 
_software.version 
_software.citation_id 
_software.pdbx_ordinal 
DNA    'data collection' .                 ? 1 
MOLREP phasing           .                 ? 2 
PHENIX refinement        '(phenix.refine)' ? 3 
MOSFLM 'data reduction'  .                 ? 4 
SCALA  'data scaling'    .                 ? 5 
# 
_cell.entry_id           3NDS 
_cell.length_a           40.666 
_cell.length_b           40.666 
_cell.length_c           72.197 
_cell.angle_alpha        90.00 
_cell.angle_beta         90.00 
_cell.angle_gamma        90.00 
_cell.Z_PDB              8 
_cell.pdbx_unique_axis   ? 
_cell.length_a_esd       ? 
_cell.length_b_esd       ? 
_cell.length_c_esd       ? 
_cell.angle_alpha_esd    ? 
_cell.angle_beta_esd     ? 
_cell.angle_gamma_esd    ? 
# 
_symmetry.entry_id                         3NDS 
_symmetry.space_group_name_H-M             'P 43 21 2' 
_symmetry.pdbx_full_space_group_name_H-M   ? 
_symmetry.cell_setting                     ? 
_symmetry.Int_Tables_number                96 
_symmetry.space_group_name_Hall            ? 
# 
_exptl.entry_id          3NDS 
_exptl.method            'X-RAY DIFFRACTION' 
_exptl.crystals_number   1 
# 
_exptl_crystal.id                    1 
_exptl_crystal.density_meas          ? 
_exptl_crystal.density_Matthews      2.17 
_exptl_crystal.density_percent_sol   43.19 
_exptl_crystal.description           ? 
_exptl_crystal.F_000                 ? 
_exptl_crystal.preparation           ? 
# 
_exptl_crystal_grow.crystal_id      1 
_exptl_crystal_grow.method          'VAPOR DIFFUSION, SITTING DROP' 
_exptl_crystal_grow.temp            293 
_exptl_crystal_grow.temp_details    ? 
_exptl_crystal_grow.pH              4.5 
_exptl_crystal_grow.pdbx_details    
;25 mg/ml toxin alpha-62 mutant lyophilized (2mg resuspende in 80  l 50mM sodium acetate, pH 4.25, 0.02% NaN3. 
precipitant: 1.8M A.S., 5% MPD, 80mM Na citrate, VAPOR DIFFUSION, SITTING DROP, temperature 293K
;
_exptl_crystal_grow.pdbx_pH_range   ? 
# 
_diffrn.id                     1 
_diffrn.ambient_temp           100 
_diffrn.ambient_temp_details   ? 
_diffrn.crystal_id             1 
# 
_diffrn_detector.diffrn_id              1 
_diffrn_detector.detector               CCD 
_diffrn_detector.type                   'ADSC QUANTUM 315' 
_diffrn_detector.pdbx_collection_date   2006-03-10 
_diffrn_detector.details                mirrors 
# 
_diffrn_radiation.diffrn_id                        1 
_diffrn_radiation.wavelength_id                    1 
_diffrn_radiation.pdbx_monochromatic_or_laue_m_l   M 
_diffrn_radiation.monochromator                    'SAGITALLY FOCUSED Si(311)' 
_diffrn_radiation.pdbx_diffrn_protocol             'SINGLE WAVELENGTH' 
_diffrn_radiation.pdbx_scattering_type             x-ray 
# 
_diffrn_radiation_wavelength.id           1 
_diffrn_radiation_wavelength.wavelength   0.9794913 
_diffrn_radiation_wavelength.wt           1.0 
# 
_diffrn_source.diffrn_id                   1 
_diffrn_source.source                      SYNCHROTRON 
_diffrn_source.type                        'ESRF BEAMLINE ID29' 
_diffrn_source.pdbx_synchrotron_site       ESRF 
_diffrn_source.pdbx_synchrotron_beamline   ID29 
_diffrn_source.pdbx_wavelength             ? 
_diffrn_source.pdbx_wavelength_list        0.9794913 
# 
_reflns.entry_id                     3NDS 
_reflns.observed_criterion_sigma_I   -2.0 
_reflns.observed_criterion_sigma_F   0 
_reflns.d_resolution_low             40.83 
_reflns.d_resolution_high            1.20 
_reflns.number_obs                   19396 
_reflns.number_all                   19632 
_reflns.percent_possible_obs         98.8 
_reflns.pdbx_Rmerge_I_obs            0.068 
_reflns.pdbx_Rsym_value              0.070 
_reflns.pdbx_netI_over_sigmaI        28.1 
_reflns.B_iso_Wilson_estimate        10.4 
_reflns.pdbx_redundancy              13.3 
_reflns.R_free_details               ? 
_reflns.limit_h_max                  ? 
_reflns.limit_h_min                  ? 
_reflns.limit_k_max                  ? 
_reflns.limit_k_min                  ? 
_reflns.limit_l_max                  ? 
_reflns.limit_l_min                  ? 
_reflns.observed_criterion_F_max     ? 
_reflns.observed_criterion_F_min     ? 
_reflns.pdbx_chi_squared             ? 
_reflns.pdbx_scaling_rejects         ? 
_reflns.pdbx_diffrn_id               1 
_reflns.pdbx_ordinal                 1 
# 
loop_
_reflns_shell.d_res_high 
_reflns_shell.d_res_low 
_reflns_shell.percent_possible_all 
_reflns_shell.Rmerge_I_obs 
_reflns_shell.pdbx_Rsym_value 
_reflns_shell.meanI_over_sigI_obs 
_reflns_shell.pdbx_redundancy 
_reflns_shell.percent_possible_obs 
_reflns_shell.number_unique_all 
_reflns_shell.number_measured_all 
_reflns_shell.number_measured_obs 
_reflns_shell.number_unique_obs 
_reflns_shell.pdbx_chi_squared 
_reflns_shell.pdbx_diffrn_id 
_reflns_shell.pdbx_ordinal 
1.20 1.26  93.9  0.646 0.646 3.3  8.4  ? 2592 ? ? ? ? ? 1  
1.26 1.34  99.5  0.488 0.488 5.9  13.3 ? 2643 ? ? ? ? ? 2  
1.34 1.43  99.7  0.322 0.322 10.0 14.8 ? 2486 ? ? ? ? ? 3  
1.43 1.55  99.8  0.190 0.190 16.9 14.8 ? 2486 ? ? ? ? ? 4  
1.55 1.70  100.0 0.113 0.113 27.9 14.7 ? 2183 ? ? ? ? ? 5  
1.70 1.90  100.0 0.076 0.076 39.1 14.6 ? 1967 ? ? ? ? ? 6  
1.90 2.19  100.0 0.065 0.065 54.0 14.3 ? 1769 ? ? ? ? ? 7  
2.19 2.68  100.0 0.057 0.057 61.3 13.8 ? 1521 ? ? ? ? ? 8  
2.68 3.79  99.8  0.036 0.036 69.5 12.9 ? 1203 ? ? ? ? ? 9  
3.79 40.83 94.7  0.035 0.035 67.8 11.4 ? 693  ? ? ? ? ? 10 
# 
_refine.entry_id                                 3NDS 
_refine.ls_number_reflns_obs                     19346 
_refine.ls_number_reflns_all                     19632 
_refine.pdbx_ls_sigma_I                          0 
_refine.pdbx_ls_sigma_F                          1.36 
_refine.pdbx_data_cutoff_high_absF               ? 
_refine.pdbx_data_cutoff_low_absF                ? 
_refine.pdbx_data_cutoff_high_rms_absF           ? 
_refine.ls_d_res_low                             28.755 
_refine.ls_d_res_high                            1.200 
_refine.ls_percent_reflns_obs                    98.51 
_refine.ls_R_factor_obs                          0.1718 
_refine.ls_R_factor_all                          ? 
_refine.ls_R_factor_R_work                       0.1704 
_refine.ls_R_factor_R_free                       0.1985 
_refine.ls_R_factor_R_free_error                 ? 
_refine.ls_R_factor_R_free_error_details         ? 
_refine.ls_percent_reflns_R_free                 5.12 
_refine.ls_number_reflns_R_free                  991 
_refine.ls_number_parameters                     ? 
_refine.ls_number_restraints                     ? 
_refine.occupancy_min                            ? 
_refine.occupancy_max                            ? 
_refine.correlation_coeff_Fo_to_Fc               ? 
_refine.correlation_coeff_Fo_to_Fc_free          ? 
_refine.B_iso_mean                               ? 
_refine.aniso_B[1][1]                            0.5977 
_refine.aniso_B[2][2]                            0.5977 
_refine.aniso_B[3][3]                            -1.1954 
_refine.aniso_B[1][2]                            0.0000 
_refine.aniso_B[1][3]                            -0.0000 
_refine.aniso_B[2][3]                            0.0000 
_refine.solvent_model_details                    'FLAT BULK SOLVENT MODEL' 
_refine.solvent_model_param_ksol                 0.426 
_refine.solvent_model_param_bsol                 53.895 
_refine.pdbx_solvent_vdw_probe_radii             1.11 
_refine.pdbx_solvent_ion_probe_radii             ? 
_refine.pdbx_solvent_shrinkage_radii             0.90 
_refine.pdbx_ls_cross_valid_method               THROUGHOUT 
_refine.details                                  ? 
_refine.pdbx_starting_model                      'PDB ENTRY 1IQ9' 
_refine.pdbx_method_to_determine_struct          'MOLECULAR REPLACEMENT' 
_refine.pdbx_isotropic_thermal_model             Anisotropic 
_refine.pdbx_stereochemistry_target_values       ML 
_refine.pdbx_stereochem_target_val_spec_case     ? 
_refine.pdbx_R_Free_selection_details            RANDOM 
_refine.pdbx_overall_ESU_R_Free                  ? 
_refine.overall_SU_ML                            0.06 
_refine.overall_SU_B                             ? 
_refine.overall_SU_R_Cruickshank_DPI             ? 
_refine.ls_redundancy_reflns_obs                 ? 
_refine.B_iso_min                                ? 
_refine.B_iso_max                                ? 
_refine.overall_SU_R_free                        ? 
_refine.ls_wR_factor_R_free                      ? 
_refine.ls_wR_factor_R_work                      ? 
_refine.overall_FOM_free_R_set                   ? 
_refine.overall_FOM_work_R_set                   ? 
_refine.pdbx_overall_phase_error                 ? 
_refine.pdbx_refine_id                           'X-RAY DIFFRACTION' 
_refine.pdbx_overall_ESU_R                       ? 
_refine.pdbx_diffrn_id                           1 
_refine.pdbx_TLS_residual_ADP_flag               ? 
_refine.pdbx_overall_SU_R_free_Cruickshank_DPI   ? 
_refine.pdbx_overall_SU_R_Blow_DPI               ? 
_refine.pdbx_overall_SU_R_free_Blow_DPI          ? 
# 
_refine_hist.pdbx_refine_id                   'X-RAY DIFFRACTION' 
_refine_hist.cycle_id                         LAST 
_refine_hist.pdbx_number_atoms_protein        475 
_refine_hist.pdbx_number_atoms_nucleic_acid   0 
_refine_hist.pdbx_number_atoms_ligand         29 
_refine_hist.number_atoms_solvent             96 
_refine_hist.number_atoms_total               600 
_refine_hist.d_res_high                       1.200 
_refine_hist.d_res_low                        28.755 
# 
loop_
_refine_ls_restr.type 
_refine_ls_restr.dev_ideal 
_refine_ls_restr.dev_ideal_target 
_refine_ls_restr.weight 
_refine_ls_restr.number 
_refine_ls_restr.pdbx_refine_id 
_refine_ls_restr.pdbx_restraint_function 
f_bond_d           0.014  ? ? 763  'X-RAY DIFFRACTION' ? 
f_angle_d          2.499  ? ? 1031 'X-RAY DIFFRACTION' ? 
f_dihedral_angle_d 19.987 ? ? 296  'X-RAY DIFFRACTION' ? 
f_chiral_restr     0.205  ? ? 110  'X-RAY DIFFRACTION' ? 
f_plane_restr      0.012  ? ? 137  'X-RAY DIFFRACTION' ? 
# 
loop_
_refine_ls_shell.pdbx_total_number_of_bins_used 
_refine_ls_shell.d_res_high 
_refine_ls_shell.d_res_low 
_refine_ls_shell.number_reflns_R_work 
_refine_ls_shell.R_factor_R_work 
_refine_ls_shell.percent_reflns_obs 
_refine_ls_shell.R_factor_R_free 
_refine_ls_shell.R_factor_R_free_error 
_refine_ls_shell.percent_reflns_R_free 
_refine_ls_shell.number_reflns_R_free 
_refine_ls_shell.number_reflns_all 
_refine_ls_shell.R_factor_all 
_refine_ls_shell.number_reflns_obs 
_refine_ls_shell.redundancy_reflns_obs 
_refine_ls_shell.pdbx_refine_id 
. 1.2000 1.2633  2409 0.1871 93.00  0.2428 . . 128 . . 2537 . 'X-RAY DIFFRACTION' 
. 1.2633 1.3425  2576 0.1530 99.00  0.1643 . . 141 . . 2717 . 'X-RAY DIFFRACTION' 
. 1.3425 1.4461  2606 0.1301 100.00 0.1423 . . 146 . . 2752 . 'X-RAY DIFFRACTION' 
. 1.4461 1.5916  2634 0.1208 100.00 0.1507 . . 128 . . 2762 . 'X-RAY DIFFRACTION' 
. 1.5916 1.8219  2617 0.1261 100.00 0.1518 . . 168 . . 2785 . 'X-RAY DIFFRACTION' 
. 1.8219 2.2953  2698 0.1345 100.00 0.1808 . . 143 . . 2841 . 'X-RAY DIFFRACTION' 
. 2.2953 28.7637 2815 0.1912 98.00  0.2281 . . 137 . . 2962 . 'X-RAY DIFFRACTION' 
# 
_struct.entry_id                  3NDS 
_struct.title                     'Crystal structure of engineered Naja Nigricollis toxin alpha' 
_struct.pdbx_model_details        ? 
_struct.pdbx_CASP_flag            N 
_struct.pdbx_model_type_details   ? 
# 
_struct_keywords.entry_id        3NDS 
_struct_keywords.pdbx_keywords   TOXIN 
_struct_keywords.text            'Disulfide pairing, folding intermediates, Three finger toxin fold, Snake toxin, venom, TOXIN' 
# 
loop_
_struct_asym.id 
_struct_asym.pdbx_blank_PDB_chainid_flag 
_struct_asym.pdbx_modified 
_struct_asym.entity_id 
_struct_asym.details 
A N N 1 ? 
B N N 2 ? 
C N N 2 ? 
D N N 2 ? 
E N N 3 ? 
F N N 4 ? 
# 
_struct_ref.id                         1 
_struct_ref.db_name                    UNP 
_struct_ref.db_code                    NXS1_NAJPA 
_struct_ref.pdbx_db_accession          P01426 
_struct_ref.entity_id                  1 
_struct_ref.pdbx_seq_one_letter_code   LECHNQQSSQPPTTKTCPGETNCYKKVWRDHRGTIIERGCGCPTVKPGIKLNCCTTDKCNN 
_struct_ref.pdbx_align_begin           1 
_struct_ref.pdbx_db_isoform            ? 
# 
_struct_ref_seq.align_id                      1 
_struct_ref_seq.ref_id                        1 
_struct_ref_seq.pdbx_PDB_id_code              3NDS 
_struct_ref_seq.pdbx_strand_id                A 
_struct_ref_seq.seq_align_beg                 1 
_struct_ref_seq.pdbx_seq_align_beg_ins_code   ? 
_struct_ref_seq.seq_align_end                 62 
_struct_ref_seq.pdbx_seq_align_end_ins_code   ? 
_struct_ref_seq.pdbx_db_accession             P01426 
_struct_ref_seq.db_align_beg                  1 
_struct_ref_seq.pdbx_db_align_beg_ins_code    ? 
_struct_ref_seq.db_align_end                  61 
_struct_ref_seq.pdbx_db_align_end_ins_code    ? 
_struct_ref_seq.pdbx_auth_seq_align_beg       1 
_struct_ref_seq.pdbx_auth_seq_align_end       62 
# 
_struct_ref_seq_dif.align_id                     1 
_struct_ref_seq_dif.pdbx_pdb_id_code             3NDS 
_struct_ref_seq_dif.mon_id                       SER 
_struct_ref_seq_dif.pdbx_pdb_strand_id           A 
_struct_ref_seq_dif.seq_num                      18 
_struct_ref_seq_dif.pdbx_pdb_ins_code            ? 
_struct_ref_seq_dif.pdbx_seq_db_name             UNP 
_struct_ref_seq_dif.pdbx_seq_db_accession_code   P01426 
_struct_ref_seq_dif.db_mon_id                    ? 
_struct_ref_seq_dif.pdbx_seq_db_seq_num          ? 
_struct_ref_seq_dif.details                      insertion 
_struct_ref_seq_dif.pdbx_auth_seq_num            18 
_struct_ref_seq_dif.pdbx_ordinal                 1 
# 
_pdbx_struct_assembly.id                   1 
_pdbx_struct_assembly.details              author_defined_assembly 
_pdbx_struct_assembly.method_details       ? 
_pdbx_struct_assembly.oligomeric_details   monomeric 
_pdbx_struct_assembly.oligomeric_count     1 
# 
_pdbx_struct_assembly_gen.assembly_id       1 
_pdbx_struct_assembly_gen.oper_expression   1 
_pdbx_struct_assembly_gen.asym_id_list      A,B,C,D,E,F 
# 
_pdbx_struct_oper_list.id                   1 
_pdbx_struct_oper_list.type                 'identity operation' 
_pdbx_struct_oper_list.name                 1_555 
_pdbx_struct_oper_list.symmetry_operation   x,y,z 
_pdbx_struct_oper_list.matrix[1][1]         1.0000000000 
_pdbx_struct_oper_list.matrix[1][2]         0.0000000000 
_pdbx_struct_oper_list.matrix[1][3]         0.0000000000 
_pdbx_struct_oper_list.vector[1]            0.0000000000 
_pdbx_struct_oper_list.matrix[2][1]         0.0000000000 
_pdbx_struct_oper_list.matrix[2][2]         1.0000000000 
_pdbx_struct_oper_list.matrix[2][3]         0.0000000000 
_pdbx_struct_oper_list.vector[2]            0.0000000000 
_pdbx_struct_oper_list.matrix[3][1]         0.0000000000 
_pdbx_struct_oper_list.matrix[3][2]         0.0000000000 
_pdbx_struct_oper_list.matrix[3][3]         1.0000000000 
_pdbx_struct_oper_list.vector[3]            0.0000000000 
# 
_struct_biol.id        1 
_struct_biol.details   ? 
# 
loop_
_struct_conn.id 
_struct_conn.conn_type_id 
_struct_conn.pdbx_leaving_atom_flag 
_struct_conn.pdbx_PDB_id 
_struct_conn.ptnr1_label_asym_id 
_struct_conn.ptnr1_label_comp_id 
_struct_conn.ptnr1_label_seq_id 
_struct_conn.ptnr1_label_atom_id 
_struct_conn.pdbx_ptnr1_label_alt_id 
_struct_conn.pdbx_ptnr1_PDB_ins_code 
_struct_conn.pdbx_ptnr1_standard_comp_id 
_struct_conn.ptnr1_symmetry 
_struct_conn.ptnr2_label_asym_id 
_struct_conn.ptnr2_label_comp_id 
_struct_conn.ptnr2_label_seq_id 
_struct_conn.ptnr2_label_atom_id 
_struct_conn.pdbx_ptnr2_label_alt_id 
_struct_conn.pdbx_ptnr2_PDB_ins_code 
_struct_conn.ptnr1_auth_asym_id 
_struct_conn.ptnr1_auth_comp_id 
_struct_conn.ptnr1_auth_seq_id 
_struct_conn.ptnr2_auth_asym_id 
_struct_conn.ptnr2_auth_comp_id 
_struct_conn.ptnr2_auth_seq_id 
_struct_conn.ptnr2_symmetry 
_struct_conn.pdbx_ptnr3_label_atom_id 
_struct_conn.pdbx_ptnr3_label_seq_id 
_struct_conn.pdbx_ptnr3_label_comp_id 
_struct_conn.pdbx_ptnr3_label_asym_id 
_struct_conn.pdbx_ptnr3_label_alt_id 
_struct_conn.pdbx_ptnr3_PDB_ins_code 
_struct_conn.details 
_struct_conn.pdbx_dist_value 
_struct_conn.pdbx_value_order 
_struct_conn.pdbx_role 
disulf1 disulf ? ? A CYS 3  SG B ? ? 1_555 A CYS 17 SG B ? A CYS 3  A CYS 17 1_555 ? ? ? ? ? ? ? 2.100 ? ? 
disulf2 disulf ? ? A CYS 3  SG B ? ? 1_555 A CYS 24 SG B ? A CYS 3  A CYS 24 1_555 ? ? ? ? ? ? ? 2.060 ? ? 
disulf3 disulf ? ? A CYS 3  SG A ? ? 1_555 A CYS 24 SG A ? A CYS 3  A CYS 24 1_555 ? ? ? ? ? ? ? 2.103 ? ? 
disulf4 disulf ? ? A CYS 3  SG B ? ? 1_555 A CYS 41 SG B ? A CYS 3  A CYS 41 1_555 ? ? ? ? ? ? ? 2.127 ? ? 
disulf5 disulf ? ? A CYS 17 SG B ? ? 1_555 A CYS 41 SG B ? A CYS 17 A CYS 41 1_555 ? ? ? ? ? ? ? 1.991 ? ? 
disulf6 disulf ? ? A CYS 17 SG A ? ? 1_555 A CYS 41 SG A ? A CYS 17 A CYS 41 1_555 ? ? ? ? ? ? ? 2.050 ? ? 
disulf7 disulf ? ? A CYS 43 SG ? ? ? 1_555 A CYS 54 SG ? ? A CYS 43 A CYS 54 1_555 ? ? ? ? ? ? ? 2.052 ? ? 
disulf8 disulf ? ? A CYS 55 SG A ? ? 1_555 A CYS 60 SG A ? A CYS 55 A CYS 60 1_555 ? ? ? ? ? ? ? 2.017 ? ? 
disulf9 disulf ? ? A CYS 55 SG B ? ? 1_555 A CYS 60 SG B ? A CYS 55 A CYS 60 1_555 ? ? ? ? ? ? ? 2.031 ? ? 
# 
_struct_conn_type.id          disulf 
_struct_conn_type.criteria    ? 
_struct_conn_type.reference   ? 
# 
loop_
_pdbx_modification_feature.ordinal 
_pdbx_modification_feature.label_comp_id 
_pdbx_modification_feature.label_asym_id 
_pdbx_modification_feature.label_seq_id 
_pdbx_modification_feature.label_alt_id 
_pdbx_modification_feature.modified_residue_label_comp_id 
_pdbx_modification_feature.modified_residue_label_asym_id 
_pdbx_modification_feature.modified_residue_label_seq_id 
_pdbx_modification_feature.modified_residue_label_alt_id 
_pdbx_modification_feature.auth_comp_id 
_pdbx_modification_feature.auth_asym_id 
_pdbx_modification_feature.auth_seq_id 
_pdbx_modification_feature.PDB_ins_code 
_pdbx_modification_feature.symmetry 
_pdbx_modification_feature.modified_residue_auth_comp_id 
_pdbx_modification_feature.modified_residue_auth_asym_id 
_pdbx_modification_feature.modified_residue_auth_seq_id 
_pdbx_modification_feature.modified_residue_PDB_ins_code 
_pdbx_modification_feature.modified_residue_symmetry 
_pdbx_modification_feature.comp_id_linking_atom 
_pdbx_modification_feature.modified_residue_id_linking_atom 
_pdbx_modification_feature.modified_residue_id 
_pdbx_modification_feature.ref_pcm_id 
_pdbx_modification_feature.ref_comp_id 
_pdbx_modification_feature.type 
_pdbx_modification_feature.category 
1 CYS A 3  A CYS A 24 A CYS A 3  ? 1_555 CYS A 24 ? 1_555 SG SG . . . None 'Disulfide bridge' 
2 CYS A 3  B CYS A 17 B CYS A 3  ? 1_555 CYS A 17 ? 1_555 SG SG . . . None 'Disulfide bridge' 
3 CYS A 3  B CYS A 24 B CYS A 3  ? 1_555 CYS A 24 ? 1_555 SG SG . . . None 'Disulfide bridge' 
4 CYS A 3  B CYS A 41 B CYS A 3  ? 1_555 CYS A 41 ? 1_555 SG SG . . . None 'Disulfide bridge' 
5 CYS A 17 A CYS A 41 A CYS A 17 ? 1_555 CYS A 41 ? 1_555 SG SG . . . None 'Disulfide bridge' 
6 CYS A 17 B CYS A 41 B CYS A 17 ? 1_555 CYS A 41 ? 1_555 SG SG . . . None 'Disulfide bridge' 
7 CYS A 43 ? CYS A 54 ? CYS A 43 ? 1_555 CYS A 54 ? 1_555 SG SG . . . None 'Disulfide bridge' 
8 CYS A 55 A CYS A 60 A CYS A 55 ? 1_555 CYS A 60 ? 1_555 SG SG . . . None 'Disulfide bridge' 
9 CYS A 55 B CYS A 60 B CYS A 55 ? 1_555 CYS A 60 ? 1_555 SG SG . . . None 'Disulfide bridge' 
# 
loop_
_struct_sheet.id 
_struct_sheet.type 
_struct_sheet.number_strands 
_struct_sheet.details 
A ? 2 ? 
B ? 3 ? 
# 
loop_
_struct_sheet_order.sheet_id 
_struct_sheet_order.range_id_1 
_struct_sheet_order.range_id_2 
_struct_sheet_order.offset 
_struct_sheet_order.sense 
A 1 2 ? anti-parallel 
B 1 2 ? anti-parallel 
B 2 3 ? anti-parallel 
# 
loop_
_struct_sheet_range.sheet_id 
_struct_sheet_range.id 
_struct_sheet_range.beg_label_comp_id 
_struct_sheet_range.beg_label_asym_id 
_struct_sheet_range.beg_label_seq_id 
_struct_sheet_range.pdbx_beg_PDB_ins_code 
_struct_sheet_range.end_label_comp_id 
_struct_sheet_range.end_label_asym_id 
_struct_sheet_range.end_label_seq_id 
_struct_sheet_range.pdbx_end_PDB_ins_code 
_struct_sheet_range.beg_auth_comp_id 
_struct_sheet_range.beg_auth_asym_id 
_struct_sheet_range.beg_auth_seq_id 
_struct_sheet_range.end_auth_comp_id 
_struct_sheet_range.end_auth_asym_id 
_struct_sheet_range.end_auth_seq_id 
A 1 GLU A 2  ? HIS A 4  ? GLU A 2  HIS A 4  
A 2 THR A 14 ? THR A 16 ? THR A 14 THR A 16 
B 1 GLY A 34 ? CYS A 41 ? GLY A 34 CYS A 41 
B 2 CYS A 24 ? ASP A 31 ? CYS A 24 ASP A 31 
B 3 LYS A 51 ? CYS A 55 ? LYS A 51 CYS A 55 
# 
loop_
_pdbx_struct_sheet_hbond.sheet_id 
_pdbx_struct_sheet_hbond.range_id_1 
_pdbx_struct_sheet_hbond.range_id_2 
_pdbx_struct_sheet_hbond.range_1_label_atom_id 
_pdbx_struct_sheet_hbond.range_1_label_comp_id 
_pdbx_struct_sheet_hbond.range_1_label_asym_id 
_pdbx_struct_sheet_hbond.range_1_label_seq_id 
_pdbx_struct_sheet_hbond.range_1_PDB_ins_code 
_pdbx_struct_sheet_hbond.range_1_auth_atom_id 
_pdbx_struct_sheet_hbond.range_1_auth_comp_id 
_pdbx_struct_sheet_hbond.range_1_auth_asym_id 
_pdbx_struct_sheet_hbond.range_1_auth_seq_id 
_pdbx_struct_sheet_hbond.range_2_label_atom_id 
_pdbx_struct_sheet_hbond.range_2_label_comp_id 
_pdbx_struct_sheet_hbond.range_2_label_asym_id 
_pdbx_struct_sheet_hbond.range_2_label_seq_id 
_pdbx_struct_sheet_hbond.range_2_PDB_ins_code 
_pdbx_struct_sheet_hbond.range_2_auth_atom_id 
_pdbx_struct_sheet_hbond.range_2_auth_comp_id 
_pdbx_struct_sheet_hbond.range_2_auth_asym_id 
_pdbx_struct_sheet_hbond.range_2_auth_seq_id 
A 1 2 N CYS A 3  ? N CYS A 3  O LYS A 15 ? O LYS A 15 
B 1 2 O ILE A 36 ? O ILE A 36 N TRP A 29 ? N TRP A 29 
B 2 3 N VAL A 28 ? N VAL A 28 O LYS A 51 ? O LYS A 51 
# 
loop_
_struct_site.id 
_struct_site.pdbx_evidence_code 
_struct_site.pdbx_auth_asym_id 
_struct_site.pdbx_auth_comp_id 
_struct_site.pdbx_auth_seq_id 
_struct_site.pdbx_auth_ins_code 
_struct_site.pdbx_num_residues 
_struct_site.details 
AC1 Software A MPD 63 ? 10 'BINDING SITE FOR RESIDUE MPD A 63' 
AC2 Software A MPD 64 ? 9  'BINDING SITE FOR RESIDUE MPD A 64' 
AC3 Software A MPD 65 ? 8  'BINDING SITE FOR RESIDUE MPD A 65' 
AC4 Software A SO4 66 ? 6  'BINDING SITE FOR RESIDUE SO4 A 66' 
# 
loop_
_struct_site_gen.id 
_struct_site_gen.site_id 
_struct_site_gen.pdbx_num_res 
_struct_site_gen.label_comp_id 
_struct_site_gen.label_asym_id 
_struct_site_gen.label_seq_id 
_struct_site_gen.pdbx_auth_ins_code 
_struct_site_gen.auth_comp_id 
_struct_site_gen.auth_asym_id 
_struct_site_gen.auth_seq_id 
_struct_site_gen.label_atom_id 
_struct_site_gen.label_alt_id 
_struct_site_gen.symmetry 
_struct_site_gen.details 
1  AC1 10 GLU A 2  ? GLU A 2   . ? 1_555 ? 
2  AC1 10 HIS A 4  ? HIS A 4   . ? 8_555 ? 
3  AC1 10 PRO A 12 ? PRO A 12  . ? 1_555 ? 
4  AC1 10 PRO A 12 ? PRO A 12  . ? 8_555 ? 
5  AC1 10 THR A 14 ? THR A 14  . ? 1_555 ? 
6  AC1 10 THR A 14 ? THR A 14  . ? 8_555 ? 
7  AC1 10 LYS A 59 ? LYS A 59  . ? 1_555 ? 
8  AC1 10 LYS A 59 ? LYS A 59  . ? 8_555 ? 
9  AC1 10 MPD D .  ? MPD A 65  . ? 1_555 ? 
10 AC1 10 MPD D .  ? MPD A 65  . ? 8_555 ? 
11 AC2 9  SER A 9  ? SER A 9   . ? 1_555 ? 
12 AC2 9  GLN A 10 ? GLN A 10  . ? 1_555 ? 
13 AC2 9  PRO A 12 ? PRO A 12  . ? 1_555 ? 
14 AC2 9  LYS A 47 ? LYS A 47  . ? 5_545 ? 
15 AC2 9  GLY A 49 ? GLY A 49  . ? 5_545 ? 
16 AC2 9  ILE A 50 ? ILE A 50  . ? 5_545 ? 
17 AC2 9  LYS A 51 ? LYS A 51  . ? 5_545 ? 
18 AC2 9  HOH F .  ? HOH A 102 . ? 1_555 ? 
19 AC2 9  HOH F .  ? HOH A 112 . ? 5_545 ? 
20 AC3 8  HIS A 4  ? HIS A 4   . ? 1_555 ? 
21 AC3 8  PRO A 12 ? PRO A 12  . ? 1_555 ? 
22 AC3 8  ARG A 30 ? ARG A 30  . ? 5_545 ? 
23 AC3 8  LYS A 59 ? LYS A 59  . ? 1_555 ? 
24 AC3 8  ASN A 62 ? ASN A 62  . ? 1_555 ? 
25 AC3 8  MPD B .  ? MPD A 63  . ? 8_555 ? 
26 AC3 8  MPD B .  ? MPD A 63  . ? 1_555 ? 
27 AC3 8  HOH F .  ? HOH A 92  . ? 1_555 ? 
28 AC4 6  ASN A 5  ? ASN A 5   . ? 1_555 ? 
29 AC4 6  LYS A 15 ? LYS A 15  . ? 1_555 ? 
30 AC4 6  HOH F .  ? HOH A 93  . ? 1_555 ? 
31 AC4 6  HOH F .  ? HOH A 97  . ? 1_555 ? 
32 AC4 6  HOH F .  ? HOH A 104 . ? 1_555 ? 
33 AC4 6  HOH F .  ? HOH A 150 . ? 4_455 ? 
# 
_pdbx_entry_details.entry_id                   3NDS 
_pdbx_entry_details.compound_details           ? 
_pdbx_entry_details.source_details             ? 
_pdbx_entry_details.nonpolymer_details         ? 
_pdbx_entry_details.sequence_details           ? 
_pdbx_entry_details.has_ligand_of_interest     ? 
_pdbx_entry_details.has_protein_modification   Y 
# 
_pdbx_validate_close_contact.id               1 
_pdbx_validate_close_contact.PDB_model_num    1 
_pdbx_validate_close_contact.auth_atom_id_1   CE 
_pdbx_validate_close_contact.auth_asym_id_1   A 
_pdbx_validate_close_contact.auth_comp_id_1   LYS 
_pdbx_validate_close_contact.auth_seq_id_1    47 
_pdbx_validate_close_contact.PDB_ins_code_1   ? 
_pdbx_validate_close_contact.label_alt_id_1   D 
_pdbx_validate_close_contact.auth_atom_id_2   O 
_pdbx_validate_close_contact.auth_asym_id_2   A 
_pdbx_validate_close_contact.auth_comp_id_2   HOH 
_pdbx_validate_close_contact.auth_seq_id_2    98 
_pdbx_validate_close_contact.PDB_ins_code_2   ? 
_pdbx_validate_close_contact.label_alt_id_2   ? 
_pdbx_validate_close_contact.dist             2.14 
# 
_pdbx_validate_rmsd_bond.id                        1 
_pdbx_validate_rmsd_bond.PDB_model_num             1 
_pdbx_validate_rmsd_bond.auth_atom_id_1            C 
_pdbx_validate_rmsd_bond.auth_asym_id_1            A 
_pdbx_validate_rmsd_bond.auth_comp_id_1            GLU 
_pdbx_validate_rmsd_bond.auth_seq_id_1             2 
_pdbx_validate_rmsd_bond.PDB_ins_code_1            ? 
_pdbx_validate_rmsd_bond.label_alt_id_1            B 
_pdbx_validate_rmsd_bond.auth_atom_id_2            O 
_pdbx_validate_rmsd_bond.auth_asym_id_2            A 
_pdbx_validate_rmsd_bond.auth_comp_id_2            GLU 
_pdbx_validate_rmsd_bond.auth_seq_id_2             2 
_pdbx_validate_rmsd_bond.PDB_ins_code_2            ? 
_pdbx_validate_rmsd_bond.label_alt_id_2            B 
_pdbx_validate_rmsd_bond.bond_value                1.102 
_pdbx_validate_rmsd_bond.bond_target_value         1.229 
_pdbx_validate_rmsd_bond.bond_deviation            -0.127 
_pdbx_validate_rmsd_bond.bond_standard_deviation   0.019 
_pdbx_validate_rmsd_bond.linker_flag               N 
# 
loop_
_pdbx_validate_rmsd_angle.id 
_pdbx_validate_rmsd_angle.PDB_model_num 
_pdbx_validate_rmsd_angle.auth_atom_id_1 
_pdbx_validate_rmsd_angle.auth_asym_id_1 
_pdbx_validate_rmsd_angle.auth_comp_id_1 
_pdbx_validate_rmsd_angle.auth_seq_id_1 
_pdbx_validate_rmsd_angle.PDB_ins_code_1 
_pdbx_validate_rmsd_angle.label_alt_id_1 
_pdbx_validate_rmsd_angle.auth_atom_id_2 
_pdbx_validate_rmsd_angle.auth_asym_id_2 
_pdbx_validate_rmsd_angle.auth_comp_id_2 
_pdbx_validate_rmsd_angle.auth_seq_id_2 
_pdbx_validate_rmsd_angle.PDB_ins_code_2 
_pdbx_validate_rmsd_angle.label_alt_id_2 
_pdbx_validate_rmsd_angle.auth_atom_id_3 
_pdbx_validate_rmsd_angle.auth_asym_id_3 
_pdbx_validate_rmsd_angle.auth_comp_id_3 
_pdbx_validate_rmsd_angle.auth_seq_id_3 
_pdbx_validate_rmsd_angle.PDB_ins_code_3 
_pdbx_validate_rmsd_angle.label_alt_id_3 
_pdbx_validate_rmsd_angle.angle_value 
_pdbx_validate_rmsd_angle.angle_target_value 
_pdbx_validate_rmsd_angle.angle_deviation 
_pdbx_validate_rmsd_angle.angle_standard_deviation 
_pdbx_validate_rmsd_angle.linker_flag 
1 1 CA A CYS 24 ? A CB A CYS 24 ? A SG  A CYS 24 ? A 121.59 114.20 7.39   1.10 N 
2 1 NE A ARG 30 ? B CZ A ARG 30 ? B NH2 A ARG 30 ? B 116.94 120.30 -3.36  0.50 N 
3 1 CA A ASN 61 ? B C  A ASN 61 ? B N   A ASN 62 ? ? 91.63  117.20 -25.57 2.20 Y 
4 1 O  A ASN 61 ? B C  A ASN 61 ? B N   A ASN 62 ? ? 143.18 122.70 20.48  1.60 Y 
5 1 C  A ASN 61 ? B N  A ASN 62 ? ? CA  A ASN 62 ? B 96.78  121.70 -24.92 2.50 Y 
# 
loop_
_pdbx_validate_torsion.id 
_pdbx_validate_torsion.PDB_model_num 
_pdbx_validate_torsion.auth_comp_id 
_pdbx_validate_torsion.auth_asym_id 
_pdbx_validate_torsion.auth_seq_id 
_pdbx_validate_torsion.PDB_ins_code 
_pdbx_validate_torsion.label_alt_id 
_pdbx_validate_torsion.phi 
_pdbx_validate_torsion.psi 
1 1 SER A 8  ? ? 52.88   -125.12 
2 1 SER A 8  ? ? 53.70   -125.12 
3 1 ASN A 61 ? A -102.16 51.36   
# 
_pdbx_validate_chiral.id              1 
_pdbx_validate_chiral.PDB_model_num   1 
_pdbx_validate_chiral.auth_atom_id    C4 
_pdbx_validate_chiral.label_alt_id    ? 
_pdbx_validate_chiral.auth_asym_id    A 
_pdbx_validate_chiral.auth_comp_id    MPD 
_pdbx_validate_chiral.auth_seq_id     64 
_pdbx_validate_chiral.PDB_ins_code    ? 
_pdbx_validate_chiral.details         PLANAR 
_pdbx_validate_chiral.omega           . 
# 
loop_
_chem_comp_atom.comp_id 
_chem_comp_atom.atom_id 
_chem_comp_atom.type_symbol 
_chem_comp_atom.pdbx_aromatic_flag 
_chem_comp_atom.pdbx_stereo_config 
_chem_comp_atom.pdbx_ordinal 
ARG N    N N N 1   
ARG CA   C N S 2   
ARG C    C N N 3   
ARG O    O N N 4   
ARG CB   C N N 5   
ARG CG   C N N 6   
ARG CD   C N N 7   
ARG NE   N N N 8   
ARG CZ   C N N 9   
ARG NH1  N N N 10  
ARG NH2  N N N 11  
ARG OXT  O N N 12  
ARG H    H N N 13  
ARG H2   H N N 14  
ARG HA   H N N 15  
ARG HB2  H N N 16  
ARG HB3  H N N 17  
ARG HG2  H N N 18  
ARG HG3  H N N 19  
ARG HD2  H N N 20  
ARG HD3  H N N 21  
ARG HE   H N N 22  
ARG HH11 H N N 23  
ARG HH12 H N N 24  
ARG HH21 H N N 25  
ARG HH22 H N N 26  
ARG HXT  H N N 27  
ASN N    N N N 28  
ASN CA   C N S 29  
ASN C    C N N 30  
ASN O    O N N 31  
ASN CB   C N N 32  
ASN CG   C N N 33  
ASN OD1  O N N 34  
ASN ND2  N N N 35  
ASN OXT  O N N 36  
ASN H    H N N 37  
ASN H2   H N N 38  
ASN HA   H N N 39  
ASN HB2  H N N 40  
ASN HB3  H N N 41  
ASN HD21 H N N 42  
ASN HD22 H N N 43  
ASN HXT  H N N 44  
ASP N    N N N 45  
ASP CA   C N S 46  
ASP C    C N N 47  
ASP O    O N N 48  
ASP CB   C N N 49  
ASP CG   C N N 50  
ASP OD1  O N N 51  
ASP OD2  O N N 52  
ASP OXT  O N N 53  
ASP H    H N N 54  
ASP H2   H N N 55  
ASP HA   H N N 56  
ASP HB2  H N N 57  
ASP HB3  H N N 58  
ASP HD2  H N N 59  
ASP HXT  H N N 60  
CYS N    N N N 61  
CYS CA   C N R 62  
CYS C    C N N 63  
CYS O    O N N 64  
CYS CB   C N N 65  
CYS SG   S N N 66  
CYS OXT  O N N 67  
CYS H    H N N 68  
CYS H2   H N N 69  
CYS HA   H N N 70  
CYS HB2  H N N 71  
CYS HB3  H N N 72  
CYS HG   H N N 73  
CYS HXT  H N N 74  
GLN N    N N N 75  
GLN CA   C N S 76  
GLN C    C N N 77  
GLN O    O N N 78  
GLN CB   C N N 79  
GLN CG   C N N 80  
GLN CD   C N N 81  
GLN OE1  O N N 82  
GLN NE2  N N N 83  
GLN OXT  O N N 84  
GLN H    H N N 85  
GLN H2   H N N 86  
GLN HA   H N N 87  
GLN HB2  H N N 88  
GLN HB3  H N N 89  
GLN HG2  H N N 90  
GLN HG3  H N N 91  
GLN HE21 H N N 92  
GLN HE22 H N N 93  
GLN HXT  H N N 94  
GLU N    N N N 95  
GLU CA   C N S 96  
GLU C    C N N 97  
GLU O    O N N 98  
GLU CB   C N N 99  
GLU CG   C N N 100 
GLU CD   C N N 101 
GLU OE1  O N N 102 
GLU OE2  O N N 103 
GLU OXT  O N N 104 
GLU H    H N N 105 
GLU H2   H N N 106 
GLU HA   H N N 107 
GLU HB2  H N N 108 
GLU HB3  H N N 109 
GLU HG2  H N N 110 
GLU HG3  H N N 111 
GLU HE2  H N N 112 
GLU HXT  H N N 113 
GLY N    N N N 114 
GLY CA   C N N 115 
GLY C    C N N 116 
GLY O    O N N 117 
GLY OXT  O N N 118 
GLY H    H N N 119 
GLY H2   H N N 120 
GLY HA2  H N N 121 
GLY HA3  H N N 122 
GLY HXT  H N N 123 
HIS N    N N N 124 
HIS CA   C N S 125 
HIS C    C N N 126 
HIS O    O N N 127 
HIS CB   C N N 128 
HIS CG   C Y N 129 
HIS ND1  N Y N 130 
HIS CD2  C Y N 131 
HIS CE1  C Y N 132 
HIS NE2  N Y N 133 
HIS OXT  O N N 134 
HIS H    H N N 135 
HIS H2   H N N 136 
HIS HA   H N N 137 
HIS HB2  H N N 138 
HIS HB3  H N N 139 
HIS HD1  H N N 140 
HIS HD2  H N N 141 
HIS HE1  H N N 142 
HIS HE2  H N N 143 
HIS HXT  H N N 144 
HOH O    O N N 145 
HOH H1   H N N 146 
HOH H2   H N N 147 
ILE N    N N N 148 
ILE CA   C N S 149 
ILE C    C N N 150 
ILE O    O N N 151 
ILE CB   C N S 152 
ILE CG1  C N N 153 
ILE CG2  C N N 154 
ILE CD1  C N N 155 
ILE OXT  O N N 156 
ILE H    H N N 157 
ILE H2   H N N 158 
ILE HA   H N N 159 
ILE HB   H N N 160 
ILE HG12 H N N 161 
ILE HG13 H N N 162 
ILE HG21 H N N 163 
ILE HG22 H N N 164 
ILE HG23 H N N 165 
ILE HD11 H N N 166 
ILE HD12 H N N 167 
ILE HD13 H N N 168 
ILE HXT  H N N 169 
LEU N    N N N 170 
LEU CA   C N S 171 
LEU C    C N N 172 
LEU O    O N N 173 
LEU CB   C N N 174 
LEU CG   C N N 175 
LEU CD1  C N N 176 
LEU CD2  C N N 177 
LEU OXT  O N N 178 
LEU H    H N N 179 
LEU H2   H N N 180 
LEU HA   H N N 181 
LEU HB2  H N N 182 
LEU HB3  H N N 183 
LEU HG   H N N 184 
LEU HD11 H N N 185 
LEU HD12 H N N 186 
LEU HD13 H N N 187 
LEU HD21 H N N 188 
LEU HD22 H N N 189 
LEU HD23 H N N 190 
LEU HXT  H N N 191 
LYS N    N N N 192 
LYS CA   C N S 193 
LYS C    C N N 194 
LYS O    O N N 195 
LYS CB   C N N 196 
LYS CG   C N N 197 
LYS CD   C N N 198 
LYS CE   C N N 199 
LYS NZ   N N N 200 
LYS OXT  O N N 201 
LYS H    H N N 202 
LYS H2   H N N 203 
LYS HA   H N N 204 
LYS HB2  H N N 205 
LYS HB3  H N N 206 
LYS HG2  H N N 207 
LYS HG3  H N N 208 
LYS HD2  H N N 209 
LYS HD3  H N N 210 
LYS HE2  H N N 211 
LYS HE3  H N N 212 
LYS HZ1  H N N 213 
LYS HZ2  H N N 214 
LYS HZ3  H N N 215 
LYS HXT  H N N 216 
MPD C1   C N N 217 
MPD C2   C N N 218 
MPD O2   O N N 219 
MPD CM   C N N 220 
MPD C3   C N N 221 
MPD C4   C N S 222 
MPD O4   O N N 223 
MPD C5   C N N 224 
MPD H11  H N N 225 
MPD H12  H N N 226 
MPD H13  H N N 227 
MPD HO2  H N N 228 
MPD HM1  H N N 229 
MPD HM2  H N N 230 
MPD HM3  H N N 231 
MPD H31  H N N 232 
MPD H32  H N N 233 
MPD H4   H N N 234 
MPD HO4  H N N 235 
MPD H51  H N N 236 
MPD H52  H N N 237 
MPD H53  H N N 238 
PRO N    N N N 239 
PRO CA   C N S 240 
PRO C    C N N 241 
PRO O    O N N 242 
PRO CB   C N N 243 
PRO CG   C N N 244 
PRO CD   C N N 245 
PRO OXT  O N N 246 
PRO H    H N N 247 
PRO HA   H N N 248 
PRO HB2  H N N 249 
PRO HB3  H N N 250 
PRO HG2  H N N 251 
PRO HG3  H N N 252 
PRO HD2  H N N 253 
PRO HD3  H N N 254 
PRO HXT  H N N 255 
SER N    N N N 256 
SER CA   C N S 257 
SER C    C N N 258 
SER O    O N N 259 
SER CB   C N N 260 
SER OG   O N N 261 
SER OXT  O N N 262 
SER H    H N N 263 
SER H2   H N N 264 
SER HA   H N N 265 
SER HB2  H N N 266 
SER HB3  H N N 267 
SER HG   H N N 268 
SER HXT  H N N 269 
SO4 S    S N N 270 
SO4 O1   O N N 271 
SO4 O2   O N N 272 
SO4 O3   O N N 273 
SO4 O4   O N N 274 
THR N    N N N 275 
THR CA   C N S 276 
THR C    C N N 277 
THR O    O N N 278 
THR CB   C N R 279 
THR OG1  O N N 280 
THR CG2  C N N 281 
THR OXT  O N N 282 
THR H    H N N 283 
THR H2   H N N 284 
THR HA   H N N 285 
THR HB   H N N 286 
THR HG1  H N N 287 
THR HG21 H N N 288 
THR HG22 H N N 289 
THR HG23 H N N 290 
THR HXT  H N N 291 
TRP N    N N N 292 
TRP CA   C N S 293 
TRP C    C N N 294 
TRP O    O N N 295 
TRP CB   C N N 296 
TRP CG   C Y N 297 
TRP CD1  C Y N 298 
TRP CD2  C Y N 299 
TRP NE1  N Y N 300 
TRP CE2  C Y N 301 
TRP CE3  C Y N 302 
TRP CZ2  C Y N 303 
TRP CZ3  C Y N 304 
TRP CH2  C Y N 305 
TRP OXT  O N N 306 
TRP H    H N N 307 
TRP H2   H N N 308 
TRP HA   H N N 309 
TRP HB2  H N N 310 
TRP HB3  H N N 311 
TRP HD1  H N N 312 
TRP HE1  H N N 313 
TRP HE3  H N N 314 
TRP HZ2  H N N 315 
TRP HZ3  H N N 316 
TRP HH2  H N N 317 
TRP HXT  H N N 318 
TYR N    N N N 319 
TYR CA   C N S 320 
TYR C    C N N 321 
TYR O    O N N 322 
TYR CB   C N N 323 
TYR CG   C Y N 324 
TYR CD1  C Y N 325 
TYR CD2  C Y N 326 
TYR CE1  C Y N 327 
TYR CE2  C Y N 328 
TYR CZ   C Y N 329 
TYR OH   O N N 330 
TYR OXT  O N N 331 
TYR H    H N N 332 
TYR H2   H N N 333 
TYR HA   H N N 334 
TYR HB2  H N N 335 
TYR HB3  H N N 336 
TYR HD1  H N N 337 
TYR HD2  H N N 338 
TYR HE1  H N N 339 
TYR HE2  H N N 340 
TYR HH   H N N 341 
TYR HXT  H N N 342 
VAL N    N N N 343 
VAL CA   C N S 344 
VAL C    C N N 345 
VAL O    O N N 346 
VAL CB   C N N 347 
VAL CG1  C N N 348 
VAL CG2  C N N 349 
VAL OXT  O N N 350 
VAL H    H N N 351 
VAL H2   H N N 352 
VAL HA   H N N 353 
VAL HB   H N N 354 
VAL HG11 H N N 355 
VAL HG12 H N N 356 
VAL HG13 H N N 357 
VAL HG21 H N N 358 
VAL HG22 H N N 359 
VAL HG23 H N N 360 
VAL HXT  H N N 361 
# 
loop_
_chem_comp_bond.comp_id 
_chem_comp_bond.atom_id_1 
_chem_comp_bond.atom_id_2 
_chem_comp_bond.value_order 
_chem_comp_bond.pdbx_aromatic_flag 
_chem_comp_bond.pdbx_stereo_config 
_chem_comp_bond.pdbx_ordinal 
ARG N   CA   sing N N 1   
ARG N   H    sing N N 2   
ARG N   H2   sing N N 3   
ARG CA  C    sing N N 4   
ARG CA  CB   sing N N 5   
ARG CA  HA   sing N N 6   
ARG C   O    doub N N 7   
ARG C   OXT  sing N N 8   
ARG CB  CG   sing N N 9   
ARG CB  HB2  sing N N 10  
ARG CB  HB3  sing N N 11  
ARG CG  CD   sing N N 12  
ARG CG  HG2  sing N N 13  
ARG CG  HG3  sing N N 14  
ARG CD  NE   sing N N 15  
ARG CD  HD2  sing N N 16  
ARG CD  HD3  sing N N 17  
ARG NE  CZ   sing N N 18  
ARG NE  HE   sing N N 19  
ARG CZ  NH1  sing N N 20  
ARG CZ  NH2  doub N N 21  
ARG NH1 HH11 sing N N 22  
ARG NH1 HH12 sing N N 23  
ARG NH2 HH21 sing N N 24  
ARG NH2 HH22 sing N N 25  
ARG OXT HXT  sing N N 26  
ASN N   CA   sing N N 27  
ASN N   H    sing N N 28  
ASN N   H2   sing N N 29  
ASN CA  C    sing N N 30  
ASN CA  CB   sing N N 31  
ASN CA  HA   sing N N 32  
ASN C   O    doub N N 33  
ASN C   OXT  sing N N 34  
ASN CB  CG   sing N N 35  
ASN CB  HB2  sing N N 36  
ASN CB  HB3  sing N N 37  
ASN CG  OD1  doub N N 38  
ASN CG  ND2  sing N N 39  
ASN ND2 HD21 sing N N 40  
ASN ND2 HD22 sing N N 41  
ASN OXT HXT  sing N N 42  
ASP N   CA   sing N N 43  
ASP N   H    sing N N 44  
ASP N   H2   sing N N 45  
ASP CA  C    sing N N 46  
ASP CA  CB   sing N N 47  
ASP CA  HA   sing N N 48  
ASP C   O    doub N N 49  
ASP C   OXT  sing N N 50  
ASP CB  CG   sing N N 51  
ASP CB  HB2  sing N N 52  
ASP CB  HB3  sing N N 53  
ASP CG  OD1  doub N N 54  
ASP CG  OD2  sing N N 55  
ASP OD2 HD2  sing N N 56  
ASP OXT HXT  sing N N 57  
CYS N   CA   sing N N 58  
CYS N   H    sing N N 59  
CYS N   H2   sing N N 60  
CYS CA  C    sing N N 61  
CYS CA  CB   sing N N 62  
CYS CA  HA   sing N N 63  
CYS C   O    doub N N 64  
CYS C   OXT  sing N N 65  
CYS CB  SG   sing N N 66  
CYS CB  HB2  sing N N 67  
CYS CB  HB3  sing N N 68  
CYS SG  HG   sing N N 69  
CYS OXT HXT  sing N N 70  
GLN N   CA   sing N N 71  
GLN N   H    sing N N 72  
GLN N   H2   sing N N 73  
GLN CA  C    sing N N 74  
GLN CA  CB   sing N N 75  
GLN CA  HA   sing N N 76  
GLN C   O    doub N N 77  
GLN C   OXT  sing N N 78  
GLN CB  CG   sing N N 79  
GLN CB  HB2  sing N N 80  
GLN CB  HB3  sing N N 81  
GLN CG  CD   sing N N 82  
GLN CG  HG2  sing N N 83  
GLN CG  HG3  sing N N 84  
GLN CD  OE1  doub N N 85  
GLN CD  NE2  sing N N 86  
GLN NE2 HE21 sing N N 87  
GLN NE2 HE22 sing N N 88  
GLN OXT HXT  sing N N 89  
GLU N   CA   sing N N 90  
GLU N   H    sing N N 91  
GLU N   H2   sing N N 92  
GLU CA  C    sing N N 93  
GLU CA  CB   sing N N 94  
GLU CA  HA   sing N N 95  
GLU C   O    doub N N 96  
GLU C   OXT  sing N N 97  
GLU CB  CG   sing N N 98  
GLU CB  HB2  sing N N 99  
GLU CB  HB3  sing N N 100 
GLU CG  CD   sing N N 101 
GLU CG  HG2  sing N N 102 
GLU CG  HG3  sing N N 103 
GLU CD  OE1  doub N N 104 
GLU CD  OE2  sing N N 105 
GLU OE2 HE2  sing N N 106 
GLU OXT HXT  sing N N 107 
GLY N   CA   sing N N 108 
GLY N   H    sing N N 109 
GLY N   H2   sing N N 110 
GLY CA  C    sing N N 111 
GLY CA  HA2  sing N N 112 
GLY CA  HA3  sing N N 113 
GLY C   O    doub N N 114 
GLY C   OXT  sing N N 115 
GLY OXT HXT  sing N N 116 
HIS N   CA   sing N N 117 
HIS N   H    sing N N 118 
HIS N   H2   sing N N 119 
HIS CA  C    sing N N 120 
HIS CA  CB   sing N N 121 
HIS CA  HA   sing N N 122 
HIS C   O    doub N N 123 
HIS C   OXT  sing N N 124 
HIS CB  CG   sing N N 125 
HIS CB  HB2  sing N N 126 
HIS CB  HB3  sing N N 127 
HIS CG  ND1  sing Y N 128 
HIS CG  CD2  doub Y N 129 
HIS ND1 CE1  doub Y N 130 
HIS ND1 HD1  sing N N 131 
HIS CD2 NE2  sing Y N 132 
HIS CD2 HD2  sing N N 133 
HIS CE1 NE2  sing Y N 134 
HIS CE1 HE1  sing N N 135 
HIS NE2 HE2  sing N N 136 
HIS OXT HXT  sing N N 137 
HOH O   H1   sing N N 138 
HOH O   H2   sing N N 139 
ILE N   CA   sing N N 140 
ILE N   H    sing N N 141 
ILE N   H2   sing N N 142 
ILE CA  C    sing N N 143 
ILE CA  CB   sing N N 144 
ILE CA  HA   sing N N 145 
ILE C   O    doub N N 146 
ILE C   OXT  sing N N 147 
ILE CB  CG1  sing N N 148 
ILE CB  CG2  sing N N 149 
ILE CB  HB   sing N N 150 
ILE CG1 CD1  sing N N 151 
ILE CG1 HG12 sing N N 152 
ILE CG1 HG13 sing N N 153 
ILE CG2 HG21 sing N N 154 
ILE CG2 HG22 sing N N 155 
ILE CG2 HG23 sing N N 156 
ILE CD1 HD11 sing N N 157 
ILE CD1 HD12 sing N N 158 
ILE CD1 HD13 sing N N 159 
ILE OXT HXT  sing N N 160 
LEU N   CA   sing N N 161 
LEU N   H    sing N N 162 
LEU N   H2   sing N N 163 
LEU CA  C    sing N N 164 
LEU CA  CB   sing N N 165 
LEU CA  HA   sing N N 166 
LEU C   O    doub N N 167 
LEU C   OXT  sing N N 168 
LEU CB  CG   sing N N 169 
LEU CB  HB2  sing N N 170 
LEU CB  HB3  sing N N 171 
LEU CG  CD1  sing N N 172 
LEU CG  CD2  sing N N 173 
LEU CG  HG   sing N N 174 
LEU CD1 HD11 sing N N 175 
LEU CD1 HD12 sing N N 176 
LEU CD1 HD13 sing N N 177 
LEU CD2 HD21 sing N N 178 
LEU CD2 HD22 sing N N 179 
LEU CD2 HD23 sing N N 180 
LEU OXT HXT  sing N N 181 
LYS N   CA   sing N N 182 
LYS N   H    sing N N 183 
LYS N   H2   sing N N 184 
LYS CA  C    sing N N 185 
LYS CA  CB   sing N N 186 
LYS CA  HA   sing N N 187 
LYS C   O    doub N N 188 
LYS C   OXT  sing N N 189 
LYS CB  CG   sing N N 190 
LYS CB  HB2  sing N N 191 
LYS CB  HB3  sing N N 192 
LYS CG  CD   sing N N 193 
LYS CG  HG2  sing N N 194 
LYS CG  HG3  sing N N 195 
LYS CD  CE   sing N N 196 
LYS CD  HD2  sing N N 197 
LYS CD  HD3  sing N N 198 
LYS CE  NZ   sing N N 199 
LYS CE  HE2  sing N N 200 
LYS CE  HE3  sing N N 201 
LYS NZ  HZ1  sing N N 202 
LYS NZ  HZ2  sing N N 203 
LYS NZ  HZ3  sing N N 204 
LYS OXT HXT  sing N N 205 
MPD C1  C2   sing N N 206 
MPD C1  H11  sing N N 207 
MPD C1  H12  sing N N 208 
MPD C1  H13  sing N N 209 
MPD C2  O2   sing N N 210 
MPD C2  CM   sing N N 211 
MPD C2  C3   sing N N 212 
MPD O2  HO2  sing N N 213 
MPD CM  HM1  sing N N 214 
MPD CM  HM2  sing N N 215 
MPD CM  HM3  sing N N 216 
MPD C3  C4   sing N N 217 
MPD C3  H31  sing N N 218 
MPD C3  H32  sing N N 219 
MPD C4  O4   sing N N 220 
MPD C4  C5   sing N N 221 
MPD C4  H4   sing N N 222 
MPD O4  HO4  sing N N 223 
MPD C5  H51  sing N N 224 
MPD C5  H52  sing N N 225 
MPD C5  H53  sing N N 226 
PRO N   CA   sing N N 227 
PRO N   CD   sing N N 228 
PRO N   H    sing N N 229 
PRO CA  C    sing N N 230 
PRO CA  CB   sing N N 231 
PRO CA  HA   sing N N 232 
PRO C   O    doub N N 233 
PRO C   OXT  sing N N 234 
PRO CB  CG   sing N N 235 
PRO CB  HB2  sing N N 236 
PRO CB  HB3  sing N N 237 
PRO CG  CD   sing N N 238 
PRO CG  HG2  sing N N 239 
PRO CG  HG3  sing N N 240 
PRO CD  HD2  sing N N 241 
PRO CD  HD3  sing N N 242 
PRO OXT HXT  sing N N 243 
SER N   CA   sing N N 244 
SER N   H    sing N N 245 
SER N   H2   sing N N 246 
SER CA  C    sing N N 247 
SER CA  CB   sing N N 248 
SER CA  HA   sing N N 249 
SER C   O    doub N N 250 
SER C   OXT  sing N N 251 
SER CB  OG   sing N N 252 
SER CB  HB2  sing N N 253 
SER CB  HB3  sing N N 254 
SER OG  HG   sing N N 255 
SER OXT HXT  sing N N 256 
SO4 S   O1   doub N N 257 
SO4 S   O2   doub N N 258 
SO4 S   O3   sing N N 259 
SO4 S   O4   sing N N 260 
THR N   CA   sing N N 261 
THR N   H    sing N N 262 
THR N   H2   sing N N 263 
THR CA  C    sing N N 264 
THR CA  CB   sing N N 265 
THR CA  HA   sing N N 266 
THR C   O    doub N N 267 
THR C   OXT  sing N N 268 
THR CB  OG1  sing N N 269 
THR CB  CG2  sing N N 270 
THR CB  HB   sing N N 271 
THR OG1 HG1  sing N N 272 
THR CG2 HG21 sing N N 273 
THR CG2 HG22 sing N N 274 
THR CG2 HG23 sing N N 275 
THR OXT HXT  sing N N 276 
TRP N   CA   sing N N 277 
TRP N   H    sing N N 278 
TRP N   H2   sing N N 279 
TRP CA  C    sing N N 280 
TRP CA  CB   sing N N 281 
TRP CA  HA   sing N N 282 
TRP C   O    doub N N 283 
TRP C   OXT  sing N N 284 
TRP CB  CG   sing N N 285 
TRP CB  HB2  sing N N 286 
TRP CB  HB3  sing N N 287 
TRP CG  CD1  doub Y N 288 
TRP CG  CD2  sing Y N 289 
TRP CD1 NE1  sing Y N 290 
TRP CD1 HD1  sing N N 291 
TRP CD2 CE2  doub Y N 292 
TRP CD2 CE3  sing Y N 293 
TRP NE1 CE2  sing Y N 294 
TRP NE1 HE1  sing N N 295 
TRP CE2 CZ2  sing Y N 296 
TRP CE3 CZ3  doub Y N 297 
TRP CE3 HE3  sing N N 298 
TRP CZ2 CH2  doub Y N 299 
TRP CZ2 HZ2  sing N N 300 
TRP CZ3 CH2  sing Y N 301 
TRP CZ3 HZ3  sing N N 302 
TRP CH2 HH2  sing N N 303 
TRP OXT HXT  sing N N 304 
TYR N   CA   sing N N 305 
TYR N   H    sing N N 306 
TYR N   H2   sing N N 307 
TYR CA  C    sing N N 308 
TYR CA  CB   sing N N 309 
TYR CA  HA   sing N N 310 
TYR C   O    doub N N 311 
TYR C   OXT  sing N N 312 
TYR CB  CG   sing N N 313 
TYR CB  HB2  sing N N 314 
TYR CB  HB3  sing N N 315 
TYR CG  CD1  doub Y N 316 
TYR CG  CD2  sing Y N 317 
TYR CD1 CE1  sing Y N 318 
TYR CD1 HD1  sing N N 319 
TYR CD2 CE2  doub Y N 320 
TYR CD2 HD2  sing N N 321 
TYR CE1 CZ   doub Y N 322 
TYR CE1 HE1  sing N N 323 
TYR CE2 CZ   sing Y N 324 
TYR CE2 HE2  sing N N 325 
TYR CZ  OH   sing N N 326 
TYR OH  HH   sing N N 327 
TYR OXT HXT  sing N N 328 
VAL N   CA   sing N N 329 
VAL N   H    sing N N 330 
VAL N   H2   sing N N 331 
VAL CA  C    sing N N 332 
VAL CA  CB   sing N N 333 
VAL CA  HA   sing N N 334 
VAL C   O    doub N N 335 
VAL C   OXT  sing N N 336 
VAL CB  CG1  sing N N 337 
VAL CB  CG2  sing N N 338 
VAL CB  HB   sing N N 339 
VAL CG1 HG11 sing N N 340 
VAL CG1 HG12 sing N N 341 
VAL CG1 HG13 sing N N 342 
VAL CG2 HG21 sing N N 343 
VAL CG2 HG22 sing N N 344 
VAL CG2 HG23 sing N N 345 
VAL OXT HXT  sing N N 346 
# 
_pdbx_initial_refinement_model.id               1 
_pdbx_initial_refinement_model.entity_id_list   ? 
_pdbx_initial_refinement_model.type             'experimental model' 
_pdbx_initial_refinement_model.source_name      PDB 
_pdbx_initial_refinement_model.accession_code   1IQ9 
_pdbx_initial_refinement_model.details          'PDB ENTRY 1IQ9' 
# 
_atom_sites.entry_id                    3NDS 
_atom_sites.fract_transf_matrix[1][1]   0.00015280 
_atom_sites.fract_transf_matrix[1][2]   -0.01144543 
_atom_sites.fract_transf_matrix[1][3]   -0.02176343 
_atom_sites.fract_transf_matrix[2][1]   -0.00376705 
_atom_sites.fract_transf_matrix[2][2]   -0.02151784 
_atom_sites.fract_transf_matrix[2][3]   0.01128982 
_atom_sites.fract_transf_matrix[3][1]   -0.01368723 
_atom_sites.fract_transf_matrix[3][2]   0.00183847 
_atom_sites.fract_transf_matrix[3][3]   -0.00106296 
_atom_sites.fract_transf_vector[1]      0.118663 
_atom_sites.fract_transf_vector[2]      0.306641 
_atom_sites.fract_transf_vector[3]      0.248256 
# 
loop_
_atom_type.symbol 
C 
N 
O 
S 
# 
loop_
_atom_site.group_PDB 
_atom_site.id 
_atom_site.type_symbol 
_atom_site.label_atom_id 
_atom_site.label_alt_id 
_atom_site.label_comp_id 
_atom_site.label_asym_id 
_atom_site.label_entity_id 
_atom_site.label_seq_id 
_atom_site.pdbx_PDB_ins_code 
_atom_site.Cartn_x 
_atom_site.Cartn_y 
_atom_site.Cartn_z 
_atom_site.occupancy 
_atom_site.B_iso_or_equiv 
_atom_site.pdbx_formal_charge 
_atom_site.auth_seq_id 
_atom_site.auth_comp_id 
_atom_site.auth_asym_id 
_atom_site.auth_atom_id 
_atom_site.pdbx_PDB_model_num 
ATOM   1   N N   A LEU A 1 1  ? 11.627  4.743   0.947   0.61 18.55 ? 1   LEU A N   1 
ATOM   2   N N   B LEU A 1 1  ? 11.461  4.889   -0.103  0.39 17.49 ? 1   LEU A N   1 
ATOM   3   C CA  A LEU A 1 1  ? 10.402  4.534   0.196   0.61 17.33 ? 1   LEU A CA  1 
ATOM   4   C CA  B LEU A 1 1  ? 10.240  4.666   -0.865  0.39 16.51 ? 1   LEU A CA  1 
ATOM   5   C C   A LEU A 1 1  ? 9.233   5.269   0.834   0.61 17.14 ? 1   LEU A C   1 
ATOM   6   C C   B LEU A 1 1  ? 9.075   5.402   -0.226  0.39 16.34 ? 1   LEU A C   1 
ATOM   7   O O   A LEU A 1 1  ? 9.045   5.214   2.051   0.61 17.12 ? 1   LEU A O   1 
ATOM   8   O O   B LEU A 1 1  ? 8.937   5.443   0.989   0.39 16.36 ? 1   LEU A O   1 
ATOM   9   C CB  A LEU A 1 1  ? 10.095  3.041   0.113   0.61 16.33 ? 1   LEU A CB  1 
ATOM   10  C CB  B LEU A 1 1  ? 9.924   3.168   -0.968  0.39 15.67 ? 1   LEU A CB  1 
ATOM   11  C CG  A LEU A 1 1  ? 8.922   2.602   -0.763  0.61 16.67 ? 1   LEU A CG  1 
ATOM   12  C CG  B LEU A 1 1  ? 8.637   2.739   -1.681  0.39 15.23 ? 1   LEU A CG  1 
ATOM   13  C CD1 A LEU A 1 1  ? 9.195   2.834   -2.230  0.61 17.67 ? 1   LEU A CD1 1 
ATOM   14  C CD1 B LEU A 1 1  ? 8.685   3.044   -3.169  0.39 15.95 ? 1   LEU A CD1 1 
ATOM   15  C CD2 A LEU A 1 1  ? 8.620   1.134   -0.515  0.61 16.66 ? 1   LEU A CD2 1 
ATOM   16  C CD2 B LEU A 1 1  ? 8.371   1.253   -1.457  0.39 14.52 ? 1   LEU A CD2 1 
ATOM   17  N N   A GLU A 1 2  ? 8.467   5.969   0.010   0.61 16.40 ? 2   GLU A N   1 
ATOM   18  N N   B GLU A 1 2  ? 8.221   6.019   -0.868  0.39 16.53 ? 2   GLU A N   1 
ATOM   19  C CA  A GLU A 1 2  ? 7.198   6.538   0.449   0.61 16.31 ? 2   GLU A CA  1 
ATOM   20  C CA  B GLU A 1 2  ? 7.119   6.515   -0.068  0.39 16.25 ? 2   GLU A CA  1 
ATOM   21  C C   A GLU A 1 2  ? 6.105   5.730   -0.235  0.61 15.55 ? 2   GLU A C   1 
ATOM   22  C C   B GLU A 1 2  ? 6.005   5.682   -0.718  0.39 15.15 ? 2   GLU A C   1 
ATOM   23  O O   A GLU A 1 2  ? 6.291   5.297   -1.371  0.61 18.00 ? 2   GLU A O   1 
ATOM   24  O O   B GLU A 1 2  ? 6.088   5.368   -1.772  0.39 15.29 ? 2   GLU A O   1 
ATOM   25  C CB  A GLU A 1 2  ? 7.062   7.994   0.003   0.61 17.88 ? 2   GLU A CB  1 
ATOM   26  C CB  B GLU A 1 2  ? 6.932   7.999   -0.341  0.39 17.99 ? 2   GLU A CB  1 
ATOM   27  C CG  A GLU A 1 2  ? 7.802   9.039   0.833   0.61 18.06 ? 2   GLU A CG  1 
ATOM   28  C CG  B GLU A 1 2  ? 6.792   8.309   -1.815  0.39 19.36 ? 2   GLU A CG  1 
ATOM   29  C CD  A GLU A 1 2  ? 9.304   8.890   0.758   0.61 18.21 ? 2   GLU A CD  1 
ATOM   30  C CD  B GLU A 1 2  ? 6.754   9.834   -2.183  0.39 20.86 ? 2   GLU A CD  1 
ATOM   31  O OE1 A GLU A 1 2  ? 9.863   9.019   -0.351  0.61 20.05 ? 2   GLU A OE1 1 
ATOM   32  O OE1 B GLU A 1 2  ? 7.731   10.252  -2.853  0.39 21.95 ? 2   GLU A OE1 1 
ATOM   33  O OE2 A GLU A 1 2  ? 9.889   8.608   1.805   0.61 20.24 ? 2   GLU A OE2 1 
ATOM   34  O OE2 B GLU A 1 2  ? 5.781   10.557  -1.804  0.39 21.06 ? 2   GLU A OE2 1 
ATOM   35  N N   A CYS A 1 3  ? 4.960   5.557   0.428   0.61 13.02 ? 3   CYS A N   1 
ATOM   36  N N   B CYS A 1 3  ? 4.903   5.550   -0.038  0.39 13.86 ? 3   CYS A N   1 
ATOM   37  C CA  A CYS A 1 3  ? 3.793   4.941   -0.231  0.61 11.13 ? 3   CYS A CA  1 
ATOM   38  C CA  B CYS A 1 3  ? 3.728   4.700   -0.202  0.39 12.27 ? 3   CYS A CA  1 
ATOM   39  C C   A CYS A 1 3  ? 2.517   5.716   0.042   0.61 10.67 ? 3   CYS A C   1 
ATOM   40  C C   B CYS A 1 3  ? 2.485   5.522   0.119   0.39 11.72 ? 3   CYS A C   1 
ATOM   41  O O   A CYS A 1 3  ? 2.446   6.482   0.990   0.61 10.91 ? 3   CYS A O   1 
ATOM   42  O O   B CYS A 1 3  ? 2.424   6.180   1.168   0.39 11.44 ? 3   CYS A O   1 
ATOM   43  C CB  A CYS A 1 3  ? 3.581   3.495   0.224   0.61 10.06 ? 3   CYS A CB  1 
ATOM   44  C CB  B CYS A 1 3  ? 3.757   3.491   0.768   0.39 11.03 ? 3   CYS A CB  1 
ATOM   45  S SG  A CYS A 1 3  ? 4.986   2.418   -0.042  0.61 9.16  ? 3   CYS A SG  1 
ATOM   46  S SG  B CYS A 1 3  ? 5.205   2.361   0.740   0.39 11.87 ? 3   CYS A SG  1 
ATOM   47  N N   . HIS A 1 4  ? 1.491   5.478   -0.763  1.00 10.92 ? 4   HIS A N   1 
ATOM   48  C CA  . HIS A 1 4  ? 0.176   6.011   -0.410  1.00 9.63  ? 4   HIS A CA  1 
ATOM   49  C C   . HIS A 1 4  ? -0.367  5.277   0.804   1.00 8.45  ? 4   HIS A C   1 
ATOM   50  O O   . HIS A 1 4  ? -0.076  4.088   1.005   1.00 8.41  ? 4   HIS A O   1 
ATOM   51  C CB  . HIS A 1 4  ? -0.794  5.898   -1.577  1.00 10.17 ? 4   HIS A CB  1 
ATOM   52  C CG  . HIS A 1 4  ? -0.614  6.984   -2.577  1.00 12.23 ? 4   HIS A CG  1 
ATOM   53  N ND1 . HIS A 1 4  ? -0.170  6.785   -3.866  1.00 16.06 ? 4   HIS A ND1 1 
ATOM   54  C CD2 . HIS A 1 4  ? -0.759  8.317   -2.424  1.00 12.11 ? 4   HIS A CD2 1 
ATOM   55  C CE1 . HIS A 1 4  ? -0.082  7.954   -4.477  1.00 15.38 ? 4   HIS A CE1 1 
ATOM   56  N NE2 . HIS A 1 4  ? -0.442  8.899   -3.622  1.00 16.22 ? 4   HIS A NE2 1 
ATOM   57  N N   . ASN A 1 5  ? -1.136  5.982   1.625   1.00 8.08  ? 5   ASN A N   1 
ATOM   58  C CA  . ASN A 1 5  ? -1.632  5.415   2.859   1.00 8.16  ? 5   ASN A CA  1 
ATOM   59  C C   . ASN A 1 5  ? -3.103  5.697   3.121   1.00 7.43  ? 5   ASN A C   1 
ATOM   60  O O   . ASN A 1 5  ? -3.625  5.252   4.138   1.00 8.67  ? 5   ASN A O   1 
ATOM   61  C CB  . ASN A 1 5  ? -0.769  5.873   4.049   1.00 10.71 ? 5   ASN A CB  1 
ATOM   62  C CG  . ASN A 1 5  ? -0.825  7.368   4.267   1.00 10.98 ? 5   ASN A CG  1 
ATOM   63  O OD1 . ASN A 1 5  ? -0.994  8.141   3.331   1.00 11.96 ? 5   ASN A OD1 1 
ATOM   64  N ND2 . ASN A 1 5  ? -0.620  7.778   5.515   1.00 13.54 ? 5   ASN A ND2 1 
ATOM   65  N N   . GLN A 1 6  ? -3.763  6.421   2.217   1.00 7.00  ? 6   GLN A N   1 
ATOM   66  C CA  . GLN A 1 6  ? -5.169  6.730   2.448   1.00 6.90  ? 6   GLN A CA  1 
ATOM   67  C C   . GLN A 1 6  ? -6.058  5.522   2.163   1.00 6.23  ? 6   GLN A C   1 
ATOM   68  O O   . GLN A 1 6  ? -5.688  4.613   1.385   1.00 6.07  ? 6   GLN A O   1 
ATOM   69  C CB  . GLN A 1 6  ? -5.650  7.931   1.607   1.00 7.44  ? 6   GLN A CB  1 
ATOM   70  C CG  . GLN A 1 6  ? -6.071  7.632   0.173   1.00 7.09  ? 6   GLN A CG  1 
ATOM   71  C CD  . GLN A 1 6  ? -4.956  7.340   -0.826  1.00 7.56  ? 6   GLN A CD  1 
ATOM   72  O OE1 . GLN A 1 6  ? -5.247  6.984   -1.989  1.00 9.70  ? 6   GLN A OE1 1 
ATOM   73  N NE2 . GLN A 1 6  ? -3.719  7.504   -0.427  1.00 6.06  ? 6   GLN A NE2 1 
ATOM   74  N N   A GLN A 1 7  ? -7.219  5.509   2.799   0.56 6.37  ? 7   GLN A N   1 
ATOM   75  N N   B GLN A 1 7  ? -7.219  5.512   2.804   0.44 6.14  ? 7   GLN A N   1 
ATOM   76  C CA  A GLN A 1 7  ? -8.175  4.436   2.591   0.56 6.64  ? 7   GLN A CA  1 
ATOM   77  C CA  B GLN A 1 7  ? -8.193  4.449   2.617   0.44 6.14  ? 7   GLN A CA  1 
ATOM   78  C C   A GLN A 1 7  ? -9.151  4.725   1.471   0.56 6.25  ? 7   GLN A C   1 
ATOM   79  C C   B GLN A 1 7  ? -9.164  4.725   1.482   0.44 6.06  ? 7   GLN A C   1 
ATOM   80  O O   A GLN A 1 7  ? -9.518  5.883   1.225   0.56 7.53  ? 7   GLN A O   1 
ATOM   81  O O   B GLN A 1 7  ? -9.537  5.878   1.233   0.44 7.11  ? 7   GLN A O   1 
ATOM   82  C CB  A GLN A 1 7  ? -8.976  4.159   3.861   0.56 9.85  ? 7   GLN A CB  1 
ATOM   83  C CB  B GLN A 1 7  ? -9.007  4.228   3.896   0.44 8.66  ? 7   GLN A CB  1 
ATOM   84  C CG  A GLN A 1 7  ? -8.107  3.918   5.078   0.56 12.24 ? 7   GLN A CG  1 
ATOM   85  C CG  B GLN A 1 7  ? -8.295  3.404   4.959   0.44 10.66 ? 7   GLN A CG  1 
ATOM   86  C CD  A GLN A 1 7  ? -8.855  3.285   6.241   0.56 13.61 ? 7   GLN A CD  1 
ATOM   87  C CD  B GLN A 1 7  ? -9.108  3.245   6.248   0.44 12.64 ? 7   GLN A CD  1 
ATOM   88  O OE1 A GLN A 1 7  ? -8.371  3.299   7.369   0.56 15.00 ? 7   GLN A OE1 1 
ATOM   89  O OE1 B GLN A 1 7  ? -10.132 3.904   6.450   0.44 11.08 ? 7   GLN A OE1 1 
ATOM   90  N NE2 A GLN A 1 7  ? -10.028 2.715   5.971   0.56 11.81 ? 7   GLN A NE2 1 
ATOM   91  N NE2 B GLN A 1 7  ? -8.636  2.375   7.134   0.44 14.79 ? 7   GLN A NE2 1 
ATOM   92  N N   . SER A 1 8  ? -9.572  3.658   0.806   1.00 5.95  ? 8   SER A N   1 
ATOM   93  C CA  . SER A 1 8  ? -10.752 3.684   -0.029  1.00 6.39  ? 8   SER A CA  1 
ATOM   94  C C   . SER A 1 8  ? -10.710 4.815   -1.051  1.00 6.05  ? 8   SER A C   1 
ATOM   95  O O   . SER A 1 8  ? -9.744  4.870   -1.826  1.00 6.75  ? 8   SER A O   1 
ATOM   96  C CB  . SER A 1 8  ? -12.004 3.611   0.830   1.00 7.23  ? 8   SER A CB  1 
ATOM   97  O OG  . SER A 1 8  ? -11.961 2.338   1.521   1.00 6.91  ? 8   SER A OG  1 
ATOM   98  N N   . SER A 1 9  ? -11.736 5.674   -1.075  1.00 6.65  ? 9   SER A N   1 
ATOM   99  C CA  . SER A 1 9  ? -11.816 6.751   -2.062  1.00 7.34  ? 9   SER A CA  1 
ATOM   100 C C   . SER A 1 9  ? -11.365 8.073   -1.524  1.00 7.93  ? 9   SER A C   1 
ATOM   101 O O   . SER A 1 9  ? -11.681 9.101   -2.136  1.00 9.72  ? 9   SER A O   1 
ATOM   102 C CB  . SER A 1 9  ? -13.259 6.920   -2.555  1.00 9.71  ? 9   SER A CB  1 
ATOM   103 O OG  . SER A 1 9  ? -13.792 5.676   -2.968  1.00 10.98 ? 9   SER A OG  1 
ATOM   104 N N   . GLN A 1 10 ? -10.691 8.097   -0.379  1.00 7.63  ? 10  GLN A N   1 
ATOM   105 C CA  . GLN A 1 10 ? -10.300 9.357   0.218   1.00 8.52  ? 10  GLN A CA  1 
ATOM   106 C C   . GLN A 1 10 ? -9.217  10.053  -0.591  1.00 7.75  ? 10  GLN A C   1 
ATOM   107 O O   . GLN A 1 10 ? -8.520  9.455   -1.388  1.00 7.33  ? 10  GLN A O   1 
ATOM   108 C CB  . GLN A 1 10 ? -9.830  9.116   1.649   1.00 9.32  ? 10  GLN A CB  1 
ATOM   109 C CG  . GLN A 1 10 ? -10.892 8.478   2.540   1.00 11.44 ? 10  GLN A CG  1 
ATOM   110 C CD  . GLN A 1 10 ? -12.214 9.263   2.522   1.00 13.69 ? 10  GLN A CD  1 
ATOM   111 O OE1 . GLN A 1 10 ? -13.172 8.919   1.821   1.00 14.25 ? 10  GLN A OE1 1 
ATOM   112 N NE2 . GLN A 1 10 ? -12.237 10.353  3.260   1.00 14.47 ? 10  GLN A NE2 1 
ATOM   113 N N   . PRO A 1 11 ? -9.036  11.360  -0.361  1.00 8.94  ? 11  PRO A N   1 
ATOM   114 C CA  . PRO A 1 11 ? -7.996  12.074  -1.108  1.00 8.67  ? 11  PRO A CA  1 
ATOM   115 C C   . PRO A 1 11 ? -6.622  11.431  -0.890  1.00 8.22  ? 11  PRO A C   1 
ATOM   116 O O   . PRO A 1 11 ? -6.328  11.021  0.230   1.00 8.45  ? 11  PRO A O   1 
ATOM   117 C CB  . PRO A 1 11 ? -8.050  13.484  -0.509  1.00 11.18 ? 11  PRO A CB  1 
ATOM   118 C CG  . PRO A 1 11 ? -9.468  13.631  -0.066  1.00 12.58 ? 11  PRO A CG  1 
ATOM   119 C CD  . PRO A 1 11 ? -9.879  12.269  0.440   1.00 10.94 ? 11  PRO A CD  1 
ATOM   120 N N   . PRO A 1 12 ? -5.794  11.332  -1.929  1.00 8.99  ? 12  PRO A N   1 
ATOM   121 C CA  . PRO A 1 12 ? -4.528  10.623  -1.727  1.00 9.87  ? 12  PRO A CA  1 
ATOM   122 C C   . PRO A 1 12 ? -3.607  11.326  -0.748  1.00 9.73  ? 12  PRO A C   1 
ATOM   123 O O   . PRO A 1 12 ? -3.498  12.572  -0.757  1.00 10.90 ? 12  PRO A O   1 
ATOM   124 C CB  . PRO A 1 12 ? -3.907  10.624  -3.116  1.00 12.41 ? 12  PRO A CB  1 
ATOM   125 C CG  . PRO A 1 12 ? -5.091  10.612  -4.025  1.00 14.75 ? 12  PRO A CG  1 
ATOM   126 C CD  . PRO A 1 12 ? -6.076  11.552  -3.354  1.00 12.88 ? 12  PRO A CD  1 
ATOM   127 N N   . THR A 1 13 ? -2.970  10.534  0.098   1.00 8.70  ? 13  THR A N   1 
ATOM   128 C CA  . THR A 1 13 ? -1.928  10.995  1.012   1.00 10.12 ? 13  THR A CA  1 
ATOM   129 C C   . THR A 1 13 ? -0.762  10.010  0.927   1.00 9.90  ? 13  THR A C   1 
ATOM   130 O O   . THR A 1 13 ? -0.894  8.922   0.344   1.00 9.77  ? 13  THR A O   1 
ATOM   131 C CB  . THR A 1 13 ? -2.470  11.073  2.434   1.00 12.04 ? 13  THR A CB  1 
ATOM   132 O OG1 . THR A 1 13 ? -3.019  9.816   2.838   1.00 12.32 ? 13  THR A OG1 1 
ATOM   133 C CG2 . THR A 1 13 ? -3.549  12.146  2.528   1.00 13.81 ? 13  THR A CG2 1 
ATOM   134 N N   A THR A 1 14 ? 0.292   10.294  1.695   0.61 9.72  ? 14  THR A N   1 
ATOM   135 N N   B THR A 1 14 ? 0.421   10.479  1.299   0.39 10.42 ? 14  THR A N   1 
ATOM   136 C CA  A THR A 1 14 ? 1.487   9.450   1.700   0.61 9.17  ? 14  THR A CA  1 
ATOM   137 C CA  B THR A 1 14 ? 1.643   9.732   1.073   0.39 10.25 ? 14  THR A CA  1 
ATOM   138 C C   A THR A 1 14 ? 2.205   9.431   3.042   0.61 8.64  ? 14  THR A C   1 
ATOM   139 C C   B THR A 1 14 ? 2.426   9.660   2.356   0.39 9.04  ? 14  THR A C   1 
ATOM   140 O O   A THR A 1 14 ? 2.059   10.355  3.849   0.61 9.71  ? 14  THR A O   1 
ATOM   141 O O   B THR A 1 14 ? 2.409   10.606  3.158   0.39 9.54  ? 14  THR A O   1 
ATOM   142 C CB  A THR A 1 14 ? 2.486   9.924   0.642   0.61 10.78 ? 14  THR A CB  1 
ATOM   143 C CB  B THR A 1 14 ? 2.515   10.391  -0.009  0.39 12.20 ? 14  THR A CB  1 
ATOM   144 O OG1 A THR A 1 14 ? 2.784   11.310  0.867   0.61 11.67 ? 14  THR A OG1 1 
ATOM   145 O OG1 B THR A 1 14 ? 1.910   10.187  -1.287  0.39 13.73 ? 14  THR A OG1 1 
ATOM   146 C CG2 A THR A 1 14 ? 1.920   9.761   -0.757  0.61 12.10 ? 14  THR A CG2 1 
ATOM   147 C CG2 B THR A 1 14 ? 3.909   9.787   -0.019  0.39 12.24 ? 14  THR A CG2 1 
ATOM   148 N N   A LYS A 1 15 ? 2.991   8.384   3.257   0.61 9.26  ? 15  LYS A N   1 
ATOM   149 N N   B LYS A 1 15 ? 3.107   8.533   2.543   0.39 9.05  ? 15  LYS A N   1 
ATOM   150 C CA  A LYS A 1 15 ? 3.876   8.294   4.410   0.61 10.14 ? 15  LYS A CA  1 
ATOM   151 C CA  B LYS A 1 15 ? 4.007   8.336   3.668   0.39 10.29 ? 15  LYS A CA  1 
ATOM   152 C C   A LYS A 1 15 ? 5.215   7.736   3.964   0.61 10.09 ? 15  LYS A C   1 
ATOM   153 C C   B LYS A 1 15 ? 5.303   7.760   3.138   0.39 10.70 ? 15  LYS A C   1 
ATOM   154 O O   A LYS A 1 15 ? 5.338   7.157   2.878   0.61 10.46 ? 15  LYS A O   1 
ATOM   155 O O   B LYS A 1 15 ? 5.357   7.229   2.027   0.39 10.71 ? 15  LYS A O   1 
ATOM   156 C CB  A LYS A 1 15 ? 3.280   7.354   5.453   0.61 12.52 ? 15  LYS A CB  1 
ATOM   157 C CB  B LYS A 1 15 ? 3.401   7.367   4.686   0.39 11.12 ? 15  LYS A CB  1 
ATOM   158 C CG  A LYS A 1 15 ? 3.200   5.922   4.965   0.61 13.80 ? 15  LYS A CG  1 
ATOM   159 C CG  B LYS A 1 15 ? 3.264   5.940   4.171   0.39 11.98 ? 15  LYS A CG  1 
ATOM   160 C CD  A LYS A 1 15 ? 2.369   5.055   5.890   0.61 15.90 ? 15  LYS A CD  1 
ATOM   161 C CD  B LYS A 1 15 ? 2.649   4.996   5.209   0.39 13.56 ? 15  LYS A CD  1 
ATOM   162 C CE  A LYS A 1 15 ? 3.205   4.465   7.002   0.61 17.61 ? 15  LYS A CE  1 
ATOM   163 C CE  B LYS A 1 15 ? 3.578   4.758   6.392   0.39 14.39 ? 15  LYS A CE  1 
ATOM   164 N NZ  A LYS A 1 15 ? 2.392   3.500   7.787   0.61 17.64 ? 15  LYS A NZ  1 
ATOM   165 N NZ  B LYS A 1 15 ? 3.080   3.655   7.265   0.39 15.23 ? 15  LYS A NZ  1 
ATOM   166 N N   A THR A 1 16 ? 6.231   7.910   4.798   0.61 10.93 ? 16  THR A N   1 
ATOM   167 N N   B THR A 1 16 ? 6.348   7.860   3.944   0.39 11.45 ? 16  THR A N   1 
ATOM   168 C CA  A THR A 1 16 ? 7.518   7.291   4.517   0.61 12.20 ? 16  THR A CA  1 
ATOM   169 C CA  B THR A 1 16 ? 7.642   7.297   3.592   0.39 13.39 ? 16  THR A CA  1 
ATOM   170 C C   A THR A 1 16 ? 7.629   5.997   5.310   0.61 13.14 ? 16  THR A C   1 
ATOM   171 C C   B THR A 1 16 ? 7.851   5.986   4.334   0.39 14.56 ? 16  THR A C   1 
ATOM   172 O O   A THR A 1 16 ? 7.294   5.963   6.492   0.61 13.92 ? 16  THR A O   1 
ATOM   173 O O   B THR A 1 16 ? 7.623   5.891   5.545   0.39 15.19 ? 16  THR A O   1 
ATOM   174 C CB  A THR A 1 16 ? 8.706   8.226   4.813   0.61 12.89 ? 16  THR A CB  1 
ATOM   175 C CB  B THR A 1 16 ? 8.771   8.256   3.939   0.39 14.83 ? 16  THR A CB  1 
ATOM   176 O OG1 A THR A 1 16 ? 8.638   9.345   3.929   0.61 12.39 ? 16  THR A OG1 1 
ATOM   177 O OG1 B THR A 1 16 ? 8.687   8.584   5.331   0.39 17.24 ? 16  THR A OG1 1 
ATOM   178 C CG2 A THR A 1 16 ? 10.032  7.518   4.594   0.61 13.46 ? 16  THR A CG2 1 
ATOM   179 C CG2 B THR A 1 16 ? 8.653   9.526   3.105   0.39 14.34 ? 16  THR A CG2 1 
ATOM   180 N N   A CYS A 1 17 ? 8.073   4.936   4.641   0.61 12.68 ? 17  CYS A N   1 
ATOM   181 N N   B CYS A 1 17 ? 8.277   4.975   3.591   0.39 15.29 ? 17  CYS A N   1 
ATOM   182 C CA  A CYS A 1 17 ? 8.196   3.624   5.264   0.61 13.29 ? 17  CYS A CA  1 
ATOM   183 C CA  B CYS A 1 17 ? 8.421   3.621   4.117   0.39 16.35 ? 17  CYS A CA  1 
ATOM   184 C C   A CYS A 1 17 ? 9.448   3.544   6.135   0.61 15.47 ? 17  CYS A C   1 
ATOM   185 C C   B CYS A 1 17 ? 9.682   3.510   4.980   0.39 18.49 ? 17  CYS A C   1 
ATOM   186 O O   A CYS A 1 17 ? 10.335  4.396   6.044   0.61 15.69 ? 17  CYS A O   1 
ATOM   187 O O   B CYS A 1 17 ? 10.640  4.262   4.786   0.39 19.19 ? 17  CYS A O   1 
ATOM   188 C CB  A CYS A 1 17 ? 8.266   2.552   4.187   0.61 12.99 ? 17  CYS A CB  1 
ATOM   189 C CB  B CYS A 1 17 ? 8.440   2.605   2.961   0.39 15.81 ? 17  CYS A CB  1 
ATOM   190 S SG  A CYS A 1 17 ? 6.892   2.646   3.020   0.61 13.08 ? 17  CYS A SG  1 
ATOM   191 S SG  B CYS A 1 17 ? 6.989   2.656   1.809   0.39 14.77 ? 17  CYS A SG  1 
ATOM   192 N N   A SER A 1 18 ? 9.515   2.510   6.971   0.61 17.49 ? 18  SER A N   1 
ATOM   193 N N   B SER A 1 18 ? 9.669   2.582   5.934   0.39 20.22 ? 18  SER A N   1 
ATOM   194 C CA  A SER A 1 18 ? 10.698  2.267   7.798   0.61 20.59 ? 18  SER A CA  1 
ATOM   195 C CA  B SER A 1 18 ? 10.781  2.429   6.873   0.39 22.57 ? 18  SER A CA  1 
ATOM   196 C C   A SER A 1 18 ? 11.892  1.917   6.911   0.61 21.04 ? 18  SER A C   1 
ATOM   197 C C   B SER A 1 18 ? 12.086  2.113   6.151   0.39 24.06 ? 18  SER A C   1 
ATOM   198 O O   A SER A 1 18 ? 11.716  1.383   5.826   0.61 20.08 ? 18  SER A O   1 
ATOM   199 O O   B SER A 1 18 ? 12.071  1.505   5.082   0.39 24.16 ? 18  SER A O   1 
ATOM   200 C CB  A SER A 1 18 ? 10.423  1.127   8.775   0.61 23.11 ? 18  SER A CB  1 
ATOM   201 C CB  B SER A 1 18 ? 10.470  1.368   7.939   0.39 23.21 ? 18  SER A CB  1 
ATOM   202 O OG  A SER A 1 18 ? 9.262   1.382   9.544   0.61 24.87 ? 18  SER A OG  1 
ATOM   203 O OG  B SER A 1 18 ? 9.904   0.197   7.378   0.39 23.90 ? 18  SER A OG  1 
ATOM   204 N N   A PRO A 1 19 ? 13.119  2.241   7.354   0.61 22.38 ? 19  PRO A N   1 
ATOM   205 N N   B PRO A 1 19 ? 13.217  2.538   6.738   0.39 25.50 ? 19  PRO A N   1 
ATOM   206 C CA  A PRO A 1 19 ? 14.274  1.869   6.528   0.61 22.50 ? 19  PRO A CA  1 
ATOM   207 C CA  B PRO A 1 19 ? 14.547  2.392   6.143   0.39 25.60 ? 19  PRO A CA  1 
ATOM   208 C C   A PRO A 1 19 ? 14.310  0.382   6.172   0.61 21.69 ? 19  PRO A C   1 
ATOM   209 C C   B PRO A 1 19 ? 14.677  1.134   5.294   0.39 24.86 ? 19  PRO A C   1 
ATOM   210 O O   A PRO A 1 19 ? 13.965  -0.457  7.011   0.61 21.96 ? 19  PRO A O   1 
ATOM   211 O O   B PRO A 1 19 ? 15.053  1.211   4.125   0.39 25.39 ? 19  PRO A O   1 
ATOM   212 C CB  A PRO A 1 19 ? 15.460  2.244   7.414   0.61 23.47 ? 19  PRO A CB  1 
ATOM   213 C CB  B PRO A 1 19 ? 15.452  2.294   7.369   0.39 26.01 ? 19  PRO A CB  1 
ATOM   214 C CG  A PRO A 1 19 ? 14.967  3.422   8.184   0.61 23.94 ? 19  PRO A CG  1 
ATOM   215 C CG  B PRO A 1 19 ? 14.776  3.155   8.382   0.39 26.25 ? 19  PRO A CG  1 
ATOM   216 C CD  A PRO A 1 19 ? 13.488  3.185   8.425   0.61 23.49 ? 19  PRO A CD  1 
ATOM   217 C CD  B PRO A 1 19 ? 13.290  3.105   8.097   0.39 26.19 ? 19  PRO A CD  1 
ATOM   218 N N   A GLY A 1 20 ? 14.702  0.071   4.935   0.61 21.32 ? 20  GLY A N   1 
ATOM   219 N N   B GLY A 1 20 ? 14.349  -0.012  5.878   0.39 23.85 ? 20  GLY A N   1 
ATOM   220 C CA  A GLY A 1 20 ? 14.806  -1.300  4.470   0.61 22.26 ? 20  GLY A CA  1 
ATOM   221 C CA  B GLY A 1 20 ? 14.528  -1.282  5.207   0.39 22.71 ? 20  GLY A CA  1 
ATOM   222 C C   A GLY A 1 20 ? 13.594  -1.736  3.667   0.61 22.63 ? 20  GLY A C   1 
ATOM   223 C C   B GLY A 1 20 ? 13.359  -1.773  4.376   0.39 21.07 ? 20  GLY A C   1 
ATOM   224 O O   A GLY A 1 20 ? 13.646  -2.693  2.894   0.61 24.02 ? 20  GLY A O   1 
ATOM   225 O O   B GLY A 1 20 ? 13.460  -2.821  3.743   0.39 21.17 ? 20  GLY A O   1 
ATOM   226 N N   A GLU A 1 21 ? 12.489  -1.017  3.852   0.61 22.35 ? 21  GLU A N   1 
ATOM   227 N N   B GLU A 1 21 ? 12.252  -1.033  4.364   0.39 19.63 ? 21  GLU A N   1 
ATOM   228 C CA  A GLU A 1 21 ? 11.242  -1.323  3.164   0.61 22.20 ? 21  GLU A CA  1 
ATOM   229 C CA  B GLU A 1 21 ? 11.081  -1.453  3.592   0.39 18.65 ? 21  GLU A CA  1 
ATOM   230 C C   A GLU A 1 21 ? 11.331  -0.999  1.683   0.61 21.82 ? 21  GLU A C   1 
ATOM   231 C C   B GLU A 1 21 ? 11.266  -1.291  2.084   0.39 18.62 ? 21  GLU A C   1 
ATOM   232 O O   A GLU A 1 21 ? 11.693  0.114   1.300   0.61 22.90 ? 21  GLU A O   1 
ATOM   233 O O   B GLU A 1 21 ? 11.932  -0.356  1.636   0.39 19.81 ? 21  GLU A O   1 
ATOM   234 C CB  A GLU A 1 21 ? 10.085  -0.534  3.775   0.61 23.02 ? 21  GLU A CB  1 
ATOM   235 C CB  B GLU A 1 21 ? 9.828   -0.693  4.014   0.39 18.04 ? 21  GLU A CB  1 
ATOM   236 C CG  A GLU A 1 21 ? 8.740   -0.843  3.149   0.61 23.41 ? 21  GLU A CG  1 
ATOM   237 C CG  B GLU A 1 21 ? 8.638   -1.055  3.143   0.39 17.04 ? 21  GLU A CG  1 
ATOM   238 C CD  A GLU A 1 21 ? 8.191   -2.170  3.614   0.61 24.14 ? 21  GLU A CD  1 
ATOM   239 C CD  B GLU A 1 21 ? 8.415   -2.551  3.116   0.39 16.86 ? 21  GLU A CD  1 
ATOM   240 O OE1 A GLU A 1 21 ? 7.476   -2.186  4.634   0.61 26.12 ? 21  GLU A OE1 1 
ATOM   241 O OE1 B GLU A 1 21 ? 8.215   -3.106  4.215   0.39 17.80 ? 21  GLU A OE1 1 
ATOM   242 O OE2 A GLU A 1 21 ? 8.476   -3.191  2.963   0.61 22.99 ? 21  GLU A OE2 1 
ATOM   243 O OE2 B GLU A 1 21 ? 8.446   -3.164  2.017   0.39 15.82 ? 21  GLU A OE2 1 
ATOM   244 N N   A THR A 1 22 ? 10.983  -1.972  0.854   0.61 20.87 ? 22  THR A N   1 
ATOM   245 N N   B THR A 1 22 ? 10.637  -2.174  1.310   0.39 18.26 ? 22  THR A N   1 
ATOM   246 C CA  A THR A 1 22 ? 11.074  -1.818  -0.580  0.61 20.65 ? 22  THR A CA  1 
ATOM   247 C CA  B THR A 1 22 ? 10.850  -2.222  -0.136  0.39 17.06 ? 22  THR A CA  1 
ATOM   248 C C   A THR A 1 22 ? 9.703   -2.020  -1.200  0.61 19.49 ? 22  THR A C   1 
ATOM   249 C C   B THR A 1 22 ? 9.631   -2.089  -1.096  0.39 16.23 ? 22  THR A C   1 
ATOM   250 O O   A THR A 1 22 ? 9.547   -1.932  -2.416  0.61 19.68 ? 22  THR A O   1 
ATOM   251 O O   B THR A 1 22 ? 9.801   -1.652  -2.230  0.39 16.87 ? 22  THR A O   1 
ATOM   252 C CB  A THR A 1 22 ? 12.065  -2.833  -1.181  0.61 22.05 ? 22  THR A CB  1 
ATOM   253 C CB  B THR A 1 22 ? 11.659  -3.488  -0.518  0.39 18.22 ? 22  THR A CB  1 
ATOM   254 O OG1 A THR A 1 22 ? 11.572  -4.165  -0.980  0.61 23.47 ? 22  THR A OG1 1 
ATOM   255 O OG1 B THR A 1 22 ? 11.607  -3.680  -1.936  0.39 20.07 ? 22  THR A OG1 1 
ATOM   256 C CG2 A THR A 1 22 ? 13.427  -2.698  -0.513  0.61 22.98 ? 22  THR A CG2 1 
ATOM   257 C CG2 B THR A 1 22 ? 11.082  -4.716  0.170   0.39 17.57 ? 22  THR A CG2 1 
ATOM   258 N N   A ASN A 1 23 ? 8.701   -2.281  -0.357  0.61 16.88 ? 23  ASN A N   1 
ATOM   259 N N   B ASN A 1 23 ? 8.424   -2.462  -0.660  0.39 13.93 ? 23  ASN A N   1 
ATOM   260 C CA  A ASN A 1 23 ? 7.344   -2.502  -0.860  0.61 14.75 ? 23  ASN A CA  1 
ATOM   261 C CA  B ASN A 1 23 ? 7.221   -2.485  -1.521  0.39 11.43 ? 23  ASN A CA  1 
ATOM   262 C C   A ASN A 1 23 ? 6.299   -1.509  -0.360  0.61 11.20 ? 23  ASN A C   1 
ATOM   263 C C   B ASN A 1 23 ? 6.164   -1.498  -1.055  0.39 10.05 ? 23  ASN A C   1 
ATOM   264 O O   A ASN A 1 23 ? 6.359   -1.091  0.790   0.61 10.88 ? 23  ASN A O   1 
ATOM   265 O O   B ASN A 1 23 ? 6.222   -1.060  0.084   0.39 10.08 ? 23  ASN A O   1 
ATOM   266 C CB  A ASN A 1 23 ? 6.861   -3.915  -0.527  0.61 15.14 ? 23  ASN A CB  1 
ATOM   267 C CB  B ASN A 1 23 ? 6.559   -3.864  -1.461  0.39 10.74 ? 23  ASN A CB  1 
ATOM   268 C CG  A ASN A 1 23 ? 7.397   -4.952  -1.480  0.61 16.34 ? 23  ASN A CG  1 
ATOM   269 C CG  B ASN A 1 23 ? 7.363   -4.935  -2.160  0.39 11.14 ? 23  ASN A CG  1 
ATOM   270 O OD1 A ASN A 1 23 ? 6.670   -5.442  -2.339  0.61 18.05 ? 23  ASN A OD1 1 
ATOM   271 O OD1 B ASN A 1 23 ? 7.742   -4.790  -3.321  0.39 13.20 ? 23  ASN A OD1 1 
ATOM   272 N ND2 A ASN A 1 23 ? 8.676   -5.286  -1.346  0.61 16.63 ? 23  ASN A ND2 1 
ATOM   273 N ND2 B ASN A 1 23 ? 7.603   -6.040  -1.458  0.39 10.25 ? 23  ASN A ND2 1 
ATOM   274 N N   A CYS A 1 24 ? 5.376   -1.160  -1.264  0.61 10.77 ? 24  CYS A N   1 
ATOM   275 N N   B CYS A 1 24 ? 5.192   -1.192  -1.914  0.39 9.37  ? 24  CYS A N   1 
ATOM   276 C CA  A CYS A 1 24 ? 4.042   -0.585  -0.965  0.61 10.09 ? 24  CYS A CA  1 
ATOM   277 C CA  B CYS A 1 24 ? 3.944   -0.592  -1.441  0.39 8.49  ? 24  CYS A CA  1 
ATOM   278 C C   A CYS A 1 24 ? 2.996   -1.655  -1.267  0.61 8.34  ? 24  CYS A C   1 
ATOM   279 C C   B CYS A 1 24 ? 2.768   -1.508  -1.812  0.39 6.55  ? 24  CYS A C   1 
ATOM   280 O O   A CYS A 1 24 ? 3.248   -2.532  -2.107  0.61 8.23  ? 24  CYS A O   1 
ATOM   281 O O   B CYS A 1 24 ? 2.893   -2.346  -2.707  0.39 6.10  ? 24  CYS A O   1 
ATOM   282 C CB  A CYS A 1 24 ? 3.682   0.592   -1.905  0.61 11.25 ? 24  CYS A CB  1 
ATOM   283 C CB  B CYS A 1 24 ? 3.783   0.848   -1.953  0.39 10.07 ? 24  CYS A CB  1 
ATOM   284 S SG  A CYS A 1 24 ? 4.772   2.018   -2.095  0.61 10.65 ? 24  CYS A SG  1 
ATOM   285 S SG  B CYS A 1 24 ? 5.064   2.032   -1.289  0.39 10.40 ? 24  CYS A SG  1 
ATOM   286 N N   A TYR A 1 25 ? 1.816   -1.544  -0.645  0.61 6.83  ? 25  TYR A N   1 
ATOM   287 N N   B TYR A 1 25 ? 1.655   -1.392  -1.097  0.39 5.38  ? 25  TYR A N   1 
ATOM   288 C CA  A TYR A 1 25 ? 0.703   -2.440  -0.977  0.61 6.64  ? 25  TYR A CA  1 
ATOM   289 C CA  B TYR A 1 25 ? 0.552   -2.319  -1.306  0.39 5.82  ? 25  TYR A CA  1 
ATOM   290 C C   A TYR A 1 25 ? -0.603  -1.688  -1.117  0.61 6.19  ? 25  TYR A C   1 
ATOM   291 C C   B TYR A 1 25 ? -0.802  -1.633  -1.362  0.39 5.91  ? 25  TYR A C   1 
ATOM   292 O O   A TYR A 1 25 ? -0.770  -0.594  -0.562  0.61 6.24  ? 25  TYR A O   1 
ATOM   293 O O   B TYR A 1 25 ? -0.990  -0.519  -0.870  0.39 6.08  ? 25  TYR A O   1 
ATOM   294 C CB  A TYR A 1 25 ? 0.525   -3.521  0.097   0.61 7.46  ? 25  TYR A CB  1 
ATOM   295 C CB  B TYR A 1 25 ? 0.557   -3.446  -0.252  0.39 6.85  ? 25  TYR A CB  1 
ATOM   296 C CG  A TYR A 1 25 ? -0.044  -2.978  1.387   0.61 7.30  ? 25  TYR A CG  1 
ATOM   297 C CG  B TYR A 1 25 ? -0.034  -3.095  1.106   0.39 6.77  ? 25  TYR A CG  1 
ATOM   298 C CD1 A TYR A 1 25 ? -1.425  -2.885  1.592   0.61 7.75  ? 25  TYR A CD1 1 
ATOM   299 C CD1 B TYR A 1 25 ? 0.767   -2.583  2.119   0.39 7.07  ? 25  TYR A CD1 1 
ATOM   300 C CD2 A TYR A 1 25 ? 0.800   -2.536  2.393   0.61 7.27  ? 25  TYR A CD2 1 
ATOM   301 C CD2 B TYR A 1 25 ? -1.386  -3.298  1.382   0.39 7.73  ? 25  TYR A CD2 1 
ATOM   302 C CE1 A TYR A 1 25 ? -1.932  -2.376  2.760   0.61 8.44  ? 25  TYR A CE1 1 
ATOM   303 C CE1 B TYR A 1 25 ? 0.242   -2.264  3.365   0.39 8.25  ? 25  TYR A CE1 1 
ATOM   304 C CE2 A TYR A 1 25 ? 0.302   -2.024  3.565   0.61 7.79  ? 25  TYR A CE2 1 
ATOM   305 C CE2 B TYR A 1 25 ? -1.924  -2.979  2.625   0.39 8.20  ? 25  TYR A CE2 1 
ATOM   306 C CZ  A TYR A 1 25 ? -1.067  -1.946  3.742   0.61 8.22  ? 25  TYR A CZ  1 
ATOM   307 C CZ  B TYR A 1 25 ? -1.101  -2.467  3.614   0.39 8.55  ? 25  TYR A CZ  1 
ATOM   308 O OH  A TYR A 1 25 ? -1.560  -1.419  4.909   0.61 9.48  ? 25  TYR A OH  1 
ATOM   309 O OH  B TYR A 1 25 ? -1.623  -2.160  4.854   0.39 9.09  ? 25  TYR A OH  1 
ATOM   310 N N   A LYS A 1 26 ? -1.525  -2.290  -1.866  0.61 6.85  ? 26  LYS A N   1 
ATOM   311 N N   B LYS A 1 26 ? -1.747  -2.316  -1.985  0.39 6.63  ? 26  LYS A N   1 
ATOM   312 C CA  A LYS A 1 26 ? -2.931  -1.902  -1.905  0.61 6.85  ? 26  LYS A CA  1 
ATOM   313 C CA  B LYS A 1 26 ? -3.132  -1.905  -1.973  0.39 7.15  ? 26  LYS A CA  1 
ATOM   314 C C   A LYS A 1 26 ? -3.754  -3.186  -1.797  0.61 6.38  ? 26  LYS A C   1 
ATOM   315 C C   B LYS A 1 26 ? -3.969  -3.169  -1.835  0.39 6.37  ? 26  LYS A C   1 
ATOM   316 O O   A LYS A 1 26 ? -3.451  -4.190  -2.464  0.61 6.08  ? 26  LYS A O   1 
ATOM   317 O O   B LYS A 1 26 ? -3.946  -4.034  -2.724  0.39 6.80  ? 26  LYS A O   1 
ATOM   318 C CB  A LYS A 1 26 ? -3.265  -1.165  -3.208  0.61 8.39  ? 26  LYS A CB  1 
ATOM   319 C CB  B LYS A 1 26 ? -3.480  -1.173  -3.269  0.39 8.83  ? 26  LYS A CB  1 
ATOM   320 C CG  A LYS A 1 26 ? -4.777  -0.963  -3.428  0.61 9.23  ? 26  LYS A CG  1 
ATOM   321 C CG  B LYS A 1 26 ? -4.921  -0.693  -3.331  0.39 10.50 ? 26  LYS A CG  1 
ATOM   322 C CD  A LYS A 1 26 ? -5.082  -0.087  -4.631  0.61 11.17 ? 26  LYS A CD  1 
ATOM   323 C CD  B LYS A 1 26 ? -5.118  0.305   -4.452  0.39 12.33 ? 26  LYS A CD  1 
ATOM   324 C CE  A LYS A 1 26 ? -4.848  -0.829  -5.908  0.61 13.57 ? 26  LYS A CE  1 
ATOM   325 C CE  B LYS A 1 26 ? -4.729  -0.308  -5.773  0.39 13.31 ? 26  LYS A CE  1 
ATOM   326 N NZ  A LYS A 1 26 ? -5.108  0.058   -7.075  0.61 14.90 ? 26  LYS A NZ  1 
ATOM   327 N NZ  B LYS A 1 26 ? -5.646  -1.412  -6.175  0.39 14.12 ? 26  LYS A NZ  1 
ATOM   328 N N   A LYS A 1 27 ? -4.797  -3.137  -0.976  0.61 6.40  ? 27  LYS A N   1 
ATOM   329 N N   B LYS A 1 27 ? -4.661  -3.292  -0.705  0.39 4.86  ? 27  LYS A N   1 
ATOM   330 C CA  A LYS A 1 27 ? -5.537  -4.332  -0.562  0.61 8.48  ? 27  LYS A CA  1 
ATOM   331 C CA  B LYS A 1 27 ? -5.587  -4.398  -0.474  0.39 6.32  ? 27  LYS A CA  1 
ATOM   332 C C   A LYS A 1 27 ? -7.022  -4.000  -0.553  0.61 6.54  ? 27  LYS A C   1 
ATOM   333 C C   B LYS A 1 27 ? -6.995  -3.911  -0.721  0.39 5.63  ? 27  LYS A C   1 
ATOM   334 O O   A LYS A 1 27 ? -7.423  -3.043  0.129   0.61 6.64  ? 27  LYS A O   1 
ATOM   335 O O   B LYS A 1 27 ? -7.328  -2.790  -0.371  0.39 5.57  ? 27  LYS A O   1 
ATOM   336 C CB  A LYS A 1 27 ? -5.047  -4.693  0.852   0.61 12.97 ? 27  LYS A CB  1 
ATOM   337 C CB  B LYS A 1 27 ? -5.490  -4.879  0.979   0.39 8.11  ? 27  LYS A CB  1 
ATOM   338 C CG  A LYS A 1 27 ? -5.779  -5.769  1.606   0.61 14.57 ? 27  LYS A CG  1 
ATOM   339 C CG  B LYS A 1 27 ? -4.241  -5.658  1.307   0.39 9.79  ? 27  LYS A CG  1 
ATOM   340 C CD  A LYS A 1 27 ? -4.991  -6.114  2.866   0.61 15.65 ? 27  LYS A CD  1 
ATOM   341 C CD  B LYS A 1 27 ? -4.020  -5.714  2.810   0.39 10.98 ? 27  LYS A CD  1 
ATOM   342 C CE  A LYS A 1 27 ? -5.817  -6.939  3.824   0.61 17.47 ? 27  LYS A CE  1 
ATOM   343 C CE  B LYS A 1 27 ? -5.251  -6.179  3.565   0.39 11.55 ? 27  LYS A CE  1 
ATOM   344 N NZ  A LYS A 1 27 ? -5.039  -7.283  5.036   0.61 19.16 ? 27  LYS A NZ  1 
ATOM   345 N NZ  B LYS A 1 27 ? -4.864  -6.787  4.869   0.39 13.29 ? 27  LYS A NZ  1 
ATOM   346 N N   . VAL A 1 28 ? -7.831  -4.750  -1.314  1.00 7.12  ? 28  VAL A N   1 
ATOM   347 C CA  . VAL A 1 28 ? -9.254  -4.431  -1.492  1.00 8.41  ? 28  VAL A CA  1 
ATOM   348 C C   . VAL A 1 28 ? -10.097 -5.624  -1.060  1.00 7.62  ? 28  VAL A C   1 
ATOM   349 O O   . VAL A 1 28 ? -9.832  -6.768  -1.481  1.00 8.59  ? 28  VAL A O   1 
ATOM   350 C CB  . VAL A 1 28 ? -9.593  -4.140  -2.969  1.00 10.09 ? 28  VAL A CB  1 
ATOM   351 C CG1 . VAL A 1 28 ? -11.036 -3.658  -3.096  1.00 12.06 ? 28  VAL A CG1 1 
ATOM   352 C CG2 . VAL A 1 28 ? -8.615  -3.160  -3.596  1.00 11.45 ? 28  VAL A CG2 1 
ATOM   353 N N   . TRP A 1 29 ? -11.122 -5.394  -0.257  1.00 7.95  ? 29  TRP A N   1 
ATOM   354 C CA  . TRP A 1 29 ? -12.048 -6.474  0.077   1.00 9.18  ? 29  TRP A CA  1 
ATOM   355 C C   . TRP A 1 29 ? -13.405 -5.871  0.376   1.00 8.96  ? 29  TRP A C   1 
ATOM   356 O O   . TRP A 1 29 ? -13.562 -4.644  0.416   1.00 9.45  ? 29  TRP A O   1 
ATOM   357 C CB  . TRP A 1 29 ? -11.557 -7.278  1.286   1.00 9.35  ? 29  TRP A CB  1 
ATOM   358 C CG  . TRP A 1 29 ? -11.633 -6.550  2.610   1.00 9.41  ? 29  TRP A CG  1 
ATOM   359 C CD1 . TRP A 1 29 ? -12.652 -6.595  3.518   1.00 11.07 ? 29  TRP A CD1 1 
ATOM   360 C CD2 . TRP A 1 29 ? -10.667 -5.643  3.145   1.00 9.74  ? 29  TRP A CD2 1 
ATOM   361 N NE1 . TRP A 1 29 ? -12.371 -5.797  4.595   1.00 11.48 ? 29  TRP A NE1 1 
ATOM   362 C CE2 . TRP A 1 29 ? -11.155 -5.203  4.394   1.00 10.71 ? 29  TRP A CE2 1 
ATOM   363 C CE3 . TRP A 1 29 ? -9.423  -5.184  2.707   1.00 10.70 ? 29  TRP A CE3 1 
ATOM   364 C CZ2 . TRP A 1 29 ? -10.449 -4.316  5.202   1.00 11.96 ? 29  TRP A CZ2 1 
ATOM   365 C CZ3 . TRP A 1 29 ? -8.724  -4.298  3.508   1.00 12.02 ? 29  TRP A CZ3 1 
ATOM   366 C CH2 . TRP A 1 29 ? -9.240  -3.873  4.741   1.00 12.59 ? 29  TRP A CH2 1 
ATOM   367 N N   . ARG A 1 30 ? -14.400 -6.699  0.600   1.00 10.32 ? 30  ARG A N   1 
ATOM   368 C CA  A ARG A 1 30 ? -15.722 -6.274  0.958   0.41 11.87 ? 30  ARG A CA  1 
ATOM   369 C CA  B ARG A 1 30 ? -15.757 -6.284  0.942   0.59 11.26 ? 30  ARG A CA  1 
ATOM   370 C C   . ARG A 1 30 ? -16.115 -6.868  2.268   1.00 12.23 ? 30  ARG A C   1 
ATOM   371 O O   . ARG A 1 30 ? -15.855 -8.017  2.504   1.00 14.03 ? 30  ARG A O   1 
ATOM   372 C CB  A ARG A 1 30 ? -16.735 -6.623  -0.133  0.41 14.89 ? 30  ARG A CB  1 
ATOM   373 C CB  B ARG A 1 30 ? -16.655 -6.885  -0.076  0.59 13.95 ? 30  ARG A CB  1 
ATOM   374 C CG  A ARG A 1 30 ? -17.753 -5.509  -0.363  0.41 18.54 ? 30  ARG A CG  1 
ATOM   375 C CG  B ARG A 1 30 ? -16.601 -6.208  -1.395  0.59 16.89 ? 30  ARG A CG  1 
ATOM   376 C CD  A ARG A 1 30 ? -18.941 -5.944  -1.190  0.41 20.85 ? 30  ARG A CD  1 
ATOM   377 C CD  B ARG A 1 30 ? -17.705 -6.740  -2.484  0.59 20.17 ? 30  ARG A CD  1 
ATOM   378 N NE  A ARG A 1 30 ? -20.110 -5.138  -0.849  0.41 22.73 ? 30  ARG A NE  1 
ATOM   379 N NE  B ARG A 1 30 ? -18.898 -7.162  -1.796  0.59 22.04 ? 30  ARG A NE  1 
ATOM   380 C CZ  A ARG A 1 30 ? -20.876 -5.349  0.219   0.41 24.24 ? 30  ARG A CZ  1 
ATOM   381 C CZ  B ARG A 1 30 ? -19.220 -6.633  -0.631  0.59 24.17 ? 30  ARG A CZ  1 
ATOM   382 N NH1 A ARG A 1 30 ? -21.925 -4.575  0.454   0.41 24.69 ? 30  ARG A NH1 1 
ATOM   383 N NH1 B ARG A 1 30 ? -20.223 -7.104  0.092   0.59 24.97 ? 30  ARG A NH1 1 
ATOM   384 N NH2 A ARG A 1 30 ? -20.596 -6.344  1.052   0.41 24.92 ? 30  ARG A NH2 1 
ATOM   385 N NH2 B ARG A 1 30 ? -18.502 -5.597  -0.224  0.59 25.13 ? 30  ARG A NH2 1 
ATOM   386 N N   . ASP A 1 31 ? -16.724 -6.071  3.141   1.00 12.84 ? 31  ASP A N   1 
ATOM   387 C CA  . ASP A 1 31 ? -17.317 -6.592  4.354   1.00 13.73 ? 31  ASP A CA  1 
ATOM   388 C C   . ASP A 1 31 ? -18.621 -5.843  4.629   1.00 14.03 ? 31  ASP A C   1 
ATOM   389 O O   . ASP A 1 31 ? -19.124 -5.183  3.749   1.00 13.03 ? 31  ASP A O   1 
ATOM   390 C CB  . ASP A 1 31 ? -16.336 -6.619  5.541   1.00 14.69 ? 31  ASP A CB  1 
ATOM   391 C CG  . ASP A 1 31 ? -15.805 -5.250  5.935   1.00 14.66 ? 31  ASP A CG  1 
ATOM   392 O OD1 . ASP A 1 31 ? -16.546 -4.242  5.868   1.00 13.60 ? 31  ASP A OD1 1 
ATOM   393 O OD2 . ASP A 1 31 ? -14.634 -5.183  6.372   1.00 16.11 ? 31  ASP A OD2 1 
ATOM   394 N N   . HIS A 1 32 ? -19.169 -5.966  5.832   1.00 15.10 ? 32  HIS A N   1 
ATOM   395 C CA  . HIS A 1 32 ? -20.463 -5.346  6.110   1.00 16.27 ? 32  HIS A CA  1 
ATOM   396 C C   . HIS A 1 32 ? -20.466 -3.832  5.883   1.00 15.07 ? 32  HIS A C   1 
ATOM   397 O O   . HIS A 1 32 ? -21.517 -3.251  5.649   1.00 16.14 ? 32  HIS A O   1 
ATOM   398 C CB  . HIS A 1 32 ? -20.952 -5.684  7.521   1.00 18.28 ? 32  HIS A CB  1 
ATOM   399 C CG  . HIS A 1 32 ? -20.149 -5.043  8.601   1.00 20.73 ? 32  HIS A CG  1 
ATOM   400 N ND1 . HIS A 1 32 ? -20.540 -3.875  9.225   1.00 22.62 ? 32  HIS A ND1 1 
ATOM   401 C CD2 . HIS A 1 32 ? -18.965 -5.387  9.158   1.00 22.98 ? 32  HIS A CD2 1 
ATOM   402 C CE1 . HIS A 1 32 ? -19.635 -3.539  10.124  1.00 23.04 ? 32  HIS A CE1 1 
ATOM   403 N NE2 . HIS A 1 32 ? -18.667 -4.440  10.104  1.00 23.87 ? 32  HIS A NE2 1 
ATOM   404 N N   . ARG A 1 33 ? -19.295 -3.190  5.936   1.00 12.56 ? 33  ARG A N   1 
ATOM   405 C CA  . ARG A 1 33 ? -19.203 -1.741  5.760   1.00 11.52 ? 33  ARG A CA  1 
ATOM   406 C C   . ARG A 1 33 ? -19.282 -1.293  4.314   1.00 11.29 ? 33  ARG A C   1 
ATOM   407 O O   . ARG A 1 33 ? -19.517 -0.124  4.036   1.00 12.38 ? 33  ARG A O   1 
ATOM   408 C CB  . ARG A 1 33 ? -17.889 -1.228  6.349   1.00 11.79 ? 33  ARG A CB  1 
ATOM   409 C CG  . ARG A 1 33 ? -17.714 -1.574  7.809   1.00 12.67 ? 33  ARG A CG  1 
ATOM   410 C CD  . ARG A 1 33 ? -16.331 -1.224  8.305   1.00 13.85 ? 33  ARG A CD  1 
ATOM   411 N NE  . ARG A 1 33 ? -15.343 -2.171  7.784   1.00 14.26 ? 33  ARG A NE  1 
ATOM   412 C CZ  . ARG A 1 33 ? -14.046 -2.101  8.063   1.00 15.53 ? 33  ARG A CZ  1 
ATOM   413 N NH1 . ARG A 1 33 ? -13.597 -1.137  8.846   1.00 16.07 ? 33  ARG A NH1 1 
ATOM   414 N NH2 . ARG A 1 33 ? -13.199 -2.999  7.573   1.00 17.31 ? 33  ARG A NH2 1 
ATOM   415 N N   . GLY A 1 34 ? -19.054 -2.218  3.387   1.00 11.45 ? 34  GLY A N   1 
ATOM   416 C CA  . GLY A 1 34 ? -18.944 -1.915  1.978   1.00 10.87 ? 34  GLY A CA  1 
ATOM   417 C C   . GLY A 1 34 ? -17.592 -2.394  1.483   1.00 10.06 ? 34  GLY A C   1 
ATOM   418 O O   . GLY A 1 34 ? -17.037 -3.334  2.032   1.00 11.92 ? 34  GLY A O   1 
ATOM   419 N N   . THR A 1 35 ? -17.067 -1.740  0.456   1.00 9.49  ? 35  THR A N   1 
ATOM   420 C CA  . THR A 1 35 ? -15.751 -2.087  -0.075  1.00 8.97  ? 35  THR A CA  1 
ATOM   421 C C   . THR A 1 35 ? -14.704 -1.241  0.632   1.00 7.95  ? 35  THR A C   1 
ATOM   422 O O   . THR A 1 35 ? -14.867 -0.020  0.767   1.00 8.34  ? 35  THR A O   1 
ATOM   423 C CB  . THR A 1 35 ? -15.708 -1.834  -1.573  1.00 10.82 ? 35  THR A CB  1 
ATOM   424 O OG1 . THR A 1 35 ? -16.660 -2.702  -2.217  1.00 13.91 ? 35  THR A OG1 1 
ATOM   425 C CG2 . THR A 1 35 ? -14.337 -2.117  -2.149  1.00 11.50 ? 35  THR A CG2 1 
ATOM   426 N N   . ILE A 1 36 ? -13.667 -1.896  1.142   1.00 7.61  ? 36  ILE A N   1 
ATOM   427 C CA  . ILE A 1 36 ? -12.583 -1.210  1.817   1.00 7.27  ? 36  ILE A CA  1 
ATOM   428 C C   . ILE A 1 36 ? -11.316 -1.357  0.992   1.00 6.21  ? 36  ILE A C   1 
ATOM   429 O O   . ILE A 1 36 ? -11.016 -2.451  0.511   1.00 7.79  ? 36  ILE A O   1 
ATOM   430 C CB  . ILE A 1 36 ? -12.284 -1.829  3.195   1.00 10.25 ? 36  ILE A CB  1 
ATOM   431 C CG1 . ILE A 1 36 ? -13.561 -2.030  4.021   1.00 13.55 ? 36  ILE A CG1 1 
ATOM   432 C CG2 . ILE A 1 36 ? -11.237 -0.987  3.920   1.00 11.90 ? 36  ILE A CG2 1 
ATOM   433 C CD1 . ILE A 1 36 ? -14.197 -0.743  4.437   1.00 16.00 ? 36  ILE A CD1 1 
ATOM   434 N N   . ILE A 1 37 ? -10.565 -0.268  0.837   1.00 5.82  ? 37  ILE A N   1 
ATOM   435 C CA  . ILE A 1 37 ? -9.224  -0.339  0.279   1.00 5.84  ? 37  ILE A CA  1 
ATOM   436 C C   . ILE A 1 37 ? -8.264  0.183   1.313   1.00 5.76  ? 37  ILE A C   1 
ATOM   437 O O   . ILE A 1 37 ? -8.438  1.307   1.844   1.00 6.53  ? 37  ILE A O   1 
ATOM   438 C CB  . ILE A 1 37 ? -9.075  0.490   -1.007  1.00 6.35  ? 37  ILE A CB  1 
ATOM   439 C CG1 . ILE A 1 37 ? -10.159 0.100   -2.014  1.00 7.46  ? 37  ILE A CG1 1 
ATOM   440 C CG2 . ILE A 1 37 ? -7.688  0.301   -1.601  1.00 7.40  ? 37  ILE A CG2 1 
ATOM   441 C CD1 . ILE A 1 37 ? -10.147 0.927   -3.277  1.00 8.95  ? 37  ILE A CD1 1 
ATOM   442 N N   A GLU A 1 38 ? -7.240  -0.601  1.615   0.62 5.59  ? 38  GLU A N   1 
ATOM   443 N N   B GLU A 1 38 ? -7.249  -0.622  1.609   0.38 5.51  ? 38  GLU A N   1 
ATOM   444 C CA  A GLU A 1 38 ? -6.179  -0.156  2.509   0.62 6.93  ? 38  GLU A CA  1 
ATOM   445 C CA  B GLU A 1 38 ? -6.161  -0.227  2.489   0.38 6.23  ? 38  GLU A CA  1 
ATOM   446 C C   A GLU A 1 38 ? -4.878  -0.091  1.732   0.62 6.29  ? 38  GLU A C   1 
ATOM   447 C C   B GLU A 1 38 ? -4.913  -0.035  1.642   0.38 5.50  ? 38  GLU A C   1 
ATOM   448 O O   A GLU A 1 38 ? -4.596  -0.953  0.909   0.62 6.66  ? 38  GLU A O   1 
ATOM   449 O O   B GLU A 1 38 ? -4.703  -0.761  0.678   0.38 5.34  ? 38  GLU A O   1 
ATOM   450 C CB  A GLU A 1 38 ? -6.082  -1.134  3.678   0.62 9.29  ? 38  GLU A CB  1 
ATOM   451 C CB  B GLU A 1 38 ? -5.927  -1.326  3.526   0.38 7.95  ? 38  GLU A CB  1 
ATOM   452 C CG  A GLU A 1 38 ? -4.856  -1.057  4.538   0.62 12.50 ? 38  GLU A CG  1 
ATOM   453 C CG  B GLU A 1 38 ? -4.987  -0.946  4.648   0.38 11.35 ? 38  GLU A CG  1 
ATOM   454 C CD  A GLU A 1 38 ? -4.877  -2.149  5.600   0.62 13.79 ? 38  GLU A CD  1 
ATOM   455 C CD  B GLU A 1 38 ? -4.822  -2.063  5.664   0.38 13.66 ? 38  GLU A CD  1 
ATOM   456 O OE1 A GLU A 1 38 ? -3.847  -2.841  5.756   0.62 14.36 ? 38  GLU A OE1 1 
ATOM   457 O OE1 B GLU A 1 38 ? -5.568  -3.066  5.573   0.38 14.09 ? 38  GLU A OE1 1 
ATOM   458 O OE2 A GLU A 1 38 ? -5.943  -2.327  6.248   0.62 14.06 ? 38  GLU A OE2 1 
ATOM   459 O OE2 B GLU A 1 38 ? -3.950  -1.937  6.549   0.38 15.64 ? 38  GLU A OE2 1 
ATOM   460 N N   . ARG A 1 39 ? -4.092  0.951   1.997   1.00 6.10  ? 39  ARG A N   1 
ATOM   461 C CA  . ARG A 1 39 ? -2.856  1.201   1.272   1.00 6.20  ? 39  ARG A CA  1 
ATOM   462 C C   . ARG A 1 39 ? -1.756  1.477   2.270   1.00 6.92  ? 39  ARG A C   1 
ATOM   463 O O   . ARG A 1 39 ? -1.971  2.192   3.252   1.00 7.61  ? 39  ARG A O   1 
ATOM   464 C CB  . ARG A 1 39 ? -3.018  2.443   0.385   1.00 6.35  ? 39  ARG A CB  1 
ATOM   465 C CG  . ARG A 1 39 ? -4.041  2.274   -0.734  1.00 6.52  ? 39  ARG A CG  1 
ATOM   466 C CD  . ARG A 1 39 ? -4.161  3.575   -1.538  1.00 7.16  ? 39  ARG A CD  1 
ATOM   467 N NE  . ARG A 1 39 ? -5.198  3.551   -2.559  1.00 6.40  ? 39  ARG A NE  1 
ATOM   468 C CZ  . ARG A 1 39 ? -6.488  3.746   -2.312  1.00 6.25  ? 39  ARG A CZ  1 
ATOM   469 N NH1 . ARG A 1 39 ? -6.925  3.963   -1.083  1.00 6.35  ? 39  ARG A NH1 1 
ATOM   470 N NH2 . ARG A 1 39 ? -7.363  3.718   -3.303  1.00 7.32  ? 39  ARG A NH2 1 
ATOM   471 N N   . GLY A 1 40 ? -0.559  0.965   2.031   1.00 6.76  ? 40  GLY A N   1 
ATOM   472 C CA  . GLY A 1 40 ? 0.522   1.272   2.956   1.00 7.68  ? 40  GLY A CA  1 
ATOM   473 C C   . GLY A 1 40 ? 1.844   0.709   2.488   1.00 8.50  ? 40  GLY A C   1 
ATOM   474 O O   . GLY A 1 40 ? 2.042   0.451   1.318   1.00 8.52  ? 40  GLY A O   1 
ATOM   475 N N   . CYS A 1 41 ? 2.759   0.611   3.446   1.00 9.59  ? 41  CYS A N   1 
ATOM   476 C CA  A CYS A 1 41 ? 4.114   0.077   3.296   0.73 10.02 ? 41  CYS A CA  1 
ATOM   477 C CA  B CYS A 1 41 ? 4.052   0.055   3.106   0.27 11.15 ? 41  CYS A CA  1 
ATOM   478 C C   . CYS A 1 41 ? 4.159   -1.429  3.460   1.00 10.56 ? 41  CYS A C   1 
ATOM   479 O O   . CYS A 1 41 ? 3.459   -1.954  4.318   0.97 11.53 ? 41  CYS A O   1 
ATOM   480 C CB  A CYS A 1 41 ? 5.031   0.722   4.339   0.73 11.28 ? 41  CYS A CB  1 
ATOM   481 C CB  B CYS A 1 41 ? 5.196   0.914   3.661   0.27 13.13 ? 41  CYS A CB  1 
ATOM   482 S SG  A CYS A 1 41 ? 5.181   2.510   4.140   0.73 13.36 ? 41  CYS A SG  1 
ATOM   483 S SG  B CYS A 1 41 ? 5.298   2.561   2.856   0.27 14.09 ? 41  CYS A SG  1 
ATOM   484 N N   A GLY A 1 42 ? 5.006   -2.075  2.666   0.50 11.79 ? 42  GLY A N   1 
ATOM   485 N N   B GLY A 1 42 ? 5.072   -2.097  2.767   0.50 11.49 ? 42  GLY A N   1 
ATOM   486 C CA  A GLY A 1 42 ? 5.195   -3.512  2.745   0.50 11.31 ? 42  GLY A CA  1 
ATOM   487 C CA  B GLY A 1 42 ? 5.188   -3.543  2.865   0.50 10.77 ? 42  GLY A CA  1 
ATOM   488 C C   A GLY A 1 42 ? 4.269   -4.246  1.816   0.50 9.92  ? 42  GLY A C   1 
ATOM   489 C C   B GLY A 1 42 ? 4.267   -4.237  1.888   0.50 9.19  ? 42  GLY A C   1 
ATOM   490 O O   A GLY A 1 42 ? 3.652   -3.664  0.928   0.50 10.63 ? 42  GLY A O   1 
ATOM   491 O O   B GLY A 1 42 ? 3.655   -3.614  1.030   0.50 9.25  ? 42  GLY A O   1 
ATOM   492 N N   . CYS A 1 43 ? 4.167   -5.554  2.031   1.00 9.47  ? 43  CYS A N   1 
ATOM   493 C CA  . CYS A 1 43 ? 3.331   -6.375  1.185   1.00 9.34  ? 43  CYS A CA  1 
ATOM   494 C C   . CYS A 1 43 ? 2.973   -7.627  1.971   1.00 8.90  ? 43  CYS A C   1 
ATOM   495 O O   . CYS A 1 43 ? 3.858   -8.434  2.256   1.00 9.94  ? 43  CYS A O   1 
ATOM   496 C CB  . CYS A 1 43 ? 4.111   -6.741  -0.083  1.00 11.56 ? 43  CYS A CB  1 
ATOM   497 S SG  . CYS A 1 43 ? 3.234   -7.797  -1.271  1.00 11.85 ? 43  CYS A SG  1 
ATOM   498 N N   . PRO A 1 44 ? 1.701   -7.781  2.351   1.00 7.24  ? 44  PRO A N   1 
ATOM   499 C CA  . PRO A 1 44 ? 1.255   -8.962  3.097   1.00 7.31  ? 44  PRO A CA  1 
ATOM   500 C C   . PRO A 1 44 ? 1.039   -10.128 2.139   1.00 6.66  ? 44  PRO A C   1 
ATOM   501 O O   . PRO A 1 44 ? 1.095   -9.969  0.919   1.00 6.86  ? 44  PRO A O   1 
ATOM   502 C CB  . PRO A 1 44 ? -0.058  -8.508  3.722   1.00 8.29  ? 44  PRO A CB  1 
ATOM   503 C CG  . PRO A 1 44 ? -0.611  -7.537  2.708   1.00 8.83  ? 44  PRO A CG  1 
ATOM   504 C CD  . PRO A 1 44 ? 0.604   -6.823  2.131   1.00 8.48  ? 44  PRO A CD  1 
ATOM   505 N N   . THR A 1 45 ? 0.799   -11.312 2.688   1.00 6.89  ? 45  THR A N   1 
ATOM   506 C CA  . THR A 1 45 ? 0.514   -12.502 1.882   1.00 6.78  ? 45  THR A CA  1 
ATOM   507 C C   . THR A 1 45 ? -0.842  -12.401 1.176   1.00 6.38  ? 45  THR A C   1 
ATOM   508 O O   . THR A 1 45 ? -1.751  -11.705 1.629   1.00 7.20  ? 45  THR A O   1 
ATOM   509 C CB  . THR A 1 45 ? 0.529   -13.761 2.742   1.00 7.97  ? 45  THR A CB  1 
ATOM   510 O OG1 . THR A 1 45 ? -0.433  -13.591 3.778   1.00 8.98  ? 45  THR A OG1 1 
ATOM   511 C CG2 . THR A 1 45 ? 1.930   -13.999 3.345   1.00 8.76  ? 45  THR A CG2 1 
ATOM   512 N N   . VAL A 1 46 ? -0.942  -13.110 0.058   1.00 6.68  ? 46  VAL A N   1 
ATOM   513 C CA  . VAL A 1 46 ? -2.186  -13.260 -0.691  1.00 7.71  ? 46  VAL A CA  1 
ATOM   514 C C   . VAL A 1 46 ? -3.196  -14.076 0.119   1.00 7.88  ? 46  VAL A C   1 
ATOM   515 O O   . VAL A 1 46 ? -2.859  -15.166 0.624   1.00 10.33 ? 46  VAL A O   1 
ATOM   516 C CB  . VAL A 1 46 ? -1.878  -13.925 -2.056  1.00 9.50  ? 46  VAL A CB  1 
ATOM   517 C CG1 . VAL A 1 46 ? -3.147  -14.393 -2.761  1.00 11.29 ? 46  VAL A CG1 1 
ATOM   518 C CG2 . VAL A 1 46 ? -1.087  -12.965 -2.949  1.00 10.39 ? 46  VAL A CG2 1 
ATOM   519 N N   A LYS A 1 47 ? -4.410  -13.548 0.241   0.64 7.42  ? 47  LYS A N   1 
ATOM   520 N N   D LYS A 1 47 ? -4.422  -13.581 0.238   0.36 8.60  ? 47  LYS A N   1 
ATOM   521 C CA  A LYS A 1 47 ? -5.465  -14.180 1.019   0.64 8.38  ? 47  LYS A CA  1 
ATOM   522 C CA  D LYS A 1 47 ? -5.429  -14.232 1.072   0.36 10.22 ? 47  LYS A CA  1 
ATOM   523 C C   A LYS A 1 47 ? -6.731  -14.277 0.198   0.64 8.21  ? 47  LYS A C   1 
ATOM   524 C C   D LYS A 1 47 ? -6.789  -14.217 0.395   0.36 8.91  ? 47  LYS A C   1 
ATOM   525 O O   A LYS A 1 47 ? -7.025  -13.394 -0.609  0.64 7.10  ? 47  LYS A O   1 
ATOM   526 O O   D LYS A 1 47 ? -7.209  -13.183 -0.105  0.36 7.99  ? 47  LYS A O   1 
ATOM   527 C CB  A LYS A 1 47 ? -5.754  -13.373 2.284   0.64 9.19  ? 47  LYS A CB  1 
ATOM   528 C CB  D LYS A 1 47 ? -5.524  -13.520 2.418   0.36 12.94 ? 47  LYS A CB  1 
ATOM   529 C CG  A LYS A 1 47 ? -4.610  -13.370 3.288   0.64 11.02 ? 47  LYS A CG  1 
ATOM   530 C CG  D LYS A 1 47 ? -6.623  -14.036 3.319   0.36 15.26 ? 47  LYS A CG  1 
ATOM   531 C CD  A LYS A 1 47 ? -4.151  -14.769 3.675   0.64 15.20 ? 47  LYS A CD  1 
ATOM   532 C CD  D LYS A 1 47 ? -6.708  -13.210 4.587   0.36 17.43 ? 47  LYS A CD  1 
ATOM   533 C CE  A LYS A 1 47 ? -5.282  -15.601 4.243   0.64 19.18 ? 47  LYS A CE  1 
ATOM   534 C CE  D LYS A 1 47 ? -7.811  -13.696 5.507   0.36 18.75 ? 47  LYS A CE  1 
ATOM   535 N NZ  A LYS A 1 47 ? -5.182  -15.789 5.715   0.64 21.88 ? 47  LYS A NZ  1 
ATOM   536 N NZ  D LYS A 1 47 ? -8.007  -12.749 6.637   0.36 19.87 ? 47  LYS A NZ  1 
ATOM   537 N N   . PRO A 1 48 ? -7.488  -15.368 0.380   1.00 8.53  ? 48  PRO A N   1 
ATOM   538 C CA  . PRO A 1 48 ? -8.756  -15.443 -0.352  1.00 8.83  ? 48  PRO A CA  1 
ATOM   539 C C   . PRO A 1 48 ? -9.737  -14.366 0.112   1.00 9.13  ? 48  PRO A C   1 
ATOM   540 O O   . PRO A 1 48 ? -9.788  -14.031 1.289   1.00 10.46 ? 48  PRO A O   1 
ATOM   541 C CB  . PRO A 1 48 ? -9.277  -16.869 -0.045  1.00 10.40 ? 48  PRO A CB  1 
ATOM   542 C CG  . PRO A 1 48 ? -8.071  -17.611 0.496   1.00 13.39 ? 48  PRO A CG  1 
ATOM   543 C CD  . PRO A 1 48 ? -7.215  -16.583 1.172   1.00 10.81 ? 48  PRO A CD  1 
ATOM   544 N N   . GLY A 1 49 ? -10.475 -13.803 -0.833  1.00 9.87  ? 49  GLY A N   1 
ATOM   545 C CA  . GLY A 1 49 ? -11.443 -12.762 -0.510  1.00 10.62 ? 49  GLY A CA  1 
ATOM   546 C C   . GLY A 1 49 ? -10.855 -11.364 -0.529  1.00 10.22 ? 49  GLY A C   1 
ATOM   547 O O   . GLY A 1 49 ? -11.591 -10.381 -0.366  1.00 12.10 ? 49  GLY A O   1 
ATOM   548 N N   . ILE A 1 50 ? -9.545  -11.261 -0.733  1.00 8.59  ? 50  ILE A N   1 
ATOM   549 C CA  . ILE A 1 50 ? -8.849  -9.977  -0.758  1.00 8.58  ? 50  ILE A CA  1 
ATOM   550 C C   . ILE A 1 50 ? -8.101  -9.870  -2.061  1.00 8.32  ? 50  ILE A C   1 
ATOM   551 O O   . ILE A 1 50 ? -7.440  -10.831 -2.446  1.00 9.82  ? 50  ILE A O   1 
ATOM   552 C CB  . ILE A 1 50 ? -7.862  -9.860  0.428   1.00 9.06  ? 50  ILE A CB  1 
ATOM   553 C CG1 . ILE A 1 50 ? -8.601  -10.008 1.761   1.00 11.77 ? 50  ILE A CG1 1 
ATOM   554 C CG2 . ILE A 1 50 ? -7.100  -8.532  0.361   1.00 9.83  ? 50  ILE A CG2 1 
ATOM   555 C CD1 . ILE A 1 50 ? -7.711  -9.883  2.970   1.00 13.69 ? 50  ILE A CD1 1 
ATOM   556 N N   . LYS A 1 51 ? -8.221  -8.743  -2.756  1.00 7.98  ? 51  LYS A N   1 
ATOM   557 C CA  . LYS A 1 51 ? -7.421  -8.459  -3.930  1.00 8.07  ? 51  LYS A CA  1 
ATOM   558 C C   . LYS A 1 51 ? -6.206  -7.621  -3.537  1.00 7.76  ? 51  LYS A C   1 
ATOM   559 O O   . LYS A 1 51 ? -6.357  -6.507  -3.020  1.00 10.12 ? 51  LYS A O   1 
ATOM   560 C CB  . LYS A 1 51 ? -8.259  -7.705  -4.971  1.00 11.14 ? 51  LYS A CB  1 
ATOM   561 C CG  . LYS A 1 51 ? -7.471  -7.291  -6.184  1.00 14.98 ? 51  LYS A CG  1 
ATOM   562 C CD  . LYS A 1 51 ? -8.293  -6.401  -7.107  1.00 20.47 ? 51  LYS A CD  1 
ATOM   563 C CE  . LYS A 1 51 ? -7.403  -5.601  -8.049  1.00 24.48 ? 51  LYS A CE  1 
ATOM   564 N NZ  . LYS A 1 51 ? -6.448  -6.468  -8.799  1.00 27.18 ? 51  LYS A NZ  1 
ATOM   565 N N   . LEU A 1 52 ? -5.017  -8.131  -3.781  1.00 7.12  ? 52  LEU A N   1 
ATOM   566 C CA  . LEU A 1 52 ? -3.797  -7.488  -3.350  1.00 7.15  ? 52  LEU A CA  1 
ATOM   567 C C   . LEU A 1 52 ? -2.923  -7.109  -4.532  1.00 7.93  ? 52  LEU A C   1 
ATOM   568 O O   . LEU A 1 52 ? -2.745  -7.908  -5.464  1.00 9.35  ? 52  LEU A O   1 
ATOM   569 C CB  . LEU A 1 52 ? -3.002  -8.442  -2.451  1.00 8.14  ? 52  LEU A CB  1 
ATOM   570 C CG  . LEU A 1 52 ? -1.627  -7.948  -1.999  1.00 9.22  ? 52  LEU A CG  1 
ATOM   571 C CD1 . LEU A 1 52 ? -1.748  -6.813  -1.003  1.00 9.78  ? 52  LEU A CD1 1 
ATOM   572 C CD2 . LEU A 1 52 ? -0.833  -9.115  -1.384  1.00 10.57 ? 52  LEU A CD2 1 
ATOM   573 N N   A ASN A 1 53 ? -2.371  -5.904  -4.496  0.91 7.79  ? 53  ASN A N   1 
ATOM   574 N N   B ASN A 1 53 ? -2.318  -5.925  -4.472  0.09 8.74  ? 53  ASN A N   1 
ATOM   575 C CA  A ASN A 1 53 ? -1.302  -5.543  -5.421  0.91 9.95  ? 53  ASN A CA  1 
ATOM   576 C CA  B ASN A 1 53 ? -1.314  -5.519  -5.456  0.09 9.68  ? 53  ASN A CA  1 
ATOM   577 C C   A ASN A 1 53 ? -0.147  -4.972  -4.626  0.91 9.80  ? 53  ASN A C   1 
ATOM   578 C C   B ASN A 1 53 ? -0.132  -4.822  -4.789  0.09 9.58  ? 53  ASN A C   1 
ATOM   579 O O   A ASN A 1 53 ? -0.356  -4.189  -3.695  0.91 11.12 ? 53  ASN A O   1 
ATOM   580 O O   B ASN A 1 53 ? -0.314  -3.796  -4.135  0.09 9.10  ? 53  ASN A O   1 
ATOM   581 C CB  A ASN A 1 53 ? -1.768  -4.504  -6.445  0.91 13.96 ? 53  ASN A CB  1 
ATOM   582 C CB  B ASN A 1 53 ? -1.926  -4.580  -6.497  0.09 10.90 ? 53  ASN A CB  1 
ATOM   583 C CG  A ASN A 1 53 ? -2.799  -5.052  -7.407  0.91 16.16 ? 53  ASN A CG  1 
ATOM   584 C CG  B ASN A 1 53 ? -2.851  -5.294  -7.459  0.09 11.60 ? 53  ASN A CG  1 
ATOM   585 O OD1 A ASN A 1 53 ? -3.998  -5.066  -7.118  0.91 17.40 ? 53  ASN A OD1 1 
ATOM   586 O OD1 B ASN A 1 53 ? -2.752  -6.505  -7.650  0.09 12.20 ? 53  ASN A OD1 1 
ATOM   587 N ND2 A ASN A 1 53 ? -2.337  -5.498  -8.575  0.91 18.78 ? 53  ASN A ND2 1 
ATOM   588 N ND2 B ASN A 1 53 ? -3.753  -4.541  -8.080  0.09 11.79 ? 53  ASN A ND2 1 
ATOM   589 N N   . CYS A 1 54 ? 1.074   -5.369  -4.957  1.00 10.10 ? 54  CYS A N   1 
ATOM   590 C CA  . CYS A 1 54 ? 2.267   -4.774  -4.366  1.00 11.29 ? 54  CYS A CA  1 
ATOM   591 C C   . CYS A 1 54 ? 3.175   -4.234  -5.469  1.00 13.30 ? 54  CYS A C   1 
ATOM   592 O O   . CYS A 1 54 ? 3.215   -4.786  -6.566  1.00 15.11 ? 54  CYS A O   1 
ATOM   593 C CB  . CYS A 1 54 ? 3.014   -5.803  -3.523  1.00 12.30 ? 54  CYS A CB  1 
ATOM   594 S SG  . CYS A 1 54 ? 1.998   -6.427  -2.170  1.00 11.45 ? 54  CYS A SG  1 
ATOM   595 N N   A CYS A 1 55 ? 4.058   -3.320  -5.038  0.48 12.30 ? 55  CYS A N   1 
ATOM   596 N N   B CYS A 1 55 ? 3.698   -3.034  -5.297  0.52 12.98 ? 55  CYS A N   1 
ATOM   597 C CA  A CYS A 1 55 ? 5.059   -2.667  -5.885  0.48 12.56 ? 55  CYS A CA  1 
ATOM   598 C CA  B CYS A 1 55 ? 4.427   -2.391  -6.389  0.52 13.52 ? 55  CYS A CA  1 
ATOM   599 C C   A CYS A 1 55 ? 6.238   -2.124  -5.069  0.48 11.94 ? 55  CYS A C   1 
ATOM   600 C C   B CYS A 1 55 ? 5.640   -1.736  -5.762  0.52 14.52 ? 55  CYS A C   1 
ATOM   601 O O   A CYS A 1 55 ? 6.191   -2.036  -3.839  0.48 11.39 ? 55  CYS A O   1 
ATOM   602 O O   B CYS A 1 55 ? 5.689   -1.568  -4.552  0.52 15.44 ? 55  CYS A O   1 
ATOM   603 C CB  A CYS A 1 55 ? 4.406   -1.536  -6.672  0.48 13.45 ? 55  CYS A CB  1 
ATOM   604 C CB  B CYS A 1 55 ? 3.535   -1.392  -7.137  0.52 14.63 ? 55  CYS A CB  1 
ATOM   605 S SG  A CYS A 1 55 ? 3.414   -0.396  -5.652  0.48 13.34 ? 55  CYS A SG  1 
ATOM   606 S SG  B CYS A 1 55 ? 2.624   -0.227  -6.104  0.52 14.71 ? 55  CYS A SG  1 
ATOM   607 N N   A THR A 1 56 ? 7.301   -1.731  -5.767  0.48 12.43 ? 56  THR A N   1 
ATOM   608 N N   B THR A 1 56 ? 6.638   -1.385  -6.573  0.52 15.68 ? 56  THR A N   1 
ATOM   609 C CA  A THR A 1 56 ? 8.552   -1.388  -5.104  0.48 14.00 ? 56  THR A CA  1 
ATOM   610 C CA  B THR A 1 56 ? 7.933   -0.994  -6.017  0.52 16.64 ? 56  THR A CA  1 
ATOM   611 C C   A THR A 1 56 ? 9.143   -0.013  -5.463  0.48 15.53 ? 56  THR A C   1 
ATOM   612 C C   B THR A 1 56 ? 8.412   0.395   -6.419  0.52 16.86 ? 56  THR A C   1 
ATOM   613 O O   A THR A 1 56 ? 10.350  0.194   -5.321  0.48 16.62 ? 56  THR A O   1 
ATOM   614 O O   B THR A 1 56 ? 9.605   0.682   -6.334  0.52 17.07 ? 56  THR A O   1 
ATOM   615 C CB  A THR A 1 56 ? 9.615   -2.487  -5.337  0.48 14.25 ? 56  THR A CB  1 
ATOM   616 C CB  B THR A 1 56 ? 9.036   -1.985  -6.408  0.52 17.95 ? 56  THR A CB  1 
ATOM   617 O OG1 A THR A 1 56 ? 9.848   -2.639  -6.742  0.48 14.79 ? 56  THR A OG1 1 
ATOM   618 O OG1 B THR A 1 56 ? 9.288   -1.876  -7.811  0.52 19.27 ? 56  THR A OG1 1 
ATOM   619 C CG2 A THR A 1 56 ? 9.136   -3.815  -4.768  0.48 13.97 ? 56  THR A CG2 1 
ATOM   620 C CG2 B THR A 1 56 ? 8.624   -3.410  -6.075  0.52 17.87 ? 56  THR A CG2 1 
ATOM   621 N N   A THR A 1 57 ? 8.303   0.921   -5.907  0.48 15.06 ? 57  THR A N   1 
ATOM   622 N N   B THR A 1 57 ? 7.503   1.252   -6.863  0.52 17.34 ? 57  THR A N   1 
ATOM   623 C CA  A THR A 1 57 ? 8.754   2.297   -6.147  0.48 15.71 ? 57  THR A CA  1 
ATOM   624 C CA  B THR A 1 57 ? 7.888   2.619   -7.205  0.52 17.89 ? 57  THR A CA  1 
ATOM   625 C C   A THR A 1 57 ? 7.889   3.345   -5.440  0.48 15.79 ? 57  THR A C   1 
ATOM   626 C C   B THR A 1 57 ? 7.071   3.624   -6.416  0.52 17.68 ? 57  THR A C   1 
ATOM   627 O O   A THR A 1 57 ? 6.733   3.098   -5.123  0.48 14.53 ? 57  THR A O   1 
ATOM   628 O O   B THR A 1 57 ? 5.932   3.359   -6.031  0.52 18.31 ? 57  THR A O   1 
ATOM   629 C CB  A THR A 1 57 ? 8.831   2.639   -7.646  0.48 16.08 ? 57  THR A CB  1 
ATOM   630 C CB  B THR A 1 57 ? 7.749   2.905   -8.714  0.52 19.75 ? 57  THR A CB  1 
ATOM   631 O OG1 A THR A 1 57 ? 7.530   2.533   -8.236  0.48 16.56 ? 57  THR A OG1 1 
ATOM   632 O OG1 B THR A 1 57 ? 6.398   2.682   -9.133  0.52 21.55 ? 57  THR A OG1 1 
ATOM   633 C CG2 A THR A 1 57 ? 9.804   1.717   -8.357  0.48 15.80 ? 57  THR A CG2 1 
ATOM   634 C CG2 B THR A 1 57 ? 8.683   2.009   -9.515  0.52 19.63 ? 57  THR A CG2 1 
ATOM   635 N N   A ASP A 1 58 ? 8.459   4.523   -5.213  0.48 16.93 ? 58  ASP A N   1 
ATOM   636 N N   B ASP A 1 58 ? 7.664   4.782   -6.167  0.52 17.75 ? 58  ASP A N   1 
ATOM   637 C CA  A ASP A 1 58 ? 7.796   5.579   -4.454  0.48 17.72 ? 58  ASP A CA  1 
ATOM   638 C CA  B ASP A 1 58 ? 7.011   5.815   -5.383  0.52 17.74 ? 58  ASP A CA  1 
ATOM   639 C C   A ASP A 1 58 ? 6.361   5.817   -4.891  0.48 17.26 ? 58  ASP A C   1 
ATOM   640 C C   B ASP A 1 58 ? 5.549   5.997   -5.766  0.52 17.66 ? 58  ASP A C   1 
ATOM   641 O O   A ASP A 1 58 ? 6.094   6.008   -6.079  0.48 17.13 ? 58  ASP A O   1 
ATOM   642 O O   B ASP A 1 58 ? 5.228   6.134   -6.941  0.52 17.32 ? 58  ASP A O   1 
ATOM   643 C CB  A ASP A 1 58 ? 8.571   6.889   -4.604  0.48 18.36 ? 58  ASP A CB  1 
ATOM   644 C CB  B ASP A 1 58 ? 7.751   7.140   -5.555  0.52 18.40 ? 58  ASP A CB  1 
ATOM   645 C CG  A ASP A 1 58 ? 9.774   6.971   -3.685  0.48 19.45 ? 58  ASP A CG  1 
ATOM   646 C CG  B ASP A 1 58 ? 9.046   7.195   -4.764  0.52 19.66 ? 58  ASP A CG  1 
ATOM   647 O OD1 A ASP A 1 58 ? 9.822   6.234   -2.681  0.48 19.21 ? 58  ASP A OD1 1 
ATOM   648 O OD1 B ASP A 1 58 ? 9.225   6.371   -3.848  0.52 19.05 ? 58  ASP A OD1 1 
ATOM   649 O OD2 A ASP A 1 58 ? 10.675  7.790   -3.959  0.48 20.66 ? 58  ASP A OD2 1 
ATOM   650 O OD2 B ASP A 1 58 ? 9.885   8.079   -5.045  0.52 20.74 ? 58  ASP A OD2 1 
ATOM   651 N N   A LYS A 1 59 ? 5.442   5.818   -3.926  0.48 16.55 ? 59  LYS A N   1 
ATOM   652 N N   B LYS A 1 59 ? 4.676   5.968   -4.762  0.52 16.61 ? 59  LYS A N   1 
ATOM   653 C CA  A LYS A 1 59 ? 4.054   6.195   -4.187  0.48 16.62 ? 59  LYS A CA  1 
ATOM   654 C CA  B LYS A 1 59 ? 3.259   6.287   -4.932  0.52 17.06 ? 59  LYS A CA  1 
ATOM   655 C C   A LYS A 1 59 ? 3.408   5.343   -5.278  0.48 15.12 ? 59  LYS A C   1 
ATOM   656 C C   B LYS A 1 59 ? 2.557   5.424   -5.962  0.52 16.64 ? 59  LYS A C   1 
ATOM   657 O O   A LYS A 1 59 ? 2.491   5.803   -5.943  0.48 15.58 ? 59  LYS A O   1 
ATOM   658 O O   B LYS A 1 59 ? 1.587   5.861   -6.581  0.52 17.48 ? 59  LYS A O   1 
ATOM   659 C CB  A LYS A 1 59 ? 3.957   7.682   -4.578  0.48 18.37 ? 59  LYS A CB  1 
ATOM   660 C CB  B LYS A 1 59 ? 3.089   7.750   -5.324  0.52 18.89 ? 59  LYS A CB  1 
ATOM   661 C CG  A LYS A 1 59 ? 4.037   8.655   -3.413  0.48 20.03 ? 59  LYS A CG  1 
ATOM   662 C CG  B LYS A 1 59 ? 3.612   8.718   -4.309  0.52 20.75 ? 59  LYS A CG  1 
ATOM   663 C CD  A LYS A 1 59 ? 4.094   10.111  -3.891  0.48 21.29 ? 59  LYS A CD  1 
ATOM   664 C CD  B LYS A 1 59 ? 3.890   10.054  -4.965  0.52 22.68 ? 59  LYS A CD  1 
ATOM   665 C CE  A LYS A 1 59 ? 2.873   10.507  -4.714  0.48 21.94 ? 59  LYS A CE  1 
ATOM   666 C CE  B LYS A 1 59 ? 4.770   10.897  -4.085  0.52 23.88 ? 59  LYS A CE  1 
ATOM   667 N NZ  A LYS A 1 59 ? 3.019   11.873  -5.306  0.48 22.83 ? 59  LYS A NZ  1 
ATOM   668 N NZ  B LYS A 1 59 ? 4.757   12.332  -4.463  0.52 24.37 ? 59  LYS A NZ  1 
ATOM   669 N N   A CYS A 1 60 ? 3.873   4.105   -5.437  0.48 13.55 ? 60  CYS A N   1 
ATOM   670 N N   B CYS A 1 60 ? 3.035   4.198   -6.143  0.52 15.11 ? 60  CYS A N   1 
ATOM   671 C CA  A CYS A 1 60 ? 3.431   3.248   -6.536  0.48 13.60 ? 60  CYS A CA  1 
ATOM   672 C CA  B CYS A 1 60 ? 2.492   3.314   -7.162  0.52 14.69 ? 60  CYS A CA  1 
ATOM   673 C C   A CYS A 1 60 ? 2.052   2.616   -6.330  0.48 13.66 ? 60  CYS A C   1 
ATOM   674 C C   B CYS A 1 60 ? 1.143   2.696   -6.780  0.52 13.80 ? 60  CYS A C   1 
ATOM   675 O O   A CYS A 1 60 ? 1.475   2.050   -7.263  0.48 14.46 ? 60  CYS A O   1 
ATOM   676 O O   B CYS A 1 60 ? 0.467   2.131   -7.626  0.52 14.68 ? 60  CYS A O   1 
ATOM   677 C CB  A CYS A 1 60 ? 4.472   2.155   -6.804  0.48 13.88 ? 60  CYS A CB  1 
ATOM   678 C CB  B CYS A 1 60 ? 3.501   2.205   -7.466  0.52 14.79 ? 60  CYS A CB  1 
ATOM   679 S SG  A CYS A 1 60 ? 4.790   1.054   -5.387  0.48 12.91 ? 60  CYS A SG  1 
ATOM   680 S SG  B CYS A 1 60 ? 4.007   1.257   -6.004  0.52 14.80 ? 60  CYS A SG  1 
ATOM   681 N N   A ASN A 1 61 ? 1.523   2.715   -5.112  0.48 12.29 ? 61  ASN A N   1 
ATOM   682 N N   B ASN A 1 61 ? 0.767   2.796   -5.506  0.52 12.47 ? 61  ASN A N   1 
ATOM   683 C CA  A ASN A 1 61 ? 0.290   2.016   -4.739  0.48 11.51 ? 61  ASN A CA  1 
ATOM   684 C CA  B ASN A 1 61 ? -0.362  2.036   -4.956  0.52 11.64 ? 61  ASN A CA  1 
ATOM   685 C C   A ASN A 1 61 ? -0.990  2.880   -4.702  0.48 13.03 ? 61  ASN A C   1 
ATOM   686 C C   B ASN A 1 61 ? -1.594  2.884   -4.719  0.52 12.88 ? 61  ASN A C   1 
ATOM   687 O O   A ASN A 1 61 ? -1.707  2.851   -3.709  0.48 13.86 ? 61  ASN A O   1 
ATOM   688 O O   B ASN A 1 61 ? -2.515  2.490   -4.007  0.52 12.43 ? 61  ASN A O   1 
ATOM   689 C CB  A ASN A 1 61 ? 0.494   1.327   -3.375  0.48 10.03 ? 61  ASN A CB  1 
ATOM   690 C CB  B ASN A 1 61 ? 0.037   1.402   -3.629  0.52 10.38 ? 61  ASN A CB  1 
ATOM   691 C CG  A ASN A 1 61 ? 0.762   2.332   -2.239  0.48 8.71  ? 61  ASN A CG  1 
ATOM   692 C CG  B ASN A 1 61 ? 0.418   2.437   -2.594  0.52 9.68  ? 61  ASN A CG  1 
ATOM   693 O OD1 A ASN A 1 61 ? 1.458   3.340   -2.429  0.48 8.02  ? 61  ASN A OD1 1 
ATOM   694 O OD1 B ASN A 1 61 ? 0.826   3.552   -2.946  0.52 9.11  ? 61  ASN A OD1 1 
ATOM   695 N ND2 A ASN A 1 61 ? 0.208   2.061   -1.065  0.48 8.52  ? 61  ASN A ND2 1 
ATOM   696 N ND2 B ASN A 1 61 ? 0.318   2.082   -1.324  0.52 9.30  ? 61  ASN A ND2 1 
ATOM   697 N N   . ASN A 1 62 ? -1.315  3.643   -5.752  0.95 16.22 ? 62  ASN A N   1 
ATOM   698 C CA  A ASN A 1 62 ? -2.527  4.457   -5.641  0.50 18.68 ? 62  ASN A CA  1 
ATOM   699 C CA  B ASN A 1 62 ? -2.526  4.411   -5.730  0.50 28.21 ? 62  ASN A CA  1 
ATOM   700 C C   . ASN A 1 62 ? -3.766  3.663   -6.020  0.95 20.52 ? 62  ASN A C   1 
ATOM   701 O O   . ASN A 1 62 ? -4.883  4.013   -5.649  0.95 21.63 ? 62  ASN A O   1 
ATOM   702 C CB  A ASN A 1 62 ? -2.451  5.778   -6.427  0.50 19.77 ? 62  ASN A CB  1 
ATOM   703 C CB  B ASN A 1 62 ? -2.450  5.731   -6.515  0.50 29.03 ? 62  ASN A CB  1 
ATOM   704 C CG  A ASN A 1 62 ? -3.207  6.930   -5.741  0.50 18.60 ? 62  ASN A CG  1 
ATOM   705 C CG  B ASN A 1 62 ? -1.134  5.889   -7.298  0.50 28.70 ? 62  ASN A CG  1 
ATOM   706 O OD1 A ASN A 1 62 ? -3.979  6.726   -4.797  0.50 19.13 ? 62  ASN A OD1 1 
ATOM   707 O OD1 B ASN A 1 62 ? -0.783  5.063   -8.147  0.50 29.22 ? 62  ASN A OD1 1 
ATOM   708 N ND2 A ASN A 1 62 ? -2.978  8.150   -6.222  0.50 18.48 ? 62  ASN A ND2 1 
ATOM   709 N ND2 B ASN A 1 62 ? -0.405  6.965   -7.007  0.50 27.87 ? 62  ASN A ND2 1 
ATOM   710 O OXT A ASN A 1 62 ? -3.666  2.631   -6.693  0.50 21.51 ? 62  ASN A OXT 1 
ATOM   711 O OXT B ASN A 1 62 ? -3.665  2.585   -6.782  0.50 23.86 ? 62  ASN A OXT 1 
HETATM 712 C C1  . MPD B 2 .  ? 3.842   15.225  -1.384  0.95 41.29 ? 63  MPD A C1  1 
HETATM 713 C C2  . MPD B 2 .  ? 3.596   13.770  -1.745  0.95 41.50 ? 63  MPD A C2  1 
HETATM 714 O O2  . MPD B 2 .  ? 4.690   12.930  -1.604  0.95 41.97 ? 63  MPD A O2  1 
HETATM 715 C CM  . MPD B 2 .  ? 3.763   13.673  -3.270  0.95 41.64 ? 63  MPD A CM  1 
HETATM 716 C C3  . MPD B 2 .  ? 2.280   13.308  -1.044  0.95 41.24 ? 63  MPD A C3  1 
HETATM 717 C C4  . MPD B 2 .  ? 1.224   12.769  -2.039  0.95 41.44 ? 63  MPD A C4  1 
HETATM 718 O O4  . MPD B 2 .  ? -0.130  12.594  -2.103  0.95 41.67 ? 63  MPD A O4  1 
HETATM 719 C C5  . MPD B 2 .  ? 1.228   13.826  -3.105  0.95 41.57 ? 63  MPD A C5  1 
HETATM 720 C C1  . MPD C 2 .  ? -10.331 10.931  -6.739  0.95 17.73 ? 64  MPD A C1  1 
HETATM 721 C C2  . MPD C 2 .  ? -10.585 10.282  -5.409  0.95 22.03 ? 64  MPD A C2  1 
HETATM 722 O O2  . MPD C 2 .  ? -11.533 9.279   -5.636  0.95 25.53 ? 64  MPD A O2  1 
HETATM 723 C CM  . MPD C 2 .  ? -10.965 11.375  -4.437  0.95 22.65 ? 64  MPD A CM  1 
HETATM 724 C C3  . MPD C 2 .  ? -9.291  9.853   -4.778  0.95 23.92 ? 64  MPD A C3  1 
HETATM 725 C C4  . MPD C 2 .  ? -8.256  8.947   -5.369  0.95 23.45 ? 64  MPD A C4  1 
HETATM 726 O O4  . MPD C 2 .  ? -8.242  7.580   -5.079  0.95 21.23 ? 64  MPD A O4  1 
HETATM 727 C C5  . MPD C 2 .  ? -7.488  9.479   -6.550  0.95 25.09 ? 64  MPD A C5  1 
HETATM 728 C C1  . MPD D 2 .  ? 1.229   11.051  -7.782  0.95 35.77 ? 65  MPD A C1  1 
HETATM 729 C C2  . MPD D 2 .  ? 0.016   10.282  -7.309  0.95 35.98 ? 65  MPD A C2  1 
HETATM 730 O O2  . MPD D 2 .  ? 0.411   9.116   -6.762  0.95 35.20 ? 65  MPD A O2  1 
HETATM 731 C CM  . MPD D 2 .  ? -1.068  10.162  -8.369  0.95 36.03 ? 65  MPD A CM  1 
HETATM 732 C C3  . MPD D 2 .  ? -0.395  11.163  -6.184  0.95 36.75 ? 65  MPD A C3  1 
HETATM 733 C C4  . MPD D 2 .  ? -1.789  11.119  -5.647  0.95 37.91 ? 65  MPD A C4  1 
HETATM 734 O O4  . MPD D 2 .  ? -2.033  12.359  -4.976  0.95 39.18 ? 65  MPD A O4  1 
HETATM 735 C C5  . MPD D 2 .  ? -2.600  11.026  -6.935  0.95 38.58 ? 65  MPD A C5  1 
HETATM 736 S S   . SO4 E 3 .  ? -0.681  5.677   8.475   1.00 46.46 ? 66  SO4 A S   1 
HETATM 737 O O1  . SO4 E 3 .  ? 0.462   6.549   8.230   1.00 46.56 ? 66  SO4 A O1  1 
HETATM 738 O O2  . SO4 E 3 .  ? -0.484  4.991   9.749   1.00 47.15 ? 66  SO4 A O2  1 
HETATM 739 O O3  . SO4 E 3 .  ? -1.902  6.485   8.516   1.00 46.45 ? 66  SO4 A O3  1 
HETATM 740 O O4  . SO4 E 3 .  ? -0.772  4.680   7.411   1.00 46.44 ? 66  SO4 A O4  1 
HETATM 741 O O   . HOH F 4 .  ? -8.085  -0.162  -6.361  1.00 39.23 ? 67  HOH A O   1 
HETATM 742 O O   . HOH F 4 .  ? 7.165   0.574   6.836   1.00 33.85 ? 68  HOH A O   1 
HETATM 743 O O   . HOH F 4 .  ? -4.553  -8.433  -7.671  1.00 37.59 ? 69  HOH A O   1 
HETATM 744 O O   . HOH F 4 .  ? 11.972  11.642  -3.235  1.00 48.46 ? 70  HOH A O   1 
HETATM 745 O O   . HOH F 4 .  ? 18.680  -0.898  8.435   1.00 33.58 ? 71  HOH A O   1 
HETATM 746 O O   . HOH F 4 .  ? 1.776   -17.452 5.805   1.00 34.97 ? 72  HOH A O   1 
HETATM 747 O O   . HOH F 4 .  ? 13.196  12.786  -1.254  1.00 41.83 ? 73  HOH A O   1 
HETATM 748 O O   . HOH F 4 .  ? 15.016  -4.956  3.230   1.00 38.77 ? 74  HOH A O   1 
HETATM 749 O O   . HOH F 4 .  ? -4.898  -1.781  -9.346  1.00 47.25 ? 75  HOH A O   1 
HETATM 750 O O   . HOH F 4 .  ? 12.481  9.215   -5.801  1.00 48.16 ? 76  HOH A O   1 
HETATM 751 O O   . HOH F 4 .  ? -1.374  -17.678 3.156   1.00 39.90 ? 77  HOH A O   1 
HETATM 752 O O   . HOH F 4 .  ? 3.942   -7.165  -8.075  1.00 41.59 ? 78  HOH A O   1 
HETATM 753 O O   . HOH F 4 .  ? 1.360   -19.856 5.109   1.00 44.56 ? 79  HOH A O   1 
HETATM 754 O O   . HOH F 4 .  ? 16.314  4.185   -0.546  1.00 41.28 ? 80  HOH A O   1 
HETATM 755 O O   . HOH F 4 .  ? 0.972   -4.681  -8.756  1.00 40.76 ? 81  HOH A O   1 
HETATM 756 O O   . HOH F 4 .  ? -13.120 14.345  1.149   1.00 44.83 ? 82  HOH A O   1 
HETATM 757 O O   . HOH F 4 .  ? 0.716   -17.014 -1.649  1.00 42.98 ? 83  HOH A O   1 
HETATM 758 O O   . HOH F 4 .  ? -12.642 14.006  -2.332  1.00 48.01 ? 84  HOH A O   1 
HETATM 759 O O   . HOH F 4 .  ? -0.419  -16.027 9.409   1.00 44.34 ? 85  HOH A O   1 
HETATM 760 O O   . HOH F 4 .  ? -16.157 -8.631  9.087   1.00 46.84 ? 86  HOH A O   1 
HETATM 761 O O   . HOH F 4 .  ? 0.571   -1.736  -8.285  1.00 47.71 ? 87  HOH A O   1 
HETATM 762 O O   . HOH F 4 .  ? 2.250   -11.345 -1.146  1.00 9.88  ? 88  HOH A O   1 
HETATM 763 O O   . HOH F 4 .  ? 1.502   -7.760  -6.524  1.00 23.14 ? 89  HOH A O   1 
HETATM 764 O O   . HOH F 4 .  ? 2.102   0.871   6.299   1.00 32.53 ? 90  HOH A O   1 
HETATM 765 O O   . HOH F 4 .  ? -0.452  0.061   6.503   1.00 21.42 ? 91  HOH A O   1 
HETATM 766 O O   . HOH F 4 .  ? -2.052  7.529   -8.956  1.00 25.12 ? 92  HOH A O   1 
HETATM 767 O O   . HOH F 4 .  ? -3.632  8.161   7.814   1.00 45.94 ? 93  HOH A O   1 
HETATM 768 O O   . HOH F 4 .  ? -16.654 -6.395  10.919  1.00 54.75 ? 94  HOH A O   1 
HETATM 769 O O   . HOH F 4 .  ? 5.805   0.220   -11.608 1.00 54.94 ? 95  HOH A O   1 
HETATM 770 O O   . HOH F 4 .  ? 8.220   -6.181  -7.121  1.00 47.81 ? 96  HOH A O   1 
HETATM 771 O O   . HOH F 4 .  ? -0.368  2.409   9.981   1.00 42.08 ? 97  HOH A O   1 
HETATM 772 O O   . HOH F 4 .  ? -8.926  -14.450 3.838   1.00 30.77 ? 98  HOH A O   1 
HETATM 773 O O   . HOH F 4 .  ? -5.048  2.680   4.129   1.00 10.02 ? 99  HOH A O   1 
HETATM 774 O O   . HOH F 4 .  ? -7.231  11.469  2.720   1.00 13.83 ? 100 HOH A O   1 
HETATM 775 O O   . HOH F 4 .  ? -2.132  -11.489 4.780   1.00 10.83 ? 101 HOH A O   1 
HETATM 776 O O   . HOH F 4 .  ? -8.171  7.051   -2.546  1.00 7.46  ? 102 HOH A O   1 
HETATM 777 O O   . HOH F 4 .  ? -3.932  -9.996  1.105   1.00 11.12 ? 103 HOH A O   1 
HETATM 778 O O   . HOH F 4 .  ? -1.742  2.588   5.956   1.00 29.37 ? 104 HOH A O   1 
HETATM 779 O O   . HOH F 4 .  ? -4.923  -11.211 -1.318  1.00 9.60  ? 105 HOH A O   1 
HETATM 780 O O   . HOH F 4 .  ? -7.720  7.481   4.858   1.00 15.76 ? 106 HOH A O   1 
HETATM 781 O O   . HOH F 4 .  ? 2.451   10.821  6.469   1.00 22.49 ? 107 HOH A O   1 
HETATM 782 O O   . HOH F 4 .  ? -5.061  9.954   4.376   1.00 27.37 ? 108 HOH A O   1 
HETATM 783 O O   . HOH F 4 .  ? -14.113 -9.548  0.035   1.00 15.29 ? 109 HOH A O   1 
HETATM 784 O O   . HOH F 4 .  ? -4.058  -9.692  3.879   1.00 14.16 ? 110 HOH A O   1 
HETATM 785 O O   . HOH F 4 .  ? -0.615  -16.700 0.244   1.00 12.51 ? 111 HOH A O   1 
HETATM 786 O O   . HOH F 4 .  ? -4.642  -11.003 -4.198  1.00 13.30 ? 112 HOH A O   1 
HETATM 787 O O   . HOH F 4 .  ? -8.008  -0.804  6.817   1.00 28.72 ? 113 HOH A O   1 
HETATM 788 O O   . HOH F 4 .  ? 5.634   9.533   6.863   1.00 27.30 ? 114 HOH A O   1 
HETATM 789 O O   . HOH F 4 .  ? 6.363   0.023   -9.231  1.00 38.97 ? 115 HOH A O   1 
HETATM 790 O O   . HOH F 4 .  ? 11.246  4.655   -6.034  1.00 39.46 ? 116 HOH A O   1 
HETATM 791 O O   . HOH F 4 .  ? -7.294  2.822   -6.042  1.00 27.91 ? 117 HOH A O   1 
HETATM 792 O O   . HOH F 4 .  ? -0.522  -16.015 5.064   1.00 23.25 ? 118 HOH A O   1 
HETATM 793 O O   . HOH F 4 .  ? -15.295 10.725  0.962   1.00 33.69 ? 119 HOH A O   1 
HETATM 794 O O   . HOH F 4 .  ? 12.032  7.497   0.950   1.00 33.20 ? 120 HOH A O   1 
HETATM 795 O O   . HOH F 4 .  ? -13.902 -7.862  7.561   1.00 37.78 ? 121 HOH A O   1 
HETATM 796 O O   . HOH F 4 .  ? -4.389  5.842   6.627   1.00 38.32 ? 122 HOH A O   1 
HETATM 797 O O   . HOH F 4 .  ? -13.510 11.196  -1.905  1.00 28.95 ? 123 HOH A O   1 
HETATM 798 O O   . HOH F 4 .  ? 6.840   -6.986  -4.793  1.00 38.72 ? 124 HOH A O   1 
HETATM 799 O O   . HOH F 4 .  ? -1.915  1.601   -8.277  1.00 37.37 ? 125 HOH A O   1 
HETATM 800 O O   . HOH F 4 .  ? -8.565  -7.554  5.904   1.00 40.07 ? 126 HOH A O   1 
HETATM 801 O O   . HOH F 4 .  ? -19.079 -1.024  -2.370  1.00 26.71 ? 127 HOH A O   1 
HETATM 802 O O   . HOH F 4 .  ? 0.076   -1.378  -5.336  1.00 32.56 ? 128 HOH A O   1 
HETATM 803 O O   . HOH F 4 .  ? 6.957   -2.326  -8.864  1.00 34.50 ? 129 HOH A O   1 
HETATM 804 O O   . HOH F 4 .  ? -4.470  14.250  -2.838  1.00 31.88 ? 130 HOH A O   1 
HETATM 805 O O   . HOH F 4 .  ? 17.886  -0.708  6.032   1.00 34.48 ? 131 HOH A O   1 
HETATM 806 O O   . HOH F 4 .  ? -10.591 -3.094  8.909   1.00 40.72 ? 132 HOH A O   1 
HETATM 807 O O   . HOH F 4 .  ? -2.185  -10.776 -5.467  1.00 30.77 ? 133 HOH A O   1 
HETATM 808 O O   . HOH F 4 .  ? -5.231  -5.159  6.993   1.00 23.71 ? 134 HOH A O   1 
HETATM 809 O O   . HOH F 4 .  ? -7.385  9.935   4.844   1.00 30.72 ? 135 HOH A O   1 
HETATM 810 O O   . HOH F 4 .  ? -11.125 -8.686  6.482   1.00 45.50 ? 136 HOH A O   1 
HETATM 811 O O   . HOH F 4 .  ? 7.403   -5.439  5.044   1.00 29.49 ? 137 HOH A O   1 
HETATM 812 O O   . HOH F 4 .  ? 5.877   -5.835  -7.738  1.00 36.33 ? 138 HOH A O   1 
HETATM 813 O O   . HOH F 4 .  ? 12.848  5.439   5.780   1.00 41.78 ? 139 HOH A O   1 
HETATM 814 O O   . HOH F 4 .  ? 13.388  1.180   -1.899  1.00 35.61 ? 140 HOH A O   1 
HETATM 815 O O   . HOH F 4 .  ? -9.953  11.991  3.992   1.00 29.73 ? 141 HOH A O   1 
HETATM 816 O O   . HOH F 4 .  ? -10.942 -1.110  -6.624  1.00 39.60 ? 142 HOH A O   1 
HETATM 817 O O   . HOH F 4 .  ? -17.779 -10.394 1.666   1.00 36.47 ? 143 HOH A O   1 
HETATM 818 O O   . HOH F 4 .  ? -19.699 -8.654  2.129   1.00 46.63 ? 144 HOH A O   1 
HETATM 819 O O   . HOH F 4 .  ? -1.972  -0.977  -7.812  1.00 49.45 ? 145 HOH A O   1 
HETATM 820 O O   . HOH F 4 .  ? 13.209  2.332   2.019   1.00 44.84 ? 146 HOH A O   1 
HETATM 821 O O   . HOH F 4 .  ? -11.439 14.065  2.999   1.00 37.96 ? 147 HOH A O   1 
HETATM 822 O O   . HOH F 4 .  ? 13.710  3.484   -0.473  1.00 35.59 ? 148 HOH A O   1 
HETATM 823 O O   . HOH F 4 .  ? -15.217 11.751  -4.165  1.00 31.28 ? 149 HOH A O   1 
HETATM 824 O O   . HOH F 4 .  ? 16.844  -2.695  -0.542  1.00 44.53 ? 150 HOH A O   1 
HETATM 825 O O   . HOH F 4 .  ? 7.054   -2.061  6.942   1.00 40.16 ? 151 HOH A O   1 
HETATM 826 O O   . HOH F 4 .  ? -4.599  1.759   6.989   1.00 39.85 ? 152 HOH A O   1 
HETATM 827 O O   . HOH F 4 .  ? 12.393  4.510   -3.461  1.00 45.94 ? 153 HOH A O   1 
HETATM 828 O O   . HOH F 4 .  ? -21.135 -8.751  4.133   1.00 44.11 ? 154 HOH A O   1 
HETATM 829 O O   . HOH F 4 .  ? -12.168 -6.880  -4.995  1.00 42.21 ? 155 HOH A O   1 
HETATM 830 O O   . HOH F 4 .  ? -1.878  -16.072 7.192   1.00 43.78 ? 156 HOH A O   1 
HETATM 831 O O   . HOH F 4 .  ? -20.887 -2.521  -1.532  1.00 37.06 ? 157 HOH A O   1 
HETATM 832 O O   . HOH F 4 .  ? -6.325  1.210   8.910   1.00 37.39 ? 158 HOH A O   1 
HETATM 833 O O   . HOH F 4 .  ? -12.356 -9.210  -4.008  1.00 48.97 ? 159 HOH A O   1 
HETATM 834 O O   . HOH F 4 .  ? 16.088  -0.197  -0.784  1.00 50.69 ? 160 HOH A O   1 
HETATM 835 O O   . HOH F 4 .  ? 13.961  6.968   2.375   1.00 44.55 ? 161 HOH A O   1 
HETATM 836 O O   . HOH F 4 .  ? -5.479  -4.272  -5.076  1.00 14.04 ? 162 HOH A O   1 
# 
loop_
_atom_site_anisotrop.id 
_atom_site_anisotrop.type_symbol 
_atom_site_anisotrop.pdbx_label_atom_id 
_atom_site_anisotrop.pdbx_label_alt_id 
_atom_site_anisotrop.pdbx_label_comp_id 
_atom_site_anisotrop.pdbx_label_asym_id 
_atom_site_anisotrop.pdbx_label_seq_id 
_atom_site_anisotrop.pdbx_PDB_ins_code 
_atom_site_anisotrop.U[1][1] 
_atom_site_anisotrop.U[2][2] 
_atom_site_anisotrop.U[3][3] 
_atom_site_anisotrop.U[1][2] 
_atom_site_anisotrop.U[1][3] 
_atom_site_anisotrop.U[2][3] 
_atom_site_anisotrop.pdbx_auth_seq_id 
_atom_site_anisotrop.pdbx_auth_comp_id 
_atom_site_anisotrop.pdbx_auth_asym_id 
_atom_site_anisotrop.pdbx_auth_atom_id 
1   N N   A LEU A 1  ? 0.1748 0.1442 0.3858 0.0008  0.0510  -0.0495 1   LEU A N   
2   N N   B LEU A 1  ? 0.1117 0.1656 0.3873 -0.0376 0.0328  0.0188  1   LEU A N   
3   C CA  A LEU A 1  ? 0.1717 0.1155 0.3713 0.0025  0.0628  -0.0379 1   LEU A CA  
4   C CA  B LEU A 1  ? 0.1173 0.1256 0.3842 -0.0295 0.0333  0.0125  1   LEU A CA  
5   C C   A LEU A 1  ? 0.1673 0.1206 0.3633 -0.0044 0.0620  -0.0366 1   LEU A C   
6   C C   B LEU A 1  ? 0.1202 0.1106 0.3900 -0.0475 0.0287  -0.0025 1   LEU A C   
7   O O   A LEU A 1  ? 0.1712 0.1197 0.3597 -0.0004 0.0666  -0.0271 1   LEU A O   
8   O O   B LEU A 1  ? 0.1168 0.0998 0.4052 -0.0458 0.0168  -0.0187 1   LEU A O   
9   C CB  A LEU A 1  ? 0.1735 0.0807 0.3665 -0.0027 0.0602  -0.0255 1   LEU A CB  
10  C CB  B LEU A 1  ? 0.1148 0.1040 0.3766 -0.0168 0.0417  0.0261  1   LEU A CB  
11  C CG  A LEU A 1  ? 0.1831 0.0976 0.3529 -0.0185 0.0632  -0.0043 1   LEU A CG  
12  C CG  B LEU A 1  ? 0.1159 0.0954 0.3676 -0.0137 0.0466  0.0363  1   LEU A CG  
13  C CD1 A LEU A 1  ? 0.1968 0.1223 0.3521 -0.0106 0.0616  -0.0009 1   LEU A CD1 
14  C CD1 B LEU A 1  ? 0.1220 0.1119 0.3722 0.0028  0.0348  0.0278  1   LEU A CD1 
15  C CD2 A LEU A 1  ? 0.1802 0.0924 0.3605 -0.0270 0.0554  0.0022  1   LEU A CD2 
16  C CD2 B LEU A 1  ? 0.1115 0.0743 0.3658 -0.0133 0.0486  0.0409  1   LEU A CD2 
17  N N   A GLU A 2  ? 0.1494 0.1088 0.3649 -0.0157 0.0599  -0.0428 2   GLU A N   
18  N N   B GLU A 2  ? 0.1292 0.1165 0.3822 -0.0503 0.0335  -0.0024 2   GLU A N   
19  C CA  A GLU A 2  ? 0.1498 0.0966 0.3733 -0.0265 0.0641  -0.0509 2   GLU A CA  
20  C CA  B GLU A 2  ? 0.1367 0.1088 0.3717 -0.0625 0.0433  -0.0061 2   GLU A CA  
21  C C   A GLU A 2  ? 0.1535 0.1022 0.3349 -0.0246 0.0749  -0.0461 2   GLU A C   
22  C C   B GLU A 2  ? 0.1344 0.0874 0.3538 -0.0620 0.0620  -0.0138 2   GLU A C   
23  O O   A GLU A 2  ? 0.1904 0.1474 0.3462 -0.0186 0.0918  -0.0415 2   GLU A O   
24  O O   B GLU A 2  ? 0.1403 0.0769 0.3639 -0.0725 0.0865  -0.0170 2   GLU A O   
25  C CB  A GLU A 2  ? 0.1619 0.1205 0.3969 -0.0319 0.0567  -0.0567 2   GLU A CB  
26  C CB  B GLU A 2  ? 0.1658 0.1506 0.3670 -0.0645 0.0250  -0.0005 2   GLU A CB  
27  C CG  A GLU A 2  ? 0.1564 0.1117 0.4183 -0.0513 0.0535  -0.0826 2   GLU A CG  
28  C CG  B GLU A 2  ? 0.1913 0.1895 0.3546 -0.0620 0.0151  0.0064  2   GLU A CG  
29  C CD  A GLU A 2  ? 0.1647 0.0873 0.4401 -0.0636 0.0571  -0.0995 2   GLU A CD  
30  C CD  B GLU A 2  ? 0.2179 0.2261 0.3485 -0.0478 0.0068  0.0168  2   GLU A CD  
31  O OE1 A GLU A 2  ? 0.1918 0.1180 0.4520 -0.0584 0.0436  -0.1040 2   GLU A OE1 
32  O OE1 B GLU A 2  ? 0.2362 0.2526 0.3449 -0.0303 0.0082  0.0222  2   GLU A OE1 
33  O OE2 A GLU A 2  ? 0.1849 0.1293 0.4549 -0.0457 0.0590  -0.0893 2   GLU A OE2 
34  O OE2 B GLU A 2  ? 0.2285 0.2289 0.3429 -0.0515 -0.0027 0.0224  2   GLU A OE2 
35  N N   A CYS A 3  ? 0.1281 0.0592 0.3076 -0.0256 0.0514  -0.0405 3   CYS A N   
36  N N   B CYS A 3  ? 0.1306 0.0708 0.3253 -0.0487 0.0352  -0.0206 3   CYS A N   
37  C CA  A CYS A 3  ? 0.1176 0.0297 0.2759 -0.0150 0.0302  -0.0406 3   CYS A CA  
38  C CA  B CYS A 3  ? 0.1331 0.0683 0.2649 -0.0417 0.0087  -0.0276 3   CYS A CA  
39  C C   A CYS A 3  ? 0.1170 0.0275 0.2610 -0.0283 0.0167  -0.0394 3   CYS A C   
40  C C   B CYS A 3  ? 0.1294 0.0676 0.2482 -0.0338 0.0082  -0.0283 3   CYS A C   
41  O O   A CYS A 3  ? 0.1203 0.0327 0.2616 -0.0076 0.0014  -0.0353 3   CYS A O   
42  O O   B CYS A 3  ? 0.1317 0.0539 0.2490 -0.0279 -0.0050 -0.0286 3   CYS A O   
43  C CB  A CYS A 3  ? 0.1065 0.0298 0.2458 0.0052  0.0269  -0.0388 3   CYS A CB  
44  C CB  B CYS A 3  ? 0.1450 0.0680 0.2062 -0.0349 -0.0197 -0.0257 3   CYS A CB  
45  S SG  A CYS A 3  ? 0.0945 0.0555 0.1979 -0.0114 0.0186  -0.0355 3   CYS A SG  
46  S SG  B CYS A 3  ? 0.1664 0.1100 0.1744 -0.0204 -0.0221 -0.0142 3   CYS A SG  
47  N N   . HIS A 4  ? 0.1252 0.0699 0.2198 -0.0271 0.0273  -0.0245 4   HIS A N   
48  C CA  . HIS A 4  ? 0.1181 0.0881 0.1595 -0.0152 0.0237  -0.0248 4   HIS A CA  
49  C C   . HIS A 4  ? 0.0969 0.0632 0.1610 -0.0225 0.0080  -0.0358 4   HIS A C   
50  O O   . HIS A 4  ? 0.1034 0.0549 0.1613 -0.0039 -0.0054 -0.0311 4   HIS A O   
51  C CB  . HIS A 4  ? 0.1424 0.1005 0.1434 -0.0304 0.0176  -0.0156 4   HIS A CB  
52  C CG  . HIS A 4  ? 0.1796 0.1185 0.1666 -0.0313 0.0304  0.0021  4   HIS A CG  
53  N ND1 . HIS A 4  ? 0.2242 0.1354 0.2505 -0.0322 0.0256  0.0101  4   HIS A ND1 
54  C CD2 . HIS A 4  ? 0.1935 0.0703 0.1963 -0.0290 0.0257  -0.0012 4   HIS A CD2 
55  C CE1 . HIS A 4  ? 0.2325 0.1246 0.2272 -0.0288 0.0445  0.0174  4   HIS A CE1 
56  N NE2 . HIS A 4  ? 0.2332 0.1431 0.2399 -0.0227 0.0280  0.0389  4   HIS A NE2 
57  N N   . ASN A 5  ? 0.0961 0.0675 0.1433 -0.0073 -0.0064 -0.0388 5   ASN A N   
58  C CA  . ASN A 5  ? 0.1069 0.0711 0.1321 -0.0038 -0.0079 -0.0320 5   ASN A CA  
59  C C   . ASN A 5  ? 0.1095 0.0629 0.1100 -0.0017 -0.0128 -0.0354 5   ASN A C   
60  O O   . ASN A 5  ? 0.1334 0.0918 0.1042 0.0044  -0.0077 -0.0216 5   ASN A O   
61  C CB  . ASN A 5  ? 0.1354 0.1036 0.1680 0.0032  -0.0329 -0.0322 5   ASN A CB  
62  C CG  . ASN A 5  ? 0.1518 0.1115 0.1541 0.0010  -0.0460 -0.0326 5   ASN A CG  
63  O OD1 . ASN A 5  ? 0.1647 0.0840 0.2056 0.0016  -0.0549 -0.0519 5   ASN A OD1 
64  N ND2 . ASN A 5  ? 0.1830 0.1591 0.1726 -0.0088 -0.0331 -0.0457 5   ASN A ND2 
65  N N   . GLN A 6  ? 0.0988 0.0663 0.1010 -0.0027 -0.0151 -0.0201 6   GLN A N   
66  C CA  . GLN A 6  ? 0.0963 0.0662 0.0997 -0.0042 -0.0040 -0.0195 6   GLN A CA  
67  C C   . GLN A 6  ? 0.0974 0.0618 0.0774 -0.0060 -0.0105 -0.0167 6   GLN A C   
68  O O   . GLN A 6  ? 0.1052 0.0558 0.0697 -0.0125 -0.0029 -0.0067 6   GLN A O   
69  C CB  . GLN A 6  ? 0.1158 0.0652 0.1018 -0.0037 -0.0190 -0.0146 6   GLN A CB  
70  C CG  . GLN A 6  ? 0.1113 0.0620 0.0959 -0.0017 -0.0095 -0.0021 6   GLN A CG  
71  C CD  . GLN A 6  ? 0.1241 0.0583 0.1048 -0.0138 -0.0153 -0.0104 6   GLN A CD  
72  O OE1 . GLN A 6  ? 0.1371 0.1046 0.1269 -0.0122 -0.0051 -0.0120 6   GLN A OE1 
73  N NE2 . GLN A 6  ? 0.1020 0.0373 0.0912 -0.0199 0.0092  -0.0057 6   GLN A NE2 
74  N N   A GLN A 7  ? 0.1058 0.0642 0.0720 -0.0091 -0.0060 -0.0124 7   GLN A N   
75  N N   B GLN A 7  ? 0.1002 0.0620 0.0709 -0.0090 -0.0030 -0.0123 7   GLN A N   
76  C CA  A GLN A 7  ? 0.1065 0.0799 0.0656 -0.0006 0.0039  -0.0008 7   GLN A CA  
77  C CA  B GLN A 7  ? 0.0965 0.0727 0.0640 -0.0029 0.0091  -0.0025 7   GLN A CA  
78  C C   A GLN A 7  ? 0.0969 0.0644 0.0762 0.0073  -0.0013 -0.0009 7   GLN A C   
79  C C   B GLN A 7  ? 0.0917 0.0633 0.0751 0.0027  0.0020  -0.0010 7   GLN A C   
80  O O   A GLN A 7  ? 0.1088 0.0649 0.1126 0.0039  -0.0087 0.0019  7   GLN A O   
81  O O   B GLN A 7  ? 0.0998 0.0626 0.1079 -0.0021 -0.0038 0.0013  7   GLN A O   
82  C CB  A GLN A 7  ? 0.1431 0.1323 0.0989 0.0162  0.0097  0.0102  7   GLN A CB  
83  C CB  B GLN A 7  ? 0.1199 0.1166 0.0926 0.0075  0.0170  0.0094  7   GLN A CB  
84  C CG  A GLN A 7  ? 0.1692 0.1765 0.1193 0.0163  -0.0022 0.0190  7   GLN A CG  
85  C CG  B GLN A 7  ? 0.1377 0.1470 0.1205 0.0065  0.0025  0.0081  7   GLN A CG  
86  C CD  A GLN A 7  ? 0.1861 0.2148 0.1163 0.0084  -0.0134 0.0149  7   GLN A CD  
87  C CD  B GLN A 7  ? 0.1489 0.1848 0.1466 0.0152  0.0114  0.0132  7   GLN A CD  
88  O OE1 A GLN A 7  ? 0.2032 0.2473 0.1194 -0.0071 -0.0199 0.0216  7   GLN A OE1 
89  O OE1 B GLN A 7  ? 0.1352 0.1916 0.0942 0.0094  0.0395  0.0229  7   GLN A OE1 
90  N NE2 A GLN A 7  ? 0.1852 0.2102 0.0535 0.0126  -0.0109 0.0137  7   GLN A NE2 
91  N NE2 B GLN A 7  ? 0.1708 0.2088 0.1824 0.0212  0.0040  0.0096  7   GLN A NE2 
92  N N   . SER A 8  ? 0.0937 0.0622 0.0701 -0.0030 -0.0014 -0.0028 8   SER A N   
93  C CA  . SER A 8  ? 0.0905 0.0760 0.0765 -0.0026 0.0014  0.0214  8   SER A CA  
94  C C   . SER A 8  ? 0.0898 0.0550 0.0851 -0.0057 0.0035  0.0004  8   SER A C   
95  O O   . SER A 8  ? 0.0894 0.0736 0.0934 -0.0061 0.0111  0.0045  8   SER A O   
96  C CB  . SER A 8  ? 0.1065 0.0650 0.1034 -0.0053 0.0054  0.0095  8   SER A CB  
97  O OG  . SER A 8  ? 0.1027 0.0542 0.1058 -0.0017 0.0117  0.0077  8   SER A OG  
98  N N   . SER A 9  ? 0.0960 0.0639 0.0928 -0.0001 -0.0113 0.0152  9   SER A N   
99  C CA  . SER A 9  ? 0.1036 0.0759 0.0994 0.0121  -0.0141 0.0282  9   SER A CA  
100 C C   . SER A 9  ? 0.1099 0.0752 0.1162 0.0079  -0.0047 0.0157  9   SER A C   
101 O O   . SER A 9  ? 0.1386 0.0826 0.1482 0.0076  0.0041  0.0343  9   SER A O   
102 C CB  . SER A 9  ? 0.1235 0.0938 0.1517 -0.0053 -0.0191 0.0398  9   SER A CB  
103 O OG  . SER A 9  ? 0.1317 0.1244 0.1611 -0.0246 -0.0301 0.0471  9   SER A OG  
104 N N   . GLN A 10 ? 0.1155 0.0613 0.1132 -0.0067 -0.0032 0.0052  10  GLN A N   
105 C CA  . GLN A 10 ? 0.1369 0.0708 0.1160 -0.0038 0.0046  0.0006  10  GLN A CA  
106 C C   . GLN A 10 ? 0.1309 0.0612 0.1023 -0.0023 -0.0020 -0.0066 10  GLN A C   
107 O O   . GLN A 10 ? 0.1245 0.0623 0.0918 -0.0146 0.0022  -0.0100 10  GLN A O   
108 C CB  . GLN A 10 ? 0.1673 0.0733 0.1138 0.0074  0.0241  -0.0021 10  GLN A CB  
109 C CG  . GLN A 10 ? 0.1905 0.1107 0.1334 0.0275  0.0581  0.0106  10  GLN A CG  
110 C CD  . GLN A 10 ? 0.2143 0.1228 0.1830 -0.0015 0.0558  -0.0032 10  GLN A CD  
111 O OE1 . GLN A 10 ? 0.2193 0.1217 0.2005 0.0005  0.0476  -0.0021 10  GLN A OE1 
112 N NE2 . GLN A 10 ? 0.2335 0.1119 0.2041 0.0044  0.0721  -0.0048 10  GLN A NE2 
113 N N   . PRO A 11 ? 0.1398 0.0607 0.1391 -0.0031 -0.0021 0.0096  11  PRO A N   
114 C CA  . PRO A 11 ? 0.1392 0.0540 0.1363 -0.0166 0.0018  0.0151  11  PRO A CA  
115 C C   . PRO A 11 ? 0.1393 0.0482 0.1248 -0.0190 -0.0136 0.0063  11  PRO A C   
116 O O   . PRO A 11 ? 0.1419 0.0736 0.1054 -0.0104 -0.0049 -0.0025 11  PRO A O   
117 C CB  . PRO A 11 ? 0.1594 0.0819 0.1837 -0.0174 0.0094  0.0053  11  PRO A CB  
118 C CG  . PRO A 11 ? 0.1710 0.0968 0.2102 -0.0098 0.0221  0.0056  11  PRO A CG  
119 C CD  . PRO A 11 ? 0.1627 0.0595 0.1938 0.0027  0.0148  -0.0016 11  PRO A CD  
120 N N   . PRO A 12 ? 0.1369 0.0819 0.1229 -0.0175 -0.0127 0.0220  12  PRO A N   
121 C CA  . PRO A 12 ? 0.1408 0.0992 0.1350 -0.0046 0.0000  0.0078  12  PRO A CA  
122 C C   . PRO A 12 ? 0.1288 0.0925 0.1484 -0.0215 -0.0112 -0.0095 12  PRO A C   
123 O O   . PRO A 12 ? 0.1483 0.0731 0.1926 -0.0154 -0.0160 -0.0010 12  PRO A O   
124 C CB  . PRO A 12 ? 0.1605 0.1626 0.1484 0.0037  0.0141  0.0250  12  PRO A CB  
125 C CG  . PRO A 12 ? 0.1864 0.2063 0.1677 0.0131  0.0063  0.0280  12  PRO A CG  
126 C CD  . PRO A 12 ? 0.1665 0.1864 0.1366 0.0087  -0.0021 0.0445  12  PRO A CD  
127 N N   . THR A 13 ? 0.1144 0.0665 0.1497 -0.0124 -0.0323 -0.0217 13  THR A N   
128 C CA  . THR A 13 ? 0.1244 0.0743 0.1860 -0.0006 -0.0318 -0.0350 13  THR A CA  
129 C C   . THR A 13 ? 0.1143 0.0474 0.2145 -0.0161 -0.0253 -0.0294 13  THR A C   
130 O O   . THR A 13 ? 0.1135 0.0542 0.2036 -0.0003 -0.0240 -0.0273 13  THR A O   
131 C CB  . THR A 13 ? 0.1515 0.1148 0.1913 0.0189  -0.0444 -0.0674 13  THR A CB  
132 O OG1 . THR A 13 ? 0.1593 0.1225 0.1862 0.0162  -0.0510 -0.0592 13  THR A OG1 
133 C CG2 . THR A 13 ? 0.1598 0.1502 0.2145 0.0386  -0.0447 -0.0644 13  THR A CG2 
134 N N   A THR A 14 ? 0.1145 0.0469 0.2076 -0.0023 -0.0319 -0.0172 14  THR A N   
135 N N   B THR A 14 ? 0.1083 0.0619 0.2258 -0.0166 -0.0374 -0.0253 14  THR A N   
136 C CA  A THR A 14 ? 0.1286 0.0731 0.1468 -0.0081 -0.0186 0.0018  14  THR A CA  
137 C CA  B THR A 14 ? 0.1119 0.0695 0.2079 -0.0174 -0.0273 -0.0276 14  THR A CA  
138 C C   A THR A 14 ? 0.1275 0.0625 0.1381 -0.0207 -0.0141 -0.0082 14  THR A C   
139 C C   B THR A 14 ? 0.0992 0.0526 0.1917 -0.0160 -0.0161 -0.0371 14  THR A C   
140 O O   A THR A 14 ? 0.1441 0.0930 0.1319 -0.0072 -0.0149 -0.0342 14  THR A O   
141 O O   B THR A 14 ? 0.1002 0.0741 0.1881 -0.0068 -0.0206 -0.0404 14  THR A O   
142 C CB  A THR A 14 ? 0.1548 0.1118 0.1428 -0.0359 -0.0243 0.0080  14  THR A CB  
143 C CB  B THR A 14 ? 0.1325 0.1333 0.1976 -0.0154 -0.0325 -0.0038 14  THR A CB  
144 O OG1 A THR A 14 ? 0.1701 0.0820 0.1910 -0.0596 -0.0289 -0.0132 14  THR A OG1 
145 O OG1 B THR A 14 ? 0.1566 0.1589 0.2062 -0.0219 -0.0309 0.0213  14  THR A OG1 
146 C CG2 A THR A 14 ? 0.1688 0.1703 0.1207 -0.0393 -0.0178 0.0270  14  THR A CG2 
147 C CG2 B THR A 14 ? 0.1330 0.1528 0.1793 -0.0099 -0.0531 -0.0083 14  THR A CG2 
148 N N   A LYS A 15 ? 0.1346 0.0699 0.1472 -0.0064 -0.0186 0.0096  15  LYS A N   
149 N N   B LYS A 15 ? 0.0976 0.0612 0.1850 -0.0137 -0.0157 -0.0226 15  LYS A N   
150 C CA  A LYS A 15 ? 0.1509 0.0860 0.1485 -0.0030 -0.0305 0.0024  15  LYS A CA  
151 C CA  B LYS A 15 ? 0.1087 0.0778 0.2047 -0.0183 -0.0100 -0.0227 15  LYS A CA  
152 C C   A LYS A 15 ? 0.1481 0.0671 0.1680 -0.0087 -0.0461 -0.0183 15  LYS A C   
153 C C   B LYS A 15 ? 0.1100 0.0711 0.2255 -0.0149 -0.0174 -0.0388 15  LYS A C   
154 O O   A LYS A 15 ? 0.1361 0.0871 0.1743 -0.0171 -0.0542 -0.0284 15  LYS A O   
155 O O   B LYS A 15 ? 0.1046 0.0767 0.2255 -0.0143 -0.0045 -0.0357 15  LYS A O   
156 C CB  A LYS A 15 ? 0.1725 0.1270 0.1761 -0.0108 -0.0197 0.0104  15  LYS A CB  
157 C CB  B LYS A 15 ? 0.1167 0.1050 0.2009 -0.0226 -0.0020 -0.0101 15  LYS A CB  
158 C CG  A LYS A 15 ? 0.1786 0.1513 0.1942 -0.0206 -0.0105 0.0331  15  LYS A CG  
159 C CG  B LYS A 15 ? 0.1189 0.1197 0.2165 -0.0376 -0.0011 -0.0009 15  LYS A CG  
160 C CD  A LYS A 15 ? 0.1909 0.2003 0.2129 -0.0119 0.0029  0.0556  15  LYS A CD  
161 C CD  B LYS A 15 ? 0.1317 0.1721 0.2117 -0.0348 0.0050  0.0213  15  LYS A CD  
162 C CE  A LYS A 15 ? 0.2043 0.2147 0.2500 -0.0043 0.0193  0.0583  15  LYS A CE  
163 C CE  B LYS A 15 ? 0.1500 0.1920 0.2049 -0.0448 0.0126  0.0426  15  LYS A CE  
164 N NZ  A LYS A 15 ? 0.2062 0.2159 0.2482 0.0091  0.0431  0.0724  15  LYS A NZ  
165 N NZ  B LYS A 15 ? 0.1673 0.1891 0.2222 -0.0448 0.0116  0.0446  15  LYS A NZ  
166 N N   A THR A 16 ? 0.1539 0.0702 0.1911 0.0029  -0.0515 -0.0060 16  THR A N   
167 N N   B THR A 16 ? 0.1174 0.0787 0.2389 -0.0104 -0.0244 -0.0415 16  THR A N   
168 C CA  A THR A 16 ? 0.1647 0.0724 0.2267 -0.0057 -0.0652 -0.0052 16  THR A CA  
169 C CA  B THR A 16 ? 0.1366 0.1080 0.2642 -0.0106 -0.0362 -0.0429 16  THR A CA  
170 C C   A THR A 16 ? 0.1848 0.0827 0.2319 0.0099  -0.0632 -0.0012 16  THR A C   
171 C C   B THR A 16 ? 0.1500 0.1342 0.2690 -0.0166 -0.0426 -0.0349 16  THR A C   
172 O O   A THR A 16 ? 0.2212 0.0921 0.2155 0.0187  -0.0479 -0.0042 16  THR A O   
173 O O   B THR A 16 ? 0.1624 0.1598 0.2552 -0.0160 -0.0392 -0.0193 16  THR A O   
174 C CB  A THR A 16 ? 0.1669 0.0715 0.2515 -0.0342 -0.0519 -0.0133 16  THR A CB  
175 C CB  B THR A 16 ? 0.1535 0.1274 0.2826 -0.0085 -0.0486 -0.0578 16  THR A CB  
176 O OG1 A THR A 16 ? 0.1566 0.0768 0.2374 -0.0427 -0.0276 -0.0204 16  THR A OG1 
177 O OG1 B THR A 16 ? 0.1840 0.1615 0.3095 -0.0075 -0.0623 -0.0553 16  THR A OG1 
178 C CG2 A THR A 16 ? 0.1627 0.0856 0.2630 -0.0405 -0.0793 0.0052  16  THR A CG2 
179 C CG2 B THR A 16 ? 0.1440 0.1313 0.2696 -0.0089 -0.0460 -0.0613 16  THR A CG2 
180 N N   A CYS A 17 ? 0.1569 0.0620 0.2629 0.0107  -0.0771 -0.0015 17  CYS A N   
181 N N   B CYS A 17 ? 0.1582 0.1301 0.2928 -0.0096 -0.0537 -0.0417 17  CYS A N   
182 C CA  A CYS A 17 ? 0.1524 0.0651 0.2875 0.0037  -0.0972 0.0001  17  CYS A CA  
183 C CA  B CYS A 17 ? 0.1694 0.1517 0.3002 -0.0145 -0.0539 -0.0256 17  CYS A CA  
184 C C   A CYS A 17 ? 0.1689 0.0923 0.3266 0.0139  -0.1110 -0.0131 17  CYS A C   
185 C C   B CYS A 17 ? 0.1833 0.1816 0.3376 -0.0103 -0.0572 -0.0247 17  CYS A C   
186 O O   A CYS A 17 ? 0.1709 0.0942 0.3311 0.0159  -0.1039 -0.0204 17  CYS A O   
187 O O   B CYS A 17 ? 0.1933 0.1792 0.3568 0.0112  -0.0532 -0.0289 17  CYS A O   
188 C CB  A CYS A 17 ? 0.1510 0.0800 0.2626 -0.0013 -0.0824 0.0054  17  CYS A CB  
189 C CB  B CYS A 17 ? 0.1799 0.1420 0.2788 -0.0078 -0.0356 -0.0130 17  CYS A CB  
190 S SG  A CYS A 17 ? 0.1508 0.0876 0.2585 -0.0242 -0.0688 0.0141  17  CYS A SG  
191 S SG  B CYS A 17 ? 0.1869 0.1239 0.2503 -0.0102 -0.0213 -0.0049 17  CYS A SG  
192 N N   A SER A 18 ? 0.1885 0.1221 0.3540 0.0221  -0.1184 -0.0142 18  SER A N   
193 N N   B SER A 18 ? 0.1965 0.2180 0.3539 -0.0136 -0.0532 -0.0154 18  SER A N   
194 C CA  A SER A 18 ? 0.2068 0.1986 0.3769 0.0343  -0.1074 0.0069  18  SER A CA  
195 C CA  B SER A 18 ? 0.2129 0.2761 0.3685 -0.0152 -0.0418 -0.0002 18  SER A CA  
196 C C   A SER A 18 ? 0.2010 0.1941 0.4043 0.0276  -0.0990 0.0255  18  SER A C   
197 C C   B SER A 18 ? 0.2161 0.3215 0.3767 -0.0145 -0.0336 0.0084  18  SER A C   
198 O O   A SER A 18 ? 0.1915 0.1458 0.4256 0.0201  -0.1077 0.0350  18  SER A O   
199 O O   B SER A 18 ? 0.2137 0.3266 0.3779 -0.0176 -0.0281 0.0139  18  SER A O   
200 C CB  A SER A 18 ? 0.2251 0.2658 0.3872 0.0484  -0.0929 0.0076  18  SER A CB  
201 C CB  B SER A 18 ? 0.2216 0.2865 0.3738 -0.0188 -0.0400 0.0012  18  SER A CB  
202 O OG  A SER A 18 ? 0.2374 0.3166 0.3911 0.0554  -0.0755 0.0048  18  SER A OG  
203 O OG  B SER A 18 ? 0.2270 0.2924 0.3887 -0.0226 -0.0309 -0.0033 18  SER A OG  
204 N N   A PRO A 19 ? 0.2003 0.2337 0.4162 0.0202  -0.0889 0.0262  19  PRO A N   
205 N N   B PRO A 19 ? 0.2224 0.3578 0.3889 -0.0060 -0.0308 0.0103  19  PRO A N   
206 C CA  A PRO A 19 ? 0.1845 0.2599 0.4106 0.0203  -0.0855 0.0439  19  PRO A CA  
207 C CA  B PRO A 19 ? 0.2150 0.3668 0.3908 -0.0003 -0.0266 0.0154  19  PRO A CA  
208 C C   A PRO A 19 ? 0.1749 0.2554 0.3937 0.0408  -0.0825 0.0607  19  PRO A C   
209 C C   B PRO A 19 ? 0.1998 0.3574 0.3875 0.0042  -0.0210 0.0204  19  PRO A C   
210 O O   A PRO A 19 ? 0.1908 0.2568 0.3866 0.0625  -0.0902 0.0658  19  PRO A O   
211 O O   B PRO A 19 ? 0.2023 0.3723 0.3902 0.0045  -0.0178 0.0238  19  PRO A O   
212 C CB  A PRO A 19 ? 0.1931 0.2752 0.4234 0.0178  -0.0860 0.0320  19  PRO A CB  
213 C CB  B PRO A 19 ? 0.2208 0.3734 0.3942 -0.0016 -0.0272 0.0103  19  PRO A CB  
214 C CG  A PRO A 19 ? 0.2032 0.2772 0.4292 0.0159  -0.0848 0.0246  19  PRO A CG  
215 C CG  B PRO A 19 ? 0.2258 0.3754 0.3962 -0.0036 -0.0259 0.0085  19  PRO A CG  
216 C CD  A PRO A 19 ? 0.2027 0.2641 0.4257 0.0108  -0.0930 0.0215  19  PRO A CD  
217 C CD  B PRO A 19 ? 0.2265 0.3733 0.3954 -0.0084 -0.0296 0.0078  19  PRO A CD  
218 N N   A GLY A 20 ? 0.1625 0.2510 0.3966 0.0380  -0.0639 0.0749  20  GLY A N   
219 N N   B GLY A 20 ? 0.1862 0.3400 0.3801 0.0108  -0.0170 0.0264  20  GLY A N   
220 C CA  A GLY A 20 ? 0.1649 0.2592 0.4216 0.0304  -0.0413 0.0732  20  GLY A CA  
221 C CA  B GLY A 20 ? 0.1783 0.3160 0.3687 0.0147  -0.0144 0.0300  20  GLY A CA  
222 C C   A GLY A 20 ? 0.1702 0.2420 0.4473 0.0337  -0.0233 0.0712  20  GLY A C   
223 C C   B GLY A 20 ? 0.1673 0.2820 0.3513 0.0211  -0.0063 0.0407  20  GLY A C   
224 O O   A GLY A 20 ? 0.1859 0.2717 0.4551 0.0519  -0.0179 0.0821  20  GLY A O   
225 O O   B GLY A 20 ? 0.1726 0.2981 0.3337 0.0324  0.0066  0.0446  20  GLY A O   
226 N N   A GLU A 21 ? 0.1616 0.2141 0.4734 0.0188  -0.0071 0.0525  21  GLU A N   
227 N N   B GLU A 21 ? 0.1523 0.2294 0.3640 0.0128  -0.0037 0.0365  21  GLU A N   
228 C CA  A GLU A 21 ? 0.1537 0.2040 0.4860 0.0106  0.0123  0.0315  21  GLU A CA  
229 C CA  B GLU A 21 ? 0.1451 0.1869 0.3765 0.0109  -0.0042 0.0291  21  GLU A CA  
230 C C   A GLU A 21 ? 0.1444 0.1949 0.4899 0.0113  0.0404  0.0202  21  GLU A C   
231 C C   B GLU A 21 ? 0.1504 0.1924 0.3648 0.0148  0.0185  0.0151  21  GLU A C   
232 O O   A GLU A 21 ? 0.1761 0.1826 0.5112 0.0242  0.0200  0.0300  21  GLU A O   
233 O O   B GLU A 21 ? 0.1742 0.2124 0.3662 0.0157  0.0133  0.0225  21  GLU A O   
234 C CB  A GLU A 21 ? 0.1561 0.2267 0.4918 0.0071  0.0027  0.0202  21  GLU A CB  
235 C CB  B GLU A 21 ? 0.1282 0.1562 0.4010 0.0084  -0.0202 0.0340  21  GLU A CB  
236 C CG  A GLU A 21 ? 0.1617 0.2245 0.5032 0.0027  -0.0076 0.0044  21  GLU A CG  
237 C CG  B GLU A 21 ? 0.1097 0.1127 0.4252 0.0039  -0.0319 0.0311  21  GLU A CG  
238 C CD  A GLU A 21 ? 0.1731 0.2427 0.5012 0.0021  -0.0144 0.0034  21  GLU A CD  
239 C CD  B GLU A 21 ? 0.1018 0.1069 0.4319 0.0095  -0.0437 0.0451  21  GLU A CD  
240 O OE1 A GLU A 21 ? 0.1944 0.2848 0.5132 -0.0149 -0.0149 0.0001  21  GLU A OE1 
241 O OE1 B GLU A 21 ? 0.1056 0.1413 0.4295 0.0195  -0.0554 0.0627  21  GLU A OE1 
242 O OE2 A GLU A 21 ? 0.1643 0.2214 0.4876 0.0121  -0.0211 0.0128  21  GLU A OE2 
243 O OE2 B GLU A 21 ? 0.0913 0.0626 0.4470 0.0045  -0.0354 0.0340  21  GLU A OE2 
244 N N   A THR A 22 ? 0.1197 0.1936 0.4798 0.0064  0.0736  0.0070  22  THR A N   
245 N N   B THR A 22 ? 0.1434 0.1974 0.3530 0.0190  0.0364  0.0017  22  THR A N   
246 C CA  A THR A 22 ? 0.1420 0.1691 0.4734 0.0065  0.0754  -0.0217 22  THR A CA  
247 C CA  B THR A 22 ? 0.1405 0.1663 0.3415 0.0173  0.0519  -0.0149 22  THR A CA  
248 C C   A THR A 22 ? 0.1464 0.1479 0.4461 -0.0165 0.0789  -0.0333 22  THR A C   
249 C C   B THR A 22 ? 0.1353 0.1367 0.3448 -0.0086 0.0604  -0.0249 22  THR A C   
250 O O   A THR A 22 ? 0.1381 0.1486 0.4612 -0.0346 0.1154  -0.0396 22  THR A O   
251 O O   B THR A 22 ? 0.1360 0.1593 0.3456 -0.0220 0.0898  -0.0273 22  THR A O   
252 C CB  A THR A 22 ? 0.1731 0.1699 0.4949 0.0123  0.0674  -0.0313 22  THR A CB  
253 C CB  B THR A 22 ? 0.1663 0.1888 0.3373 0.0480  0.0459  -0.0142 22  THR A CB  
254 O OG1 A THR A 22 ? 0.2082 0.1899 0.4935 0.0233  0.0621  -0.0180 22  THR A OG1 
255 O OG1 B THR A 22 ? 0.1875 0.2278 0.3472 0.0550  0.0351  -0.0029 22  THR A OG1 
256 C CG2 A THR A 22 ? 0.1805 0.1859 0.5068 0.0074  0.0555  -0.0396 22  THR A CG2 
257 C CG2 B THR A 22 ? 0.1689 0.1688 0.3301 0.0623  0.0480  -0.0218 22  THR A CG2 
258 N N   A ASN A 23 ? 0.1356 0.1120 0.3940 -0.0156 0.0751  -0.0460 23  ASN A N   
259 N N   B ASN A 23 ? 0.1130 0.0740 0.3421 -0.0207 0.0569  -0.0377 23  ASN A N   
260 C CA  A ASN A 23 ? 0.1379 0.1017 0.3207 -0.0126 0.0645  -0.0460 23  ASN A CA  
261 C CA  B ASN A 23 ? 0.1084 0.0425 0.2833 -0.0170 0.0571  -0.0283 23  ASN A CA  
262 C C   A ASN A 23 ? 0.1177 0.0751 0.2329 -0.0035 0.0531  -0.0384 23  ASN A C   
263 C C   B ASN A 23 ? 0.0971 0.0438 0.2411 -0.0145 0.0454  -0.0181 23  ASN A C   
264 O O   A ASN A 23 ? 0.1212 0.0926 0.1999 0.0056  0.0237  -0.0270 23  ASN A O   
265 O O   B ASN A 23 ? 0.0908 0.0530 0.2392 -0.0204 0.0357  -0.0175 23  ASN A O   
266 C CB  A ASN A 23 ? 0.1494 0.1077 0.3180 -0.0161 0.0694  -0.0586 23  ASN A CB  
267 C CB  B ASN A 23 ? 0.1160 0.0380 0.2542 -0.0097 0.0688  -0.0194 23  ASN A CB  
268 C CG  A ASN A 23 ? 0.1624 0.1397 0.3186 -0.0198 0.0677  -0.0647 23  ASN A CG  
269 C CG  B ASN A 23 ? 0.1346 0.0575 0.2310 0.0006  0.0792  -0.0029 23  ASN A CG  
270 O OD1 A ASN A 23 ? 0.1698 0.1861 0.3300 -0.0132 0.0672  -0.0657 23  ASN A OD1 
271 O OD1 B ASN A 23 ? 0.1690 0.1106 0.2220 0.0115  0.0744  0.0129  23  ASN A OD1 
272 N ND2 A ASN A 23 ? 0.1778 0.1326 0.3216 -0.0051 0.0598  -0.0618 23  ASN A ND2 
273 N ND2 B ASN A 23 ? 0.1332 0.0435 0.2128 0.0257  0.0779  0.0107  23  ASN A ND2 
274 N N   A CYS A 24 ? 0.1172 0.0973 0.1946 -0.0199 0.0574  -0.0333 24  CYS A N   
275 N N   B CYS A 24 ? 0.0985 0.0451 0.2124 -0.0099 0.0371  -0.0215 24  CYS A N   
276 C CA  A CYS A 24 ? 0.1199 0.0833 0.1801 -0.0206 0.0446  -0.0288 24  CYS A CA  
277 C CA  B CYS A 24 ? 0.1107 0.0430 0.1688 -0.0121 0.0240  -0.0179 24  CYS A CA  
278 C C   A CYS A 24 ? 0.1142 0.0938 0.1089 -0.0160 0.0194  -0.0067 24  CYS A C   
279 C C   B CYS A 24 ? 0.0988 0.0399 0.1102 -0.0046 0.0194  -0.0129 24  CYS A C   
280 O O   A CYS A 24 ? 0.1159 0.1199 0.0768 -0.0208 0.0115  0.0108  24  CYS A O   
281 O O   B CYS A 24 ? 0.1047 0.0511 0.0760 -0.0040 0.0095  0.0030  24  CYS A O   
282 C CB  A CYS A 24 ? 0.1304 0.0626 0.2343 -0.0219 0.0666  -0.0242 24  CYS A CB  
283 C CB  B CYS A 24 ? 0.1384 0.0864 0.1578 -0.0204 0.0052  -0.0066 24  CYS A CB  
284 S SG  A CYS A 24 ? 0.1223 0.0585 0.2241 -0.0184 0.0708  -0.0143 24  CYS A SG  
285 S SG  B CYS A 24 ? 0.1511 0.1426 0.1013 -0.0335 -0.0267 0.0025  24  CYS A SG  
286 N N   A TYR A 25 ? 0.0984 0.0811 0.0799 -0.0229 0.0015  0.0134  25  TYR A N   
287 N N   B TYR A 25 ? 0.0866 0.0195 0.0982 0.0077  0.0094  -0.0003 25  TYR A N   
288 C CA  A TYR A 25 ? 0.1050 0.0658 0.0816 -0.0119 0.0081  0.0035  25  TYR A CA  
289 C CA  B TYR A 25 ? 0.0934 0.0263 0.1015 0.0068  -0.0110 0.0028  25  TYR A CA  
290 C C   A TYR A 25 ? 0.0955 0.0628 0.0769 -0.0168 0.0143  -0.0157 25  TYR A C   
291 C C   B TYR A 25 ? 0.0918 0.0167 0.1159 0.0016  0.0043  -0.0088 25  TYR A C   
292 O O   A TYR A 25 ? 0.0989 0.0641 0.0740 -0.0223 0.0056  -0.0015 25  TYR A O   
293 O O   B TYR A 25 ? 0.0942 0.0244 0.1122 -0.0070 0.0070  -0.0119 25  TYR A O   
294 C CB  A TYR A 25 ? 0.1150 0.0782 0.0904 -0.0072 0.0041  0.0121  25  TYR A CB  
295 C CB  B TYR A 25 ? 0.1004 0.0558 0.1039 -0.0012 -0.0108 -0.0061 25  TYR A CB  
296 C CG  A TYR A 25 ? 0.1034 0.0938 0.0800 -0.0019 0.0092  0.0143  25  TYR A CG  
297 C CG  B TYR A 25 ? 0.0894 0.0560 0.1119 -0.0215 -0.0033 -0.0121 25  TYR A CG  
298 C CD1 A TYR A 25 ? 0.1123 0.1094 0.0729 -0.0041 0.0033  0.0143  25  TYR A CD1 
299 C CD1 B TYR A 25 ? 0.0916 0.0553 0.1217 -0.0256 -0.0096 -0.0194 25  TYR A CD1 
300 C CD2 A TYR A 25 ? 0.1005 0.1020 0.0739 0.0068  0.0060  0.0135  25  TYR A CD2 
301 C CD2 B TYR A 25 ? 0.0953 0.0706 0.1279 -0.0321 0.0095  -0.0109 25  TYR A CD2 
302 C CE1 A TYR A 25 ? 0.1136 0.1072 0.1001 -0.0004 0.0071  0.0081  25  TYR A CE1 
303 C CE1 B TYR A 25 ? 0.0972 0.0821 0.1342 -0.0167 0.0024  -0.0144 25  TYR A CE1 
304 C CE2 A TYR A 25 ? 0.1047 0.0892 0.1021 0.0220  0.0155  -0.0013 25  TYR A CE2 
305 C CE2 B TYR A 25 ? 0.0989 0.0810 0.1318 -0.0236 0.0142  -0.0104 25  TYR A CE2 
306 C CZ  A TYR A 25 ? 0.1045 0.1048 0.1030 0.0056  0.0111  -0.0017 25  TYR A CZ  
307 C CZ  B TYR A 25 ? 0.0989 0.1041 0.1216 -0.0196 0.0101  -0.0039 25  TYR A CZ  
308 O OH  A TYR A 25 ? 0.1152 0.1200 0.1248 0.0129  0.0067  -0.0225 25  TYR A OH  
309 O OH  B TYR A 25 ? 0.1054 0.1210 0.1188 -0.0203 0.0107  -0.0033 25  TYR A OH  
310 N N   A LYS A 26 ? 0.0919 0.0723 0.0962 -0.0141 0.0084  -0.0186 26  LYS A N   
311 N N   B LYS A 26 ? 0.0894 0.0398 0.1229 -0.0070 0.0018  -0.0055 26  LYS A N   
312 C CA  A LYS A 26 ? 0.0932 0.0814 0.0858 -0.0063 0.0047  0.0074  26  LYS A CA  
313 C CA  B LYS A 26 ? 0.0937 0.0574 0.1204 -0.0132 0.0047  0.0076  26  LYS A CA  
314 C C   A LYS A 26 ? 0.0854 0.0673 0.0897 0.0011  0.0008  -0.0066 26  LYS A C   
315 C C   B LYS A 26 ? 0.0840 0.0562 0.1020 -0.0151 -0.0058 -0.0061 26  LYS A C   
316 O O   A LYS A 26 ? 0.0788 0.0736 0.0786 0.0102  -0.0065 -0.0297 26  LYS A O   
317 O O   B LYS A 26 ? 0.0864 0.0560 0.1159 0.0018  -0.0192 -0.0095 26  LYS A O   
318 C CB  A LYS A 26 ? 0.1133 0.0996 0.1057 0.0245  0.0109  0.0122  26  LYS A CB  
319 C CB  B LYS A 26 ? 0.1205 0.0657 0.1494 -0.0045 0.0083  0.0027  26  LYS A CB  
320 C CG  A LYS A 26 ? 0.1249 0.1162 0.1095 0.0303  0.0004  0.0090  26  LYS A CG  
321 C CG  B LYS A 26 ? 0.1390 0.0960 0.1639 0.0096  0.0105  0.0042  26  LYS A CG  
322 C CD  A LYS A 26 ? 0.1415 0.1211 0.1619 0.0143  -0.0165 -0.0001 26  LYS A CD  
323 C CD  B LYS A 26 ? 0.1603 0.1325 0.1757 0.0181  0.0097  0.0020  26  LYS A CD  
324 C CE  A LYS A 26 ? 0.1674 0.1632 0.1851 -0.0010 -0.0221 0.0018  26  LYS A CE  
325 C CE  B LYS A 26 ? 0.1761 0.1371 0.1925 0.0191  0.0147  -0.0108 26  LYS A CE  
326 N NZ  A LYS A 26 ? 0.1875 0.2047 0.1741 0.0164  -0.0371 0.0086  26  LYS A NZ  
327 N NZ  B LYS A 26 ? 0.1804 0.1581 0.1979 0.0174  0.0255  -0.0115 26  LYS A NZ  
328 N N   A LYS A 27 ? 0.0838 0.0630 0.0964 0.0003  0.0018  0.0017  27  LYS A N   
329 N N   B LYS A 27 ? 0.0714 0.0595 0.0537 -0.0209 -0.0039 -0.0106 27  LYS A N   
330 C CA  A LYS A 27 ? 0.1091 0.0838 0.1292 0.0039  -0.0046 0.0156  27  LYS A CA  
331 C CA  B LYS A 27 ? 0.0786 0.0658 0.0957 -0.0252 0.0022  -0.0026 27  LYS A CA  
332 C C   A LYS A 27 ? 0.0977 0.0510 0.0998 -0.0164 -0.0049 0.0061  27  LYS A C   
333 C C   B LYS A 27 ? 0.0806 0.0487 0.0846 -0.0231 0.0028  -0.0039 27  LYS A C   
334 O O   A LYS A 27 ? 0.1067 0.0401 0.1055 -0.0121 0.0021  -0.0017 27  LYS A O   
335 O O   B LYS A 27 ? 0.0829 0.0403 0.0884 -0.0079 0.0090  -0.0058 27  LYS A O   
336 C CB  A LYS A 27 ? 0.1452 0.1541 0.1934 0.0157  -0.0092 0.0418  27  LYS A CB  
337 C CB  B LYS A 27 ? 0.0858 0.0951 0.1273 -0.0262 0.0170  0.0304  27  LYS A CB  
338 C CG  A LYS A 27 ? 0.1660 0.1622 0.2254 0.0123  -0.0050 0.0325  27  LYS A CG  
339 C CG  B LYS A 27 ? 0.0977 0.1453 0.1289 -0.0134 -0.0044 0.0362  27  LYS A CG  
340 C CD  A LYS A 27 ? 0.1908 0.1482 0.2555 0.0127  -0.0119 0.0256  27  LYS A CD  
341 C CD  B LYS A 27 ? 0.1119 0.1916 0.1139 -0.0137 -0.0304 0.0497  27  LYS A CD  
342 C CE  A LYS A 27 ? 0.2136 0.1861 0.2639 0.0167  -0.0120 0.0210  27  LYS A CE  
343 C CE  B LYS A 27 ? 0.1287 0.2369 0.0733 -0.0151 -0.0373 0.0686  27  LYS A CE  
344 N NZ  A LYS A 27 ? 0.2387 0.2101 0.2790 0.0195  -0.0151 0.0254  27  LYS A NZ  
345 N NZ  B LYS A 27 ? 0.1496 0.2698 0.0854 -0.0204 -0.0334 0.0864  27  LYS A NZ  
346 N N   . VAL A 28 ? 0.0899 0.0589 0.1219 -0.0133 0.0045  -0.0050 28  VAL A N   
347 C CA  . VAL A 28 ? 0.0989 0.0720 0.1485 -0.0077 -0.0135 -0.0142 28  VAL A CA  
348 C C   . VAL A 28 ? 0.0888 0.0568 0.1439 0.0016  -0.0062 -0.0263 28  VAL A C   
349 O O   . VAL A 28 ? 0.1019 0.0643 0.1605 0.0055  -0.0023 -0.0311 28  VAL A O   
350 C CB  . VAL A 28 ? 0.1258 0.0924 0.1653 0.0038  -0.0226 -0.0119 28  VAL A CB  
351 C CG1 . VAL A 28 ? 0.1344 0.1121 0.2118 0.0060  -0.0394 0.0056  28  VAL A CG1 
352 C CG2 . VAL A 28 ? 0.1581 0.1031 0.1738 0.0121  -0.0060 -0.0034 28  VAL A CG2 
353 N N   . TRP A 29 ? 0.0885 0.0636 0.1501 -0.0101 0.0103  -0.0238 29  TRP A N   
354 C CA  . TRP A 29 ? 0.1064 0.0750 0.1672 0.0065  0.0054  -0.0030 29  TRP A CA  
355 C C   . TRP A 29 ? 0.1042 0.0558 0.1805 -0.0033 0.0070  -0.0192 29  TRP A C   
356 O O   . TRP A 29 ? 0.0978 0.0656 0.1958 0.0005  0.0044  -0.0159 29  TRP A O   
357 C CB  . TRP A 29 ? 0.1153 0.0703 0.1694 0.0168  0.0024  -0.0081 29  TRP A CB  
358 C CG  . TRP A 29 ? 0.1163 0.0847 0.1565 -0.0070 0.0078  0.0078  29  TRP A CG  
359 C CD1 . TRP A 29 ? 0.1371 0.1130 0.1705 -0.0145 0.0102  0.0016  29  TRP A CD1 
360 C CD2 . TRP A 29 ? 0.1303 0.0821 0.1577 -0.0066 -0.0047 0.0099  29  TRP A CD2 
361 N NE1 . TRP A 29 ? 0.1502 0.1282 0.1579 -0.0191 0.0046  0.0106  29  TRP A NE1 
362 C CE2 . TRP A 29 ? 0.1445 0.1083 0.1542 -0.0048 -0.0103 0.0005  29  TRP A CE2 
363 C CE3 . TRP A 29 ? 0.1300 0.1030 0.1735 -0.0097 -0.0112 -0.0049 29  TRP A CE3 
364 C CZ2 . TRP A 29 ? 0.1614 0.1281 0.1650 -0.0003 -0.0108 -0.0069 29  TRP A CZ2 
365 C CZ3 . TRP A 29 ? 0.1485 0.1339 0.1742 -0.0035 -0.0145 -0.0101 29  TRP A CZ3 
366 C CH2 . TRP A 29 ? 0.1566 0.1542 0.1676 -0.0083 -0.0230 -0.0068 29  TRP A CH2 
367 N N   . ARG A 30 ? 0.1059 0.0790 0.2073 0.0017  0.0249  -0.0239 30  ARG A N   
368 C CA  A ARG A 30 ? 0.1211 0.1059 0.2239 0.0089  0.0270  -0.0290 30  ARG A CA  
369 C CA  B ARG A 30 ? 0.1154 0.0930 0.2194 0.0044  0.0282  -0.0289 30  ARG A CA  
370 C C   . ARG A 30 ? 0.1370 0.0847 0.2431 0.0106  0.0393  -0.0183 30  ARG A C   
371 O O   . ARG A 30 ? 0.1679 0.1074 0.2579 -0.0004 0.0477  -0.0049 30  ARG A O   
372 C CB  A ARG A 30 ? 0.1449 0.1669 0.2538 0.0072  0.0127  -0.0445 30  ARG A CB  
373 C CB  B ARG A 30 ? 0.1396 0.1361 0.2544 -0.0107 0.0140  -0.0417 30  ARG A CB  
374 C CG  A ARG A 30 ? 0.1746 0.2395 0.2902 0.0067  0.0032  -0.0355 30  ARG A CG  
375 C CG  B ARG A 30 ? 0.1755 0.1582 0.3079 -0.0057 -0.0001 -0.0451 30  ARG A CG  
376 C CD  A ARG A 30 ? 0.2021 0.2723 0.3177 0.0074  -0.0023 -0.0330 30  ARG A CD  
377 C CD  B ARG A 30 ? 0.2127 0.1893 0.3642 0.0089  0.0038  -0.0606 30  ARG A CD  
378 N NE  A ARG A 30 ? 0.2254 0.3091 0.3291 0.0158  -0.0009 -0.0215 30  ARG A NE  
379 N NE  B ARG A 30 ? 0.2389 0.1954 0.4031 0.0215  0.0162  -0.0776 30  ARG A NE  
380 C CZ  A ARG A 30 ? 0.2480 0.3385 0.3346 0.0277  -0.0042 -0.0115 30  ARG A CZ  
381 C CZ  B ARG A 30 ? 0.2516 0.2367 0.4299 0.0214  0.0189  -0.0717 30  ARG A CZ  
382 N NH1 A ARG A 30 ? 0.2531 0.3420 0.3431 0.0258  -0.0048 -0.0130 30  ARG A NH1 
383 N NH1 B ARG A 30 ? 0.2617 0.2476 0.4396 0.0309  0.0225  -0.0701 30  ARG A NH1 
384 N NH2 A ARG A 30 ? 0.2596 0.3567 0.3304 0.0368  -0.0096 -0.0039 30  ARG A NH2 
385 N NH2 B ARG A 30 ? 0.2502 0.2671 0.4375 0.0156  0.0185  -0.0652 30  ARG A NH2 
386 N N   . ASP A 31 ? 0.1403 0.1145 0.2329 -0.0022 0.0560  -0.0229 31  ASP A N   
387 C CA  . ASP A 31 ? 0.1602 0.1349 0.2265 -0.0064 0.0579  -0.0142 31  ASP A CA  
388 C C   . ASP A 31 ? 0.1585 0.1340 0.2405 -0.0244 0.0619  -0.0238 31  ASP A C   
389 O O   . ASP A 31 ? 0.1421 0.1119 0.2413 -0.0131 0.0470  -0.0250 31  ASP A O   
390 C CB  . ASP A 31 ? 0.1869 0.1532 0.2179 0.0085  0.0401  -0.0021 31  ASP A CB  
391 C CG  . ASP A 31 ? 0.1883 0.1794 0.1892 0.0263  0.0370  -0.0022 31  ASP A CG  
392 O OD1 . ASP A 31 ? 0.1789 0.1597 0.1782 0.0226  0.0481  -0.0192 31  ASP A OD1 
393 O OD2 . ASP A 31 ? 0.2019 0.2208 0.1893 0.0490  0.0123  0.0012  31  ASP A OD2 
394 N N   . HIS A 32 ? 0.1739 0.1519 0.2478 -0.0376 0.0770  -0.0194 32  HIS A N   
395 C CA  . HIS A 32 ? 0.1827 0.1693 0.2661 -0.0413 0.0789  -0.0178 32  HIS A CA  
396 C C   . HIS A 32 ? 0.1524 0.1616 0.2585 -0.0212 0.0715  -0.0314 32  HIS A C   
397 O O   . HIS A 32 ? 0.1379 0.1698 0.3057 -0.0187 0.0604  -0.0563 32  HIS A O   
398 C CB  . HIS A 32 ? 0.2158 0.2172 0.2616 -0.0587 0.0898  0.0005  32  HIS A CB  
399 C CG  . HIS A 32 ? 0.2581 0.2470 0.2826 -0.0748 0.0852  0.0127  32  HIS A CG  
400 N ND1 . HIS A 32 ? 0.2844 0.2991 0.2760 -0.0647 0.0904  0.0290  32  HIS A ND1 
401 C CD2 . HIS A 32 ? 0.2839 0.2794 0.3096 -0.0748 0.0700  0.0100  32  HIS A CD2 
402 C CE1 . HIS A 32 ? 0.2895 0.2978 0.2884 -0.0694 0.0735  0.0196  32  HIS A CE1 
403 N NE2 . HIS A 32 ? 0.2939 0.3044 0.3086 -0.0801 0.0697  0.0132  32  HIS A NE2 
404 N N   . ARG A 33 ? 0.1328 0.1361 0.2084 -0.0124 0.0590  -0.0313 33  ARG A N   
405 C CA  . ARG A 33 ? 0.1187 0.1281 0.1910 -0.0194 0.0442  -0.0355 33  ARG A CA  
406 C C   . ARG A 33 ? 0.1164 0.1251 0.1876 -0.0069 0.0476  -0.0181 33  ARG A C   
407 O O   . ARG A 33 ? 0.1376 0.1240 0.2090 -0.0220 0.0533  -0.0274 33  ARG A O   
408 C CB  . ARG A 33 ? 0.1175 0.1599 0.1706 -0.0122 0.0406  -0.0188 33  ARG A CB  
409 C CG  . ARG A 33 ? 0.1283 0.1942 0.1590 -0.0051 0.0307  -0.0216 33  ARG A CG  
410 C CD  . ARG A 33 ? 0.1462 0.2068 0.1733 0.0217  0.0245  -0.0344 33  ARG A CD  
411 N NE  . ARG A 33 ? 0.1505 0.2368 0.1545 0.0376  0.0346  -0.0273 33  ARG A NE  
412 C CZ  . ARG A 33 ? 0.1622 0.2554 0.1724 0.0411  0.0035  -0.0428 33  ARG A CZ  
413 N NH1 . ARG A 33 ? 0.1708 0.2730 0.1669 0.0328  -0.0078 -0.0495 33  ARG A NH1 
414 N NH2 . ARG A 33 ? 0.1804 0.2765 0.2009 0.0639  0.0050  -0.0419 33  ARG A NH2 
415 N N   . GLY A 34 ? 0.1185 0.1449 0.1715 0.0061  0.0203  -0.0225 34  GLY A N   
416 C CA  . GLY A 34 ? 0.1256 0.1243 0.1634 0.0141  0.0102  -0.0200 34  GLY A CA  
417 C C   . GLY A 34 ? 0.1235 0.0913 0.1672 0.0196  0.0094  -0.0269 34  GLY A C   
418 O O   . GLY A 34 ? 0.1413 0.1374 0.1741 0.0366  0.0216  0.0006  34  GLY A O   
419 N N   . THR A 35 ? 0.0967 0.1056 0.1583 -0.0016 0.0095  -0.0206 35  THR A N   
420 C CA  . THR A 35 ? 0.1040 0.0944 0.1426 0.0070  0.0036  -0.0249 35  THR A CA  
421 C C   . THR A 35 ? 0.0965 0.0748 0.1307 0.0045  0.0070  -0.0086 35  THR A C   
422 O O   . THR A 35 ? 0.1102 0.0754 0.1313 0.0016  -0.0110 -0.0125 35  THR A O   
423 C CB  . THR A 35 ? 0.1342 0.1250 0.1518 0.0048  -0.0065 -0.0341 35  THR A CB  
424 O OG1 . THR A 35 ? 0.1624 0.1631 0.2027 -0.0159 -0.0268 -0.0630 35  THR A OG1 
425 C CG2 . THR A 35 ? 0.1504 0.1497 0.1368 0.0257  0.0090  -0.0343 35  THR A CG2 
426 N N   . ILE A 36 ? 0.0850 0.0693 0.1350 -0.0034 0.0014  -0.0058 36  ILE A N   
427 C CA  . ILE A 36 ? 0.1013 0.0823 0.0926 -0.0065 0.0043  -0.0065 36  ILE A CA  
428 C C   . ILE A 36 ? 0.0940 0.0403 0.1017 -0.0022 -0.0166 -0.0021 36  ILE A C   
429 O O   . ILE A 36 ? 0.0951 0.0587 0.1422 -0.0096 0.0009  -0.0075 36  ILE A O   
430 C CB  . ILE A 36 ? 0.1238 0.1565 0.1094 -0.0057 0.0143  0.0149  36  ILE A CB  
431 C CG1 . ILE A 36 ? 0.1527 0.2087 0.1535 0.0196  0.0155  0.0362  36  ILE A CG1 
432 C CG2 . ILE A 36 ? 0.1497 0.1957 0.1068 -0.0170 0.0028  -0.0038 36  ILE A CG2 
433 C CD1 . ILE A 36 ? 0.1820 0.2284 0.1976 0.0529  0.0362  0.0639  36  ILE A CD1 
434 N N   . ILE A 37 ? 0.0902 0.0557 0.0751 0.0037  -0.0033 0.0031  37  ILE A N   
435 C CA  . ILE A 37 ? 0.0947 0.0614 0.0660 -0.0076 -0.0100 -0.0059 37  ILE A CA  
436 C C   . ILE A 37 ? 0.0939 0.0516 0.0733 -0.0007 0.0049  0.0043  37  ILE A C   
437 O O   . ILE A 37 ? 0.1107 0.0523 0.0852 0.0071  -0.0044 -0.0049 37  ILE A O   
438 C CB  . ILE A 37 ? 0.1016 0.0583 0.0816 -0.0097 -0.0077 -0.0086 37  ILE A CB  
439 C CG1 . ILE A 37 ? 0.1246 0.0793 0.0797 -0.0061 -0.0247 -0.0027 37  ILE A CG1 
440 C CG2 . ILE A 37 ? 0.1173 0.0780 0.0858 0.0012  0.0183  -0.0061 37  ILE A CG2 
441 C CD1 . ILE A 37 ? 0.1476 0.1138 0.0787 0.0023  -0.0223 0.0135  37  ILE A CD1 
442 N N   A GLU A 38 ? 0.0871 0.0475 0.0780 -0.0049 0.0001  0.0041  38  GLU A N   
443 N N   B GLU A 38 ? 0.0879 0.0581 0.0634 -0.0043 -0.0037 0.0071  38  GLU A N   
444 C CA  A GLU A 38 ? 0.0938 0.0742 0.0951 -0.0114 -0.0001 -0.0017 38  GLU A CA  
445 C CA  B GLU A 38 ? 0.0914 0.0833 0.0619 -0.0058 -0.0074 0.0042  38  GLU A CA  
446 C C   A GLU A 38 ? 0.0906 0.0520 0.0963 0.0058  -0.0098 -0.0172 38  GLU A C   
447 C C   B GLU A 38 ? 0.0845 0.0637 0.0610 -0.0021 -0.0129 -0.0071 38  GLU A C   
448 O O   A GLU A 38 ? 0.0979 0.0620 0.0929 -0.0041 -0.0031 -0.0040 38  GLU A O   
449 O O   B GLU A 38 ? 0.0854 0.0641 0.0534 -0.0201 -0.0147 -0.0005 38  GLU A O   
450 C CB  A GLU A 38 ? 0.1215 0.1203 0.1111 -0.0026 0.0007  0.0179  38  GLU A CB  
451 C CB  B GLU A 38 ? 0.1078 0.1348 0.0595 0.0013  -0.0093 0.0244  38  GLU A CB  
452 C CG  A GLU A 38 ? 0.1630 0.1519 0.1599 0.0047  -0.0023 0.0165  38  GLU A CG  
453 C CG  B GLU A 38 ? 0.1450 0.1622 0.1239 -0.0031 -0.0265 0.0135  38  GLU A CG  
454 C CD  A GLU A 38 ? 0.1755 0.1874 0.1610 0.0018  0.0187  0.0406  38  GLU A CD  
455 C CD  B GLU A 38 ? 0.1713 0.1934 0.1542 -0.0165 -0.0342 0.0121  38  GLU A CD  
456 O OE1 A GLU A 38 ? 0.1941 0.1912 0.1601 0.0245  0.0317  0.0518  38  GLU A OE1 
457 O OE1 B GLU A 38 ? 0.1892 0.1854 0.1607 -0.0218 -0.0429 0.0089  38  GLU A OE1 
458 O OE2 A GLU A 38 ? 0.1812 0.2014 0.1517 0.0001  0.0244  0.0477  38  GLU A OE2 
459 O OE2 B GLU A 38 ? 0.1877 0.2296 0.1767 -0.0098 -0.0344 0.0106  38  GLU A OE2 
460 N N   . ARG A 39 ? 0.0771 0.0650 0.0897 -0.0097 -0.0032 -0.0047 39  ARG A N   
461 C CA  . ARG A 39 ? 0.0857 0.0697 0.0802 -0.0098 -0.0076 -0.0057 39  ARG A CA  
462 C C   . ARG A 39 ? 0.0908 0.0689 0.1031 0.0022  -0.0009 -0.0234 39  ARG A C   
463 O O   . ARG A 39 ? 0.1049 0.0671 0.1172 0.0050  -0.0141 -0.0312 39  ARG A O   
464 C CB  . ARG A 39 ? 0.0931 0.0648 0.0835 -0.0022 0.0001  -0.0052 39  ARG A CB  
465 C CG  . ARG A 39 ? 0.1004 0.0675 0.0798 -0.0076 0.0041  0.0024  39  ARG A CG  
466 C CD  . ARG A 39 ? 0.1048 0.0801 0.0872 -0.0070 0.0077  -0.0014 39  ARG A CD  
467 N NE  . ARG A 39 ? 0.0973 0.0558 0.0900 -0.0086 0.0075  -0.0073 39  ARG A NE  
468 C CZ  . ARG A 39 ? 0.0944 0.0636 0.0794 -0.0100 0.0048  -0.0040 39  ARG A CZ  
469 N NH1 . ARG A 39 ? 0.1053 0.0622 0.0738 -0.0108 0.0145  -0.0155 39  ARG A NH1 
470 N NH2 . ARG A 39 ? 0.1040 0.0929 0.0812 -0.0084 -0.0107 0.0021  39  ARG A NH2 
471 N N   . GLY A 40 ? 0.0810 0.0573 0.1184 -0.0020 -0.0117 -0.0194 40  GLY A N   
472 C CA  . GLY A 40 ? 0.0904 0.0555 0.1459 0.0057  -0.0147 -0.0311 40  GLY A CA  
473 C C   . GLY A 40 ? 0.1023 0.0631 0.1574 0.0011  -0.0121 -0.0217 40  GLY A C   
474 O O   . GLY A 40 ? 0.0901 0.0669 0.1669 -0.0103 -0.0021 -0.0190 40  GLY A O   
475 N N   . CYS A 41 ? 0.0918 0.0728 0.1997 0.0153  -0.0295 -0.0276 41  CYS A N   
476 C CA  A CYS A 41 ? 0.0930 0.0572 0.2305 0.0111  -0.0376 -0.0337 41  CYS A CA  
477 C CA  B CYS A 41 ? 0.1097 0.0895 0.2242 0.0110  -0.0269 -0.0245 41  CYS A CA  
478 C C   . CYS A 41 ? 0.0994 0.0774 0.2244 0.0075  -0.0245 -0.0194 41  CYS A C   
479 O O   . CYS A 41 ? 0.1087 0.0944 0.2349 0.0111  -0.0429 0.0013  41  CYS A O   
480 C CB  A CYS A 41 ? 0.1058 0.0602 0.2626 0.0047  -0.0690 -0.0308 41  CYS A CB  
481 C CB  B CYS A 41 ? 0.1433 0.1269 0.2286 0.0076  -0.0271 -0.0205 41  CYS A CB  
482 S SG  A CYS A 41 ? 0.1372 0.0621 0.3082 -0.0005 -0.0959 -0.0364 41  CYS A SG  
483 S SG  B CYS A 41 ? 0.1738 0.1308 0.2305 0.0024  -0.0297 -0.0161 41  CYS A SG  
484 N N   A GLY A 42 ? 0.1123 0.0796 0.2561 0.0104  -0.0110 -0.0276 42  GLY A N   
485 N N   B GLY A 42 ? 0.1072 0.0748 0.2545 0.0050  -0.0113 -0.0299 42  GLY A N   
486 C CA  A GLY A 42 ? 0.1130 0.0720 0.2448 0.0025  -0.0090 -0.0185 42  GLY A CA  
487 C CA  B GLY A 42 ? 0.1097 0.0586 0.2410 -0.0020 -0.0068 -0.0237 42  GLY A CA  
488 C C   A GLY A 42 ? 0.1065 0.0635 0.2070 0.0043  0.0071  -0.0125 42  GLY A C   
489 C C   B GLY A 42 ? 0.1047 0.0481 0.1964 0.0067  0.0137  -0.0186 42  GLY A C   
490 O O   A GLY A 42 ? 0.1220 0.0759 0.2062 -0.0024 0.0047  -0.0025 42  GLY A O   
491 O O   B GLY A 42 ? 0.1208 0.0456 0.1851 0.0066  0.0208  -0.0103 42  GLY A O   
492 N N   . CYS A 43 ? 0.1093 0.0616 0.1890 -0.0041 0.0006  -0.0062 43  CYS A N   
493 C CA  . CYS A 43 ? 0.1201 0.0707 0.1639 -0.0144 0.0208  -0.0094 43  CYS A CA  
494 C C   . CYS A 43 ? 0.1143 0.0888 0.1353 -0.0114 0.0059  0.0055  43  CYS A C   
495 O O   . CYS A 43 ? 0.1052 0.0852 0.1872 0.0028  -0.0091 0.0153  43  CYS A O   
496 C CB  . CYS A 43 ? 0.1382 0.1074 0.1935 -0.0217 0.0356  -0.0112 43  CYS A CB  
497 S SG  . CYS A 43 ? 0.1618 0.1010 0.1872 -0.0147 0.0482  -0.0150 43  CYS A SG  
498 N N   . PRO A 44 ? 0.1049 0.0729 0.0974 -0.0033 0.0062  0.0044  44  PRO A N   
499 C CA  . PRO A 44 ? 0.1058 0.0703 0.1015 0.0003  0.0151  0.0015  44  PRO A CA  
500 C C   . PRO A 44 ? 0.0934 0.0746 0.0849 0.0034  0.0057  0.0092  44  PRO A C   
501 O O   . PRO A 44 ? 0.1019 0.0774 0.0815 0.0029  0.0068  0.0135  44  PRO A O   
502 C CB  . PRO A 44 ? 0.1160 0.0950 0.1040 0.0164  0.0126  -0.0013 44  PRO A CB  
503 C CG  . PRO A 44 ? 0.1139 0.0949 0.1267 0.0181  0.0277  0.0104  44  PRO A CG  
504 C CD  . PRO A 44 ? 0.1136 0.0921 0.1164 0.0076  0.0081  0.0086  44  PRO A CD  
505 N N   . THR A 45 ? 0.0970 0.0790 0.0855 -0.0077 -0.0056 0.0149  45  THR A N   
506 C CA  . THR A 45 ? 0.0965 0.0711 0.0899 -0.0088 -0.0160 0.0035  45  THR A CA  
507 C C   . THR A 45 ? 0.0927 0.0700 0.0798 0.0045  0.0044  0.0009  45  THR A C   
508 O O   . THR A 45 ? 0.0946 0.0847 0.0944 0.0075  -0.0032 0.0019  45  THR A O   
509 C CB  . THR A 45 ? 0.1109 0.1031 0.0889 -0.0024 -0.0085 0.0255  45  THR A CB  
510 O OG1 . THR A 45 ? 0.1353 0.1048 0.1010 -0.0118 0.0119  0.0193  45  THR A OG1 
511 C CG2 . THR A 45 ? 0.1186 0.1058 0.1085 0.0125  -0.0273 0.0158  45  THR A CG2 
512 N N   . VAL A 46 ? 0.0888 0.0867 0.0783 -0.0122 0.0051  -0.0089 46  VAL A N   
513 C CA  . VAL A 46 ? 0.1064 0.0897 0.0969 -0.0143 -0.0164 0.0003  46  VAL A CA  
514 C C   . VAL A 46 ? 0.0958 0.0836 0.1201 -0.0057 -0.0075 0.0111  46  VAL A C   
515 O O   . VAL A 46 ? 0.1158 0.0935 0.1834 0.0034  0.0034  0.0341  46  VAL A O   
516 C CB  . VAL A 46 ? 0.1281 0.1414 0.0916 -0.0027 -0.0198 -0.0149 46  VAL A CB  
517 C CG1 . VAL A 46 ? 0.1380 0.1476 0.1433 0.0044  -0.0254 -0.0397 46  VAL A CG1 
518 C CG2 . VAL A 46 ? 0.1424 0.1524 0.1000 0.0028  0.0014  -0.0030 46  VAL A CG2 
519 N N   A LYS A 47 ? 0.0887 0.0867 0.1065 -0.0147 0.0013  -0.0042 47  LYS A N   
520 N N   D LYS A 47 ? 0.0993 0.0888 0.1385 -0.0174 0.0026  -0.0001 47  LYS A N   
521 C CA  A LYS A 47 ? 0.0964 0.1150 0.1069 -0.0105 0.0049  0.0023  47  LYS A CA  
522 C CA  D LYS A 47 ? 0.1100 0.1161 0.1623 -0.0193 0.0119  -0.0009 47  LYS A CA  
523 C C   A LYS A 47 ? 0.1003 0.0886 0.1230 -0.0151 0.0080  0.0023  47  LYS A C   
524 C C   D LYS A 47 ? 0.0983 0.0793 0.1608 -0.0202 0.0061  -0.0044 47  LYS A C   
525 O O   A LYS A 47 ? 0.1072 0.0778 0.0846 -0.0005 0.0069  0.0049  47  LYS A O   
526 O O   D LYS A 47 ? 0.0880 0.0635 0.1523 -0.0192 0.0003  -0.0085 47  LYS A O   
527 C CB  A LYS A 47 ? 0.1024 0.1390 0.1077 -0.0175 -0.0050 0.0021  47  LYS A CB  
528 C CB  D LYS A 47 ? 0.1358 0.1650 0.1909 -0.0273 0.0181  0.0039  47  LYS A CB  
529 C CG  A LYS A 47 ? 0.1213 0.1514 0.1459 -0.0287 -0.0103 -0.0042 47  LYS A CG  
530 C CG  D LYS A 47 ? 0.1609 0.1916 0.2271 -0.0300 0.0176  0.0047  47  LYS A CG  
531 C CD  A LYS A 47 ? 0.1618 0.2208 0.1949 -0.0176 -0.0194 0.0142  47  LYS A CD  
532 C CD  D LYS A 47 ? 0.1832 0.2131 0.2660 -0.0226 0.0080  0.0040  47  LYS A CD  
533 C CE  A LYS A 47 ? 0.1986 0.2824 0.2478 -0.0030 -0.0200 0.0254  47  LYS A CE  
534 C CE  D LYS A 47 ? 0.1971 0.2314 0.2841 -0.0189 0.0078  0.0027  47  LYS A CE  
535 N NZ  A LYS A 47 ? 0.2174 0.3169 0.2968 -0.0058 -0.0286 0.0163  47  LYS A NZ  
536 N NZ  D LYS A 47 ? 0.2046 0.2461 0.3045 -0.0190 0.0037  0.0015  47  LYS A NZ  
537 N N   . PRO A 48 ? 0.1009 0.0727 0.1505 -0.0176 0.0002  0.0083  48  PRO A N   
538 C CA  . PRO A 48 ? 0.1070 0.0766 0.1521 -0.0243 -0.0031 -0.0056 48  PRO A CA  
539 C C   . PRO A 48 ? 0.1150 0.1029 0.1287 -0.0149 0.0139  -0.0044 48  PRO A C   
540 O O   . PRO A 48 ? 0.1310 0.1188 0.1478 0.0041  0.0165  -0.0080 48  PRO A O   
541 C CB  . PRO A 48 ? 0.1348 0.0818 0.1788 -0.0270 -0.0115 0.0066  48  PRO A CB  
542 C CG  . PRO A 48 ? 0.1448 0.1189 0.2452 -0.0366 -0.0156 0.0075  48  PRO A CG  
543 C CD  . PRO A 48 ? 0.1167 0.0893 0.2045 -0.0340 -0.0013 0.0144  48  PRO A CD  
544 N N   . GLY A 49 ? 0.1100 0.0912 0.1739 0.0035  -0.0100 -0.0004 49  GLY A N   
545 C CA  . GLY A 49 ? 0.1149 0.0827 0.2059 0.0125  -0.0150 -0.0094 49  GLY A CA  
546 C C   . GLY A 49 ? 0.1177 0.0892 0.1815 0.0059  -0.0093 -0.0212 49  GLY A C   
547 O O   . GLY A 49 ? 0.1272 0.1145 0.2181 0.0220  0.0022  -0.0186 49  GLY A O   
548 N N   . ILE A 50 ? 0.1121 0.0865 0.1276 -0.0011 -0.0077 -0.0280 50  ILE A N   
549 C CA  . ILE A 50 ? 0.1276 0.0887 0.1096 0.0070  -0.0029 -0.0129 50  ILE A CA  
550 C C   . ILE A 50 ? 0.1335 0.0824 0.1000 0.0123  -0.0070 -0.0067 50  ILE A C   
551 O O   . ILE A 50 ? 0.1633 0.0842 0.1256 0.0286  0.0123  -0.0069 50  ILE A O   
552 C CB  . ILE A 50 ? 0.1365 0.1128 0.0950 0.0054  0.0064  -0.0047 50  ILE A CB  
553 C CG1 . ILE A 50 ? 0.1600 0.1745 0.1129 0.0135  -0.0028 0.0068  50  ILE A CG1 
554 C CG2 . ILE A 50 ? 0.1478 0.0925 0.1331 0.0032  -0.0094 -0.0085 50  ILE A CG2 
555 C CD1 . ILE A 50 ? 0.1685 0.2171 0.1345 0.0293  0.0060  0.0111  50  ILE A CD1 
556 N N   . LYS A 51 ? 0.1338 0.0828 0.0866 -0.0056 -0.0174 -0.0069 51  LYS A N   
557 C CA  . LYS A 51 ? 0.1420 0.0709 0.0938 -0.0192 -0.0283 -0.0113 51  LYS A CA  
558 C C   . LYS A 51 ? 0.1395 0.0640 0.0916 -0.0122 -0.0102 -0.0250 51  LYS A C   
559 O O   . LYS A 51 ? 0.1447 0.0920 0.1478 -0.0078 -0.0010 -0.0570 51  LYS A O   
560 C CB  . LYS A 51 ? 0.1725 0.1315 0.1191 -0.0213 -0.0297 -0.0014 51  LYS A CB  
561 C CG  . LYS A 51 ? 0.2159 0.2149 0.1383 -0.0270 -0.0347 0.0262  51  LYS A CG  
562 C CD  . LYS A 51 ? 0.2563 0.3148 0.2067 -0.0199 -0.0267 0.0348  51  LYS A CD  
563 C CE  . LYS A 51 ? 0.2905 0.3595 0.2801 -0.0067 -0.0207 0.0285  51  LYS A CE  
564 N NZ  . LYS A 51 ? 0.3084 0.3992 0.3251 0.0000  -0.0206 0.0242  51  LYS A NZ  
565 N N   . LEU A 52 ? 0.1337 0.0629 0.0740 -0.0121 -0.0010 -0.0205 52  LEU A N   
566 C CA  . LEU A 52 ? 0.1373 0.0600 0.0744 -0.0043 0.0029  -0.0040 52  LEU A CA  
567 C C   . LEU A 52 ? 0.1564 0.0682 0.0767 0.0083  0.0151  -0.0153 52  LEU A C   
568 O O   . LEU A 52 ? 0.1694 0.0948 0.0910 0.0024  0.0077  -0.0204 52  LEU A O   
569 C CB  . LEU A 52 ? 0.1310 0.0756 0.1025 -0.0216 -0.0052 -0.0002 52  LEU A CB  
570 C CG  . LEU A 52 ? 0.1448 0.1031 0.1023 -0.0154 -0.0107 0.0200  52  LEU A CG  
571 C CD1 . LEU A 52 ? 0.1633 0.1171 0.0912 -0.0307 -0.0118 0.0051  52  LEU A CD1 
572 C CD2 . LEU A 52 ? 0.1518 0.1175 0.1323 0.0078  -0.0310 0.0350  52  LEU A CD2 
573 N N   A ASN A 53 ? 0.1590 0.0696 0.0673 -0.0066 0.0232  0.0053  53  ASN A N   
574 N N   B ASN A 53 ? 0.1599 0.0786 0.0936 0.0001  0.0244  -0.0126 53  ASN A N   
575 C CA  A ASN A 53 ? 0.1756 0.1172 0.0851 -0.0208 0.0400  0.0108  53  ASN A CA  
576 C CA  B ASN A 53 ? 0.1635 0.0947 0.1098 -0.0079 0.0337  -0.0085 53  ASN A CA  
577 C C   A ASN A 53 ? 0.1661 0.0922 0.1142 -0.0302 0.0553  -0.0174 53  ASN A C   
578 C C   B ASN A 53 ? 0.1609 0.0861 0.1168 -0.0165 0.0488  -0.0130 53  ASN A C   
579 O O   A ASN A 53 ? 0.1644 0.1159 0.1422 -0.0183 0.0591  -0.0495 53  ASN A O   
580 O O   B ASN A 53 ? 0.1591 0.0753 0.1114 -0.0142 0.0498  -0.0148 53  ASN A O   
581 C CB  A ASN A 53 ? 0.2061 0.2120 0.1124 -0.0189 0.0297  0.0363  53  ASN A CB  
582 C CB  B ASN A 53 ? 0.1704 0.1228 0.1210 -0.0063 0.0268  -0.0008 53  ASN A CB  
583 C CG  A ASN A 53 ? 0.2338 0.2618 0.1187 0.0029  0.0470  0.0275  53  ASN A CG  
584 C CG  B ASN A 53 ? 0.1761 0.1340 0.1306 -0.0030 0.0230  -0.0021 53  ASN A CG  
585 O OD1 A ASN A 53 ? 0.2449 0.2905 0.1259 0.0220  0.0386  0.0274  53  ASN A OD1 
586 O OD1 B ASN A 53 ? 0.1800 0.1415 0.1421 -0.0012 0.0149  -0.0048 53  ASN A OD1 
587 N ND2 A ASN A 53 ? 0.2516 0.2974 0.1647 0.0030  0.0391  0.0079  53  ASN A ND2 
588 N ND2 B ASN A 53 ? 0.1769 0.1402 0.1310 -0.0050 0.0225  0.0007  53  ASN A ND2 
589 N N   . CYS A 54 ? 0.1594 0.0914 0.1328 -0.0270 0.0659  -0.0172 54  CYS A N   
590 C CA  . CYS A 54 ? 0.1730 0.1010 0.1552 -0.0303 0.0816  -0.0059 54  CYS A CA  
591 C C   . CYS A 54 ? 0.1904 0.1295 0.1852 -0.0438 0.1025  -0.0211 54  CYS A C   
592 O O   . CYS A 54 ? 0.2242 0.1692 0.1808 -0.0587 0.0978  -0.0324 54  CYS A O   
593 C CB  . CYS A 54 ? 0.1758 0.1269 0.1647 -0.0225 0.0599  -0.0005 54  CYS A CB  
594 S SG  . CYS A 54 ? 0.1481 0.1308 0.1563 -0.0269 0.0438  -0.0129 54  CYS A SG  
595 N N   A CYS A 55 ? 0.1866 0.0969 0.1840 -0.0458 0.0881  -0.0328 55  CYS A N   
596 N N   B CYS A 55 ? 0.1846 0.1102 0.1984 -0.0422 0.1110  0.0114  55  CYS A N   
597 C CA  A CYS A 55 ? 0.1814 0.1302 0.1658 -0.0385 0.0663  -0.0297 55  CYS A CA  
598 C CA  B CYS A 55 ? 0.1786 0.1363 0.1987 -0.0252 0.1116  0.0454  55  CYS A CA  
599 C C   A CYS A 55 ? 0.1734 0.1314 0.1489 -0.0357 0.0616  -0.0357 55  CYS A C   
600 C C   B CYS A 55 ? 0.1788 0.1284 0.2447 -0.0235 0.1179  0.0491  55  CYS A C   
601 O O   A CYS A 55 ? 0.1582 0.1307 0.1439 -0.0177 0.0612  -0.0241 55  CYS A O   
602 O O   B CYS A 55 ? 0.1805 0.1311 0.2748 -0.0282 0.1196  0.0502  55  CYS A O   
603 C CB  A CYS A 55 ? 0.1940 0.1614 0.1556 -0.0274 0.0365  -0.0163 55  CYS A CB  
604 C CB  B CYS A 55 ? 0.1838 0.1811 0.1911 -0.0041 0.0800  0.0601  55  CYS A CB  
605 S SG  A CYS A 55 ? 0.2002 0.1653 0.1413 -0.0350 0.0191  -0.0131 55  CYS A SG  
606 S SG  B CYS A 55 ? 0.1824 0.1899 0.1866 0.0054  0.0587  0.0779  55  CYS A SG  
607 N N   A THR A 56 ? 0.1781 0.1596 0.1347 -0.0529 0.0625  -0.0319 56  THR A N   
608 N N   B THR A 56 ? 0.1777 0.1423 0.2756 -0.0129 0.1189  0.0503  56  THR A N   
609 C CA  A THR A 56 ? 0.1890 0.1818 0.1611 -0.0565 0.0799  -0.0252 56  THR A CA  
610 C CA  B THR A 56 ? 0.1851 0.1524 0.2947 0.0046  0.1204  0.0542  56  THR A CA  
611 C C   A THR A 56 ? 0.2055 0.1909 0.1933 -0.0730 0.0880  -0.0167 56  THR A C   
612 C C   B THR A 56 ? 0.1876 0.1450 0.3080 0.0098  0.1170  0.0644  56  THR A C   
613 O O   A THR A 56 ? 0.2131 0.2004 0.2178 -0.0887 0.1017  -0.0055 56  THR A O   
614 O O   B THR A 56 ? 0.1926 0.1410 0.3150 0.0043  0.1042  0.0614  56  THR A O   
615 C CB  A THR A 56 ? 0.2008 0.1790 0.1618 -0.0328 0.0751  -0.0354 56  THR A CB  
616 C CB  B THR A 56 ? 0.2004 0.1870 0.2944 0.0173  0.1179  0.0520  56  THR A CB  
617 O OG1 A THR A 56 ? 0.2066 0.1939 0.1614 -0.0237 0.0730  -0.0364 56  THR A OG1 
618 O OG1 B THR A 56 ? 0.2171 0.2135 0.3015 0.0212  0.1147  0.0520  56  THR A OG1 
619 C CG2 A THR A 56 ? 0.1938 0.1780 0.1589 -0.0306 0.0782  -0.0327 56  THR A CG2 
620 C CG2 B THR A 56 ? 0.1979 0.1780 0.3030 0.0140  0.1162  0.0496  56  THR A CG2 
621 N N   A THR A 57 ? 0.2135 0.1713 0.1875 -0.0689 0.0875  -0.0235 57  THR A N   
622 N N   B THR A 57 ? 0.1824 0.1582 0.3184 -0.0002 0.1280  0.0709  57  THR A N   
623 C CA  A THR A 57 ? 0.2195 0.1577 0.2195 -0.0799 0.0814  -0.0301 57  THR A CA  
624 C CA  B THR A 57 ? 0.1862 0.1662 0.3273 0.0013  0.1230  0.0748  57  THR A CA  
625 C C   A THR A 57 ? 0.2231 0.1568 0.2201 -0.0891 0.0802  -0.0283 57  THR A C   
626 C C   B THR A 57 ? 0.1780 0.1602 0.3337 -0.0027 0.1192  0.0679  57  THR A C   
627 O O   A THR A 57 ? 0.2122 0.1409 0.1987 -0.0926 0.0893  -0.0271 57  THR A O   
628 O O   B THR A 57 ? 0.1831 0.1837 0.3290 0.0054  0.1225  0.0718  57  THR A O   
629 C CB  A THR A 57 ? 0.2181 0.1741 0.2188 -0.0791 0.0881  -0.0194 57  THR A CB  
630 C CB  B THR A 57 ? 0.2020 0.2021 0.3464 0.0124  0.1172  0.0721  57  THR A CB  
631 O OG1 A THR A 57 ? 0.2257 0.1855 0.2180 -0.0634 0.0782  -0.0077 57  THR A OG1 
632 O OG1 B THR A 57 ? 0.2118 0.2440 0.3630 0.0182  0.1081  0.0711  57  THR A OG1 
633 C CG2 A THR A 57 ? 0.2179 0.1743 0.2082 -0.0825 0.1030  -0.0148 57  THR A CG2 
634 C CG2 B THR A 57 ? 0.2068 0.1869 0.3520 0.0106  0.1200  0.0639  57  THR A CG2 
635 N N   A ASP A 58 ? 0.2306 0.1703 0.2423 -0.0945 0.0787  -0.0151 58  ASP A N   
636 N N   B ASP A 58 ? 0.1746 0.1460 0.3540 -0.0055 0.1099  0.0514  58  ASP A N   
637 C CA  A ASP A 58 ? 0.2422 0.1598 0.2713 -0.0933 0.0712  -0.0249 58  ASP A CA  
638 C CA  B ASP A 58 ? 0.1751 0.1370 0.3617 -0.0116 0.0922  0.0391  58  ASP A CA  
639 C C   A ASP A 58 ? 0.2436 0.1511 0.2613 -0.0966 0.0764  -0.0308 58  ASP A C   
640 C C   B ASP A 58 ? 0.1837 0.1580 0.3295 -0.0064 0.0786  0.0547  58  ASP A C   
641 O O   A ASP A 58 ? 0.2448 0.1799 0.2260 -0.0933 0.0873  -0.0103 58  ASP A O   
642 O O   B ASP A 58 ? 0.1743 0.1479 0.3361 -0.0167 0.0770  0.0598  58  ASP A O   
643 C CB  A ASP A 58 ? 0.2413 0.1605 0.2960 -0.1071 0.0644  -0.0184 58  ASP A CB  
644 C CB  B ASP A 58 ? 0.1757 0.1387 0.3846 -0.0211 0.0872  0.0361  58  ASP A CB  
645 C CG  A ASP A 58 ? 0.2376 0.1930 0.3083 -0.1164 0.0670  -0.0022 58  ASP A CG  
646 C CG  B ASP A 58 ? 0.1823 0.1703 0.3944 -0.0244 0.0840  0.0435  58  ASP A CG  
647 O OD1 A ASP A 58 ? 0.2276 0.1916 0.3104 -0.1257 0.0713  0.0024  58  ASP A OD1 
648 O OD1 B ASP A 58 ? 0.1812 0.1537 0.3890 -0.0280 0.0888  0.0549  58  ASP A OD1 
649 O OD2 A ASP A 58 ? 0.2430 0.2349 0.3071 -0.1181 0.0690  0.0182  58  ASP A OD2 
650 O OD2 B ASP A 58 ? 0.1888 0.1939 0.4052 -0.0283 0.0740  0.0436  58  ASP A OD2 
651 N N   A LYS A 59 ? 0.2475 0.1166 0.2648 -0.0890 0.0747  -0.0468 59  LYS A N   
652 N N   B LYS A 59 ? 0.1900 0.1460 0.2950 0.0079  0.0808  0.0558  59  LYS A N   
653 C CA  A LYS A 59 ? 0.2518 0.1354 0.2442 -0.0813 0.0754  -0.0231 59  LYS A CA  
654 C CA  B LYS A 59 ? 0.2010 0.1750 0.2722 0.0098  0.0763  0.0641  59  LYS A CA  
655 C C   A LYS A 59 ? 0.2473 0.1575 0.1697 -0.0556 0.0796  -0.0055 59  LYS A C   
656 C C   B LYS A 59 ? 0.1951 0.1983 0.2389 0.0139  0.0768  0.0787  59  LYS A C   
657 O O   A LYS A 59 ? 0.2541 0.1690 0.1687 -0.0409 0.0850  0.0069  59  LYS A O   
658 O O   B LYS A 59 ? 0.2039 0.2336 0.2266 0.0249  0.0661  0.0840  59  LYS A O   
659 C CB  A LYS A 59 ? 0.2677 0.1586 0.2715 -0.0770 0.0716  -0.0174 59  LYS A CB  
660 C CB  B LYS A 59 ? 0.2227 0.2021 0.2929 0.0070  0.0676  0.0462  59  LYS A CB  
661 C CG  A LYS A 59 ? 0.2805 0.1901 0.2902 -0.0782 0.0696  -0.0068 59  LYS A CG  
662 C CG  B LYS A 59 ? 0.2456 0.2363 0.3065 0.0027  0.0577  0.0314  59  LYS A CG  
663 C CD  A LYS A 59 ? 0.2936 0.2201 0.2953 -0.0744 0.0665  0.0020  59  LYS A CD  
664 C CD  B LYS A 59 ? 0.2661 0.2576 0.3380 -0.0036 0.0409  0.0160  59  LYS A CD  
665 C CE  A LYS A 59 ? 0.2991 0.2425 0.2921 -0.0697 0.0688  0.0048  59  LYS A CE  
666 C CE  B LYS A 59 ? 0.2793 0.2680 0.3603 -0.0077 0.0351  0.0124  59  LYS A CE  
667 N NZ  A LYS A 59 ? 0.3100 0.2757 0.2816 -0.0609 0.0650  0.0094  59  LYS A NZ  
668 N NZ  B LYS A 59 ? 0.2874 0.2651 0.3736 -0.0124 0.0329  0.0057  59  LYS A NZ  
669 N N   A CYS A 60 ? 0.2327 0.1483 0.1336 -0.0543 0.0744  0.0099  60  CYS A N   
670 N N   B CYS A 60 ? 0.1807 0.1691 0.2244 -0.0001 0.0814  0.0685  60  CYS A N   
671 C CA  A CYS A 60 ? 0.2268 0.1651 0.1247 -0.0376 0.0572  0.0019  60  CYS A CA  
672 C CA  B CYS A 60 ? 0.1785 0.1750 0.2047 0.0144  0.0694  0.0642  60  CYS A CA  
673 C C   A CYS A 60 ? 0.2316 0.1730 0.1143 -0.0368 0.0447  -0.0009 60  CYS A C   
674 C C   B CYS A 60 ? 0.1811 0.1686 0.1748 0.0061  0.0505  0.0598  60  CYS A C   
675 O O   A CYS A 60 ? 0.2387 0.2287 0.0818 -0.0291 0.0489  0.0087  60  CYS A O   
676 O O   B CYS A 60 ? 0.1821 0.2141 0.1618 0.0189  0.0529  0.0695  60  CYS A O   
677 C CB  A CYS A 60 ? 0.2177 0.1619 0.1479 -0.0321 0.0449  0.0017  60  CYS A CB  
678 C CB  B CYS A 60 ? 0.1799 0.1609 0.2210 0.0152  0.0651  0.0679  60  CYS A CB  
679 S SG  A CYS A 60 ? 0.2045 0.1428 0.1434 -0.0310 0.0255  -0.0012 60  CYS A SG  
680 S SG  B CYS A 60 ? 0.1777 0.1704 0.2144 0.0116  0.0695  0.0660  60  CYS A SG  
681 N N   A ASN A 61 ? 0.2269 0.1367 0.1034 -0.0419 0.0409  -0.0028 61  ASN A N   
682 N N   B ASN A 61 ? 0.1798 0.1522 0.1415 -0.0187 0.0438  0.0528  61  ASN A N   
683 C CA  A ASN A 61 ? 0.2225 0.1173 0.0975 -0.0325 0.0269  -0.0013 61  ASN A CA  
684 C CA  B ASN A 61 ? 0.1903 0.1238 0.1280 -0.0247 0.0428  0.0333  61  ASN A CA  
685 C C   A ASN A 61 ? 0.2527 0.1448 0.0976 -0.0171 0.0180  0.0359  61  ASN A C   
686 C C   B ASN A 61 ? 0.2345 0.1279 0.1269 -0.0212 0.0237  0.0405  61  ASN A C   
687 O O   A ASN A 61 ? 0.2537 0.1791 0.0937 0.0005  0.0269  0.0248  61  ASN A O   
688 O O   B ASN A 61 ? 0.2248 0.1282 0.1192 -0.0174 0.0095  0.0005  61  ASN A O   
689 C CB  A ASN A 61 ? 0.1893 0.0873 0.1045 -0.0371 0.0252  -0.0022 61  ASN A CB  
690 C CB  B ASN A 61 ? 0.1708 0.0720 0.1515 -0.0191 0.0338  -0.0104 61  ASN A CB  
691 C CG  A ASN A 61 ? 0.1649 0.0691 0.0969 -0.0231 0.0241  0.0091  61  ASN A CG  
692 C CG  B ASN A 61 ? 0.1597 0.0434 0.1648 -0.0102 0.0347  -0.0086 61  ASN A CG  
693 O OD1 A ASN A 61 ? 0.1544 0.0486 0.1017 -0.0165 0.0113  -0.0054 61  ASN A OD1 
694 O OD1 B ASN A 61 ? 0.1576 0.0470 0.1416 -0.0223 0.0388  0.0131  61  ASN A OD1 
695 N ND2 A ASN A 61 ? 0.1436 0.0856 0.0946 -0.0182 0.0474  0.0198  61  ASN A ND2 
696 N ND2 B ASN A 61 ? 0.1438 0.0553 0.1542 -0.0131 0.0367  -0.0220 61  ASN A ND2 
697 N N   . ASN A 62 ? 0.2826 0.1609 0.1729 -0.0205 0.0095  0.0316  62  ASN A N   
698 C CA  A ASN A 62 ? 0.3295 0.1637 0.2167 0.0023  0.0046  0.0413  62  ASN A CA  
699 C CA  B ASN A 62 ? 0.4714 0.2939 0.3065 -0.0171 -0.0500 0.1034  62  ASN A CA  
700 C C   . ASN A 62 ? 0.3643 0.1982 0.2170 0.0360  -0.0079 0.0245  62  ASN A C   
701 O O   . ASN A 62 ? 0.3917 0.2467 0.1833 0.0566  -0.0247 0.0291  62  ASN A O   
702 C CB  A ASN A 62 ? 0.3370 0.1607 0.2534 0.0093  0.0302  0.0543  62  ASN A CB  
703 C CB  B ASN A 62 ? 0.4714 0.3065 0.3250 -0.0126 -0.0421 0.0978  62  ASN A CB  
704 C CG  A ASN A 62 ? 0.3305 0.1491 0.2271 0.0198  0.0630  0.0664  62  ASN A CG  
705 C CG  B ASN A 62 ? 0.4683 0.3150 0.3070 -0.0065 -0.0361 0.1008  62  ASN A CG  
706 O OD1 A ASN A 62 ? 0.3320 0.1350 0.2597 0.0369  0.0837  0.0464  62  ASN A OD1 
707 O OD1 B ASN A 62 ? 0.4652 0.3401 0.3048 -0.0052 -0.0311 0.0935  62  ASN A OD1 
708 N ND2 A ASN A 62 ? 0.3266 0.1466 0.2288 0.0159  0.0690  0.0647  62  ASN A ND2 
709 N ND2 B ASN A 62 ? 0.4691 0.2912 0.2987 -0.0036 -0.0389 0.1060  62  ASN A ND2 
710 O OXT A ASN A 62 ? 0.3673 0.2094 0.2404 0.0211  0.0097  0.0206  62  ASN A OXT 
711 O OXT B ASN A 62 ? 0.5329 0.1874 0.1864 -0.1711 0.1511  -0.1106 62  ASN A OXT 
712 C C1  . MPD B .  ? 0.4746 0.4867 0.6076 0.0531  -0.0513 -0.0382 63  MPD A C1  
713 C C2  . MPD B .  ? 0.4757 0.4983 0.6028 0.0581  -0.0522 -0.0330 63  MPD A C2  
714 O O2  . MPD B .  ? 0.4761 0.5066 0.6122 0.0572  -0.0518 -0.0336 63  MPD A O2  
715 C CM  . MPD B .  ? 0.4760 0.5039 0.6021 0.0559  -0.0486 -0.0334 63  MPD A CM  
716 C C3  . MPD B .  ? 0.4746 0.4971 0.5952 0.0640  -0.0516 -0.0284 63  MPD A C3  
717 C C4  . MPD B .  ? 0.4742 0.4970 0.6032 0.0667  -0.0473 -0.0225 63  MPD A C4  
718 O O4  . MPD B .  ? 0.4754 0.4948 0.6131 0.0743  -0.0408 -0.0275 63  MPD A O4  
719 C C5  . MPD B .  ? 0.4759 0.5101 0.5934 0.0675  -0.0524 -0.0106 63  MPD A C5  
720 C C1  . MPD C .  ? 0.4263 0.1449 0.1023 -0.0759 -0.0190 0.0431  64  MPD A C1  
721 C C2  . MPD C .  ? 0.4479 0.2176 0.1714 -0.0761 -0.0146 0.0267  64  MPD A C2  
722 O O2  . MPD C .  ? 0.4528 0.2959 0.2211 -0.0791 -0.0245 0.0259  64  MPD A O2  
723 C CM  . MPD C .  ? 0.4554 0.2196 0.1856 -0.0842 -0.0068 0.0070  64  MPD A CM  
724 C C3  . MPD C .  ? 0.4674 0.2478 0.1938 -0.0623 -0.0035 0.0292  64  MPD A C3  
725 C C4  . MPD C .  ? 0.4831 0.2156 0.1924 -0.0613 -0.0001 0.0249  64  MPD A C4  
726 O O4  . MPD C .  ? 0.4994 0.1572 0.1503 -0.0672 0.0079  0.0158  64  MPD A O4  
727 C C5  . MPD C .  ? 0.4857 0.2557 0.2119 -0.0637 -0.0053 0.0369  64  MPD A C5  
728 C C1  . MPD D .  ? 0.4971 0.4557 0.4063 -0.0252 0.0033  0.0715  65  MPD A C1  
729 C C2  . MPD D .  ? 0.4984 0.4557 0.4129 -0.0264 0.0015  0.0663  65  MPD A C2  
730 O O2  . MPD D .  ? 0.4957 0.4479 0.3938 -0.0313 0.0042  0.0800  65  MPD A O2  
731 C CM  . MPD D .  ? 0.4979 0.4547 0.4162 -0.0326 0.0025  0.0599  65  MPD A CM  
732 C C3  . MPD D .  ? 0.5047 0.4668 0.4247 -0.0160 0.0045  0.0594  65  MPD A C3  
733 C C4  . MPD D .  ? 0.5140 0.4778 0.4485 -0.0093 0.0052  0.0482  65  MPD A C4  
734 O O4  . MPD D .  ? 0.5210 0.5011 0.4666 -0.0076 0.0048  0.0454  65  MPD A O4  
735 C C5  . MPD D .  ? 0.5166 0.4818 0.4677 -0.0107 0.0051  0.0385  65  MPD A C5  
736 S S   . SO4 E .  ? 0.5661 0.6555 0.5438 0.0573  0.0019  0.0821  66  SO4 A S   
737 O O1  . SO4 E .  ? 0.5662 0.6571 0.5458 0.0548  0.0038  0.0803  66  SO4 A O1  
738 O O2  . SO4 E .  ? 0.5721 0.6628 0.5566 0.0567  0.0016  0.0775  66  SO4 A O2  
739 O O3  . SO4 E .  ? 0.5653 0.6551 0.5446 0.0575  0.0001  0.0801  66  SO4 A O3  
740 O O4  . SO4 E .  ? 0.5661 0.6570 0.5413 0.0564  0.0028  0.0826  66  SO4 A O4  
741 O O   . HOH F .  ? 0.4725 0.6456 0.3726 -0.0606 -0.1978 0.0490  67  HOH A O   
742 O O   . HOH F .  ? 0.3262 0.4615 0.4986 -0.0889 -0.2594 0.0872  68  HOH A O   
743 O O   . HOH F .  ? 0.6480 0.4897 0.2903 -0.1266 -0.0198 -0.1669 69  HOH A O   
744 O O   . HOH F .  ? 0.6661 0.5268 0.6484 0.0265  -0.0025 0.0117  70  HOH A O   
745 O O   . HOH F .  ? 0.3985 0.5921 0.2855 -0.0630 -0.0349 0.0523  71  HOH A O   
746 O O   . HOH F .  ? 0.3675 0.5081 0.4532 -0.1065 0.0491  -0.0361 72  HOH A O   
747 O O   . HOH F .  ? 0.5034 0.5932 0.4929 0.0689  0.2135  0.1178  73  HOH A O   
748 O O   . HOH F .  ? 0.5091 0.5413 0.4229 0.0048  -0.0880 0.0393  74  HOH A O   
749 O O   . HOH F .  ? 0.6285 0.5982 0.5685 0.0655  -0.1066 -0.0057 75  HOH A O   
750 O O   . HOH F .  ? 0.6472 0.5504 0.6325 0.1088  -0.0104 -0.1048 76  HOH A O   
751 O O   . HOH F .  ? 0.5506 0.3466 0.6187 0.0066  -0.1087 -0.0630 77  HOH A O   
752 O O   . HOH F .  ? 0.5921 0.4725 0.5157 0.2069  -0.1666 0.0911  78  HOH A O   
753 O O   . HOH F .  ? 0.5779 0.5668 0.5483 -0.1522 -0.0804 0.0372  79  HOH A O   
754 O O   . HOH F .  ? 0.4473 0.6653 0.4556 -0.0642 -0.0833 -0.0050 80  HOH A O   
755 O O   . HOH F .  ? 0.5102 0.5017 0.5367 0.0691  0.1174  -0.1203 81  HOH A O   
756 O O   . HOH F .  ? 0.4132 0.6977 0.5924 0.0941  0.1189  0.0223  82  HOH A O   
757 O O   . HOH F .  ? 0.6012 0.3458 0.6861 0.1196  0.0180  -0.0029 83  HOH A O   
758 O O   . HOH F .  ? 0.6645 0.4503 0.7094 0.0155  -0.1811 -0.0951 84  HOH A O   
759 O O   . HOH F .  ? 0.6028 0.5994 0.4825 0.0768  0.1547  0.1006  85  HOH A O   
760 O O   . HOH F .  ? 0.6206 0.5792 0.5798 0.0061  -0.0303 0.1148  86  HOH A O   
761 O O   . HOH F .  ? 0.5805 0.6196 0.6126 -0.0437 -0.0995 0.0371  87  HOH A O   
762 O O   . HOH F .  ? 0.1578 0.1102 0.1073 0.0318  -0.0274 -0.0159 88  HOH A O   
763 O O   . HOH F .  ? 0.2518 0.2693 0.3582 0.0070  0.0484  -0.1925 89  HOH A O   
764 O O   . HOH F .  ? 0.6781 0.1568 0.4009 0.1089  -0.4122 -0.1100 90  HOH A O   
765 O O   . HOH F .  ? 0.3411 0.2247 0.2481 -0.0104 -0.0338 -0.0509 91  HOH A O   
766 O O   . HOH F .  ? 0.2806 0.3930 0.2809 -0.0572 0.0336  0.0017  92  HOH A O   
767 O O   . HOH F .  ? 0.5296 0.5970 0.6187 0.0577  0.1276  0.0517  93  HOH A O   
768 O O   . HOH F .  ? 0.6318 0.6753 0.7733 0.1678  -0.0870 -0.0071 94  HOH A O   
769 O O   . HOH F .  ? 0.6255 0.8002 0.6620 0.0382  -0.0159 -0.0625 95  HOH A O   
770 O O   . HOH F .  ? 0.7086 0.5798 0.5279 -0.0390 -0.1282 -0.0143 96  HOH A O   
771 O O   . HOH F .  ? 0.4559 0.3555 0.7873 0.0010  0.1379  -0.1735 97  HOH A O   
772 O O   . HOH F .  ? 0.3938 0.5203 0.2551 0.0417  -0.0520 0.0762  98  HOH A O   
773 O O   . HOH F .  ? 0.1338 0.0929 0.1542 -0.0017 0.0033  -0.0365 99  HOH A O   
774 O O   . HOH F .  ? 0.2050 0.1712 0.1493 -0.0643 0.0147  -0.0553 100 HOH A O   
775 O O   . HOH F .  ? 0.1292 0.1693 0.1129 -0.0127 -0.0093 -0.0006 101 HOH A O   
776 O O   . HOH F .  ? 0.1108 0.0794 0.0933 -0.0084 -0.0054 0.0051  102 HOH A O   
777 O O   . HOH F .  ? 0.1353 0.1341 0.1529 0.0374  0.0035  0.0037  103 HOH A O   
778 O O   . HOH F .  ? 0.6537 0.2690 0.1931 0.1167  -0.1299 -0.0158 104 HOH A O   
779 O O   . HOH F .  ? 0.1358 0.0774 0.1516 0.0077  0.0118  0.0147  105 HOH A O   
780 O O   . HOH F .  ? 0.2523 0.1680 0.1787 -0.0327 0.0884  -0.0802 106 HOH A O   
781 O O   . HOH F .  ? 0.4314 0.1377 0.2855 -0.0782 0.0061  -0.0394 107 HOH A O   
782 O O   . HOH F .  ? 0.4116 0.2113 0.4172 -0.0356 0.0640  -0.1319 108 HOH A O   
783 O O   . HOH F .  ? 0.1531 0.0963 0.3314 0.0063  0.0052  -0.0339 109 HOH A O   
784 O O   . HOH F .  ? 0.2140 0.1617 0.1622 0.0369  -0.0178 0.0107  110 HOH A O   
785 O O   . HOH F .  ? 0.1537 0.1021 0.2197 0.0000  -0.0304 -0.0188 111 HOH A O   
786 O O   . HOH F .  ? 0.2414 0.0900 0.1740 -0.0055 0.0006  -0.0323 112 HOH A O   
787 O O   . HOH F .  ? 0.3908 0.4109 0.2896 0.1014  0.0737  0.0173  113 HOH A O   
788 O O   . HOH F .  ? 0.3957 0.2665 0.3751 -0.0890 -0.1235 0.0080  114 HOH A O   
789 O O   . HOH F .  ? 0.5613 0.3220 0.5973 -0.0900 -0.0343 -0.0671 115 HOH A O   
790 O O   . HOH F .  ? 0.4266 0.3716 0.7009 -0.2027 0.2867  -0.1438 116 HOH A O   
791 O O   . HOH F .  ? 0.4834 0.3830 0.1943 0.2120  0.0204  0.0131  117 HOH A O   
792 O O   . HOH F .  ? 0.3523 0.2345 0.2965 -0.0826 0.0617  0.0959  118 HOH A O   
793 O O   . HOH F .  ? 0.5124 0.2141 0.5536 0.0787  -0.1777 -0.0053 119 HOH A O   
794 O O   . HOH F .  ? 0.2963 0.1625 0.8024 -0.0448 0.1222  -0.1395 120 HOH A O   
795 O O   . HOH F .  ? 0.5150 0.6070 0.3134 0.2860  0.0796  0.0695  121 HOH A O   
796 O O   . HOH F .  ? 0.6880 0.4743 0.2936 -0.0258 0.0578  -0.1341 122 HOH A O   
797 O O   . HOH F .  ? 0.4218 0.3561 0.3223 0.1455  -0.0206 0.0510  123 HOH A O   
798 O O   . HOH F .  ? 0.4965 0.3460 0.6287 0.0319  -0.1515 -0.2177 124 HOH A O   
799 O O   . HOH F .  ? 0.4887 0.5363 0.3949 -0.0430 0.0608  -0.2173 125 HOH A O   
800 O O   . HOH F .  ? 0.4862 0.4835 0.5528 0.1799  -0.0320 -0.0477 126 HOH A O   
801 O O   . HOH F .  ? 0.3304 0.3373 0.3470 0.0894  -0.0751 -0.1405 127 HOH A O   
802 O O   . HOH F .  ? 0.5325 0.3041 0.4004 -0.0738 0.1475  -0.0455 128 HOH A O   
803 O O   . HOH F .  ? 0.5377 0.4465 0.3266 -0.0316 0.1975  -0.0021 129 HOH A O   
804 O O   . HOH F .  ? 0.4684 0.2619 0.4808 -0.0499 -0.1263 0.1432  130 HOH A O   
805 O O   . HOH F .  ? 0.2785 0.4073 0.6242 0.0001  -0.1297 0.0408  131 HOH A O   
806 O O   . HOH F .  ? 0.3328 0.5021 0.7122 0.1941  -0.1132 -0.1446 132 HOH A O   
807 O O   . HOH F .  ? 0.4566 0.3978 0.3149 0.1589  0.1326  0.0806  133 HOH A O   
808 O O   . HOH F .  ? 0.3823 0.2524 0.2662 0.0204  -0.0400 -0.0067 134 HOH A O   
809 O O   . HOH F .  ? 0.6644 0.1565 0.3462 -0.0411 0.0014  -0.0179 135 HOH A O   
810 O O   . HOH F .  ? 0.6217 0.5649 0.5421 0.1478  -0.0538 0.0448  136 HOH A O   
811 O O   . HOH F .  ? 0.4555 0.3780 0.2870 -0.0343 -0.0174 0.0346  137 HOH A O   
812 O O   . HOH F .  ? 0.5070 0.4703 0.4029 0.0663  0.1571  -0.0542 138 HOH A O   
813 O O   . HOH F .  ? 0.5804 0.5163 0.4908 0.1426  -0.0680 0.1168  139 HOH A O   
814 O O   . HOH F .  ? 0.3684 0.4113 0.5734 -0.0519 0.0187  -0.1029 140 HOH A O   
815 O O   . HOH F .  ? 0.3669 0.3987 0.3640 -0.1555 0.0301  -0.1357 141 HOH A O   
816 O O   . HOH F .  ? 0.6340 0.5185 0.3520 0.1204  -0.1043 -0.0247 142 HOH A O   
817 O O   . HOH F .  ? 0.4636 0.3067 0.6154 -0.0553 0.0440  -0.1240 143 HOH A O   
818 O O   . HOH F .  ? 0.5712 0.5269 0.6736 -0.2235 -0.0590 -0.0622 144 HOH A O   
819 O O   . HOH F .  ? 0.6441 0.6764 0.5584 0.0559  0.0265  0.0646  145 HOH A O   
820 O O   . HOH F .  ? 0.5609 0.4521 0.6909 0.1454  -0.0215 0.0309  146 HOH A O   
821 O O   . HOH F .  ? 0.4861 0.3237 0.6328 -0.0083 -0.1241 -0.0774 147 HOH A O   
822 O O   . HOH F .  ? 0.2724 0.3767 0.7033 0.0630  0.1601  -0.0162 148 HOH A O   
823 O O   . HOH F .  ? 0.4696 0.4414 0.2775 0.0168  -0.0051 -0.0222 149 HOH A O   
824 O O   . HOH F .  ? 0.5256 0.4214 0.7452 -0.0814 0.1114  -0.0740 150 HOH A O   
825 O O   . HOH F .  ? 0.4428 0.4574 0.6255 -0.0843 -0.0963 -0.0509 151 HOH A O   
826 O O   . HOH F .  ? 0.6946 0.5391 0.2805 -0.1608 -0.0131 -0.0227 152 HOH A O   
827 O O   . HOH F .  ? 0.4936 0.4890 0.7630 -0.1739 0.2151  -0.0663 153 HOH A O   
828 O O   . HOH F .  ? 0.5271 0.4649 0.6839 -0.0702 -0.0939 0.0577  154 HOH A O   
829 O O   . HOH F .  ? 0.5993 0.3965 0.6080 -0.0321 -0.0343 -0.0553 155 HOH A O   
830 O O   . HOH F .  ? 0.6265 0.3638 0.6730 -0.0338 0.0670  -0.0133 156 HOH A O   
831 O O   . HOH F .  ? 0.4142 0.3600 0.6339 -0.0343 -0.1521 0.1302  157 HOH A O   
832 O O   . HOH F .  ? 0.4507 0.5120 0.4580 0.1900  0.0605  -0.0253 158 HOH A O   
833 O O   . HOH F .  ? 0.6084 0.6170 0.6354 -0.0634 -0.0247 0.0333  159 HOH A O   
834 O O   . HOH F .  ? 0.6660 0.6449 0.6152 -0.0679 0.0074  -0.0102 160 HOH A O   
835 O O   . HOH F .  ? 0.4571 0.6610 0.5746 0.1333  -0.0201 0.0054  161 HOH A O   
836 O O   . HOH F .  ? 0.2241 0.1432 0.1660 0.0164  -0.0216 0.0001  162 HOH A O   
# 
